data_9MYG
# 
_entry.id   9MYG 
# 
_audit_conform.dict_name       mmcif_pdbx.dic 
_audit_conform.dict_version    5.407 
_audit_conform.dict_location   http://mmcif.pdb.org/dictionaries/ascii/mmcif_pdbx.dic 
# 
loop_
_database_2.database_id 
_database_2.database_code 
_database_2.pdbx_database_accession 
_database_2.pdbx_DOI 
PDB   9MYG         pdb_00009myg 10.2210/pdb9myg/pdb 
WWPDB D_1000292088 ?            ?                   
EMDB  EMD-48737    ?            ?                   
# 
_pdbx_audit_revision_history.ordinal             1 
_pdbx_audit_revision_history.data_content_type   'Structure model' 
_pdbx_audit_revision_history.major_revision      1 
_pdbx_audit_revision_history.minor_revision      0 
_pdbx_audit_revision_history.revision_date       2025-11-26 
_pdbx_audit_revision_history.part_number         ? 
# 
_pdbx_audit_revision_details.ordinal             1 
_pdbx_audit_revision_details.revision_ordinal    1 
_pdbx_audit_revision_details.data_content_type   'Structure model' 
_pdbx_audit_revision_details.provider            repository 
_pdbx_audit_revision_details.type                'Initial release' 
_pdbx_audit_revision_details.description         ? 
_pdbx_audit_revision_details.details             ? 
# 
_pdbx_database_status.status_code                     REL 
_pdbx_database_status.status_code_sf                  ? 
_pdbx_database_status.status_code_mr                  ? 
_pdbx_database_status.entry_id                        9MYG 
_pdbx_database_status.recvd_initial_deposition_date   2025-01-21 
_pdbx_database_status.SG_entry                        N 
_pdbx_database_status.deposit_site                    RCSB 
_pdbx_database_status.process_site                    RCSB 
_pdbx_database_status.status_code_cs                  ? 
_pdbx_database_status.status_code_nmr_data            ? 
_pdbx_database_status.methods_development_category    ? 
_pdbx_database_status.pdb_format_compatible           Y 
# 
_pdbx_database_related.db_name        EMDB 
_pdbx_database_related.details        'Cryo-EM structure of Natrinema sp. J7-2 Type IV pilus, PilA1' 
_pdbx_database_related.db_id          EMD-48737 
_pdbx_database_related.content_type   'associated EM volume' 
# 
_pdbx_contact_author.id                 2 
_pdbx_contact_author.email              ehe2n@virginia.edu 
_pdbx_contact_author.name_first         Edward 
_pdbx_contact_author.name_last          Egelman 
_pdbx_contact_author.name_mi            H 
_pdbx_contact_author.role               'principal investigator/group leader' 
_pdbx_contact_author.identifier_ORCID   0000-0003-4844-5212 
# 
loop_
_audit_author.name 
_audit_author.pdbx_ordinal 
_audit_author.identifier_ORCID 
'Sonani, R.R.'  1 ? 
'Egelman, E.H.' 2 ? 
# 
_citation.abstract                  ? 
_citation.abstract_id_CAS           ? 
_citation.book_id_ISBN              ? 
_citation.book_publisher            ? 
_citation.book_publisher_city       ? 
_citation.book_title                ? 
_citation.coordinate_linkage        ? 
_citation.country                   US 
_citation.database_id_Medline       ? 
_citation.details                   ? 
_citation.id                        primary 
_citation.journal_abbrev            'Cell Rep' 
_citation.journal_id_ASTM           ? 
_citation.journal_id_CSD            ? 
_citation.journal_id_ISSN           2211-1247 
_citation.journal_full              ? 
_citation.journal_issue             ? 
_citation.journal_volume            44 
_citation.language                  ? 
_citation.page_first                115873 
_citation.page_last                 115873 
_citation.title                     
'A type IV pili-mediated mutualism between two co-resident temperate archaeal viruses and their host.' 
_citation.year                      2025 
_citation.database_id_CSD           ? 
_citation.pdbx_database_id_DOI      10.1016/j.celrep.2025.115873 
_citation.pdbx_database_id_PubMed   40544455 
_citation.pdbx_database_id_patent   ? 
_citation.unpublished_flag          ? 
# 
loop_
_citation_author.citation_id 
_citation_author.name 
_citation_author.ordinal 
_citation_author.identifier_ORCID 
primary 'Xiang, J.'            1  ? 
primary 'Sonani, R.R.'         2  ? 
primary 'Wang, Y.'             3  ? 
primary 'Chen, Z.'             4  ? 
primary 'Xiong, W.'            5  ? 
primary 'Chen, J.'             6  ? 
primary 'Li, S.'               7  ? 
primary 'An, K.'               8  ? 
primary 'Wang, Y.'             9  ? 
primary 'Liu, Y.'              10 ? 
primary 'Kreutzberger, M.A.B.' 11 ? 
primary 'Krupovic, M.'         12 ? 
primary 'Egelman, E.H.'        13 ? 
primary 'Du, S.'               14 ? 
primary 'Chen, X.'             15 ? 
# 
_entity.id                         1 
_entity.type                       polymer 
_entity.src_method                 man 
_entity.pdbx_description           'Archaeal Type IV pilin N-terminal domain-containing protein' 
_entity.formula_weight             15616.163 
_entity.pdbx_number_of_molecules   1 
_entity.pdbx_ec                    ? 
_entity.pdbx_mutation              ? 
_entity.pdbx_fragment              ? 
_entity.details                    ? 
# 
_entity_poly.entity_id                      1 
_entity_poly.type                           'polypeptide(L)' 
_entity_poly.nstd_linkage                   no 
_entity_poly.nstd_monomer                   no 
_entity_poly.pdbx_seq_one_letter_code       
;MDLKALKPKLVGSDNERAVSPVIGVILMVAITVILAAVIAAFVLDLGGSVGQEAQAGVTIEVDESSQEIQVEVTSMGNSD
LVKLGGATDGIASNAGSTISGDHTDMQTGDVVTMDGSSWSSTSGASASGTITAIAVIEEDETETQVASEEYDFS
;
_entity_poly.pdbx_seq_one_letter_code_can   
;MDLKALKPKLVGSDNERAVSPVIGVILMVAITVILAAVIAAFVLDLGGSVGQEAQAGVTIEVDESSQEIQVEVTSMGNSD
LVKLGGATDGIASNAGSTISGDHTDMQTGDVVTMDGSSWSSTSGASASGTITAIAVIEEDETETQVASEEYDFS
;
_entity_poly.pdbx_strand_id                 A 
_entity_poly.pdbx_target_identifier         ? 
# 
loop_
_entity_poly_seq.entity_id 
_entity_poly_seq.num 
_entity_poly_seq.mon_id 
_entity_poly_seq.hetero 
1 1   MET n 
1 2   ASP n 
1 3   LEU n 
1 4   LYS n 
1 5   ALA n 
1 6   LEU n 
1 7   LYS n 
1 8   PRO n 
1 9   LYS n 
1 10  LEU n 
1 11  VAL n 
1 12  GLY n 
1 13  SER n 
1 14  ASP n 
1 15  ASN n 
1 16  GLU n 
1 17  ARG n 
1 18  ALA n 
1 19  VAL n 
1 20  SER n 
1 21  PRO n 
1 22  VAL n 
1 23  ILE n 
1 24  GLY n 
1 25  VAL n 
1 26  ILE n 
1 27  LEU n 
1 28  MET n 
1 29  VAL n 
1 30  ALA n 
1 31  ILE n 
1 32  THR n 
1 33  VAL n 
1 34  ILE n 
1 35  LEU n 
1 36  ALA n 
1 37  ALA n 
1 38  VAL n 
1 39  ILE n 
1 40  ALA n 
1 41  ALA n 
1 42  PHE n 
1 43  VAL n 
1 44  LEU n 
1 45  ASP n 
1 46  LEU n 
1 47  GLY n 
1 48  GLY n 
1 49  SER n 
1 50  VAL n 
1 51  GLY n 
1 52  GLN n 
1 53  GLU n 
1 54  ALA n 
1 55  GLN n 
1 56  ALA n 
1 57  GLY n 
1 58  VAL n 
1 59  THR n 
1 60  ILE n 
1 61  GLU n 
1 62  VAL n 
1 63  ASP n 
1 64  GLU n 
1 65  SER n 
1 66  SER n 
1 67  GLN n 
1 68  GLU n 
1 69  ILE n 
1 70  GLN n 
1 71  VAL n 
1 72  GLU n 
1 73  VAL n 
1 74  THR n 
1 75  SER n 
1 76  MET n 
1 77  GLY n 
1 78  ASN n 
1 79  SER n 
1 80  ASP n 
1 81  LEU n 
1 82  VAL n 
1 83  LYS n 
1 84  LEU n 
1 85  GLY n 
1 86  GLY n 
1 87  ALA n 
1 88  THR n 
1 89  ASP n 
1 90  GLY n 
1 91  ILE n 
1 92  ALA n 
1 93  SER n 
1 94  ASN n 
1 95  ALA n 
1 96  GLY n 
1 97  SER n 
1 98  THR n 
1 99  ILE n 
1 100 SER n 
1 101 GLY n 
1 102 ASP n 
1 103 HIS n 
1 104 THR n 
1 105 ASP n 
1 106 MET n 
1 107 GLN n 
1 108 THR n 
1 109 GLY n 
1 110 ASP n 
1 111 VAL n 
1 112 VAL n 
1 113 THR n 
1 114 MET n 
1 115 ASP n 
1 116 GLY n 
1 117 SER n 
1 118 SER n 
1 119 TRP n 
1 120 SER n 
1 121 SER n 
1 122 THR n 
1 123 SER n 
1 124 GLY n 
1 125 ALA n 
1 126 SER n 
1 127 ALA n 
1 128 SER n 
1 129 GLY n 
1 130 THR n 
1 131 ILE n 
1 132 THR n 
1 133 ALA n 
1 134 ILE n 
1 135 ALA n 
1 136 VAL n 
1 137 ILE n 
1 138 GLU n 
1 139 GLU n 
1 140 ASP n 
1 141 GLU n 
1 142 THR n 
1 143 GLU n 
1 144 THR n 
1 145 GLN n 
1 146 VAL n 
1 147 ALA n 
1 148 SER n 
1 149 GLU n 
1 150 GLU n 
1 151 TYR n 
1 152 ASP n 
1 153 PHE n 
1 154 SER n 
# 
_entity_src_gen.entity_id                          1 
_entity_src_gen.pdbx_src_id                        1 
_entity_src_gen.pdbx_alt_source_flag               sample 
_entity_src_gen.pdbx_seq_type                      'Biological sequence' 
_entity_src_gen.pdbx_beg_seq_num                   1 
_entity_src_gen.pdbx_end_seq_num                   154 
_entity_src_gen.gene_src_common_name               ? 
_entity_src_gen.gene_src_genus                     ? 
_entity_src_gen.pdbx_gene_src_gene                 NJ7G_0728 
_entity_src_gen.gene_src_species                   ? 
_entity_src_gen.gene_src_strain                    ? 
_entity_src_gen.gene_src_tissue                    ? 
_entity_src_gen.gene_src_tissue_fraction           ? 
_entity_src_gen.gene_src_details                   ? 
_entity_src_gen.pdbx_gene_src_fragment             ? 
_entity_src_gen.pdbx_gene_src_scientific_name      'Natrinema sp. J7-2' 
_entity_src_gen.pdbx_gene_src_ncbi_taxonomy_id     406552 
_entity_src_gen.pdbx_gene_src_variant              ? 
_entity_src_gen.pdbx_gene_src_cell_line            ? 
_entity_src_gen.pdbx_gene_src_atcc                 ? 
_entity_src_gen.pdbx_gene_src_organ                ? 
_entity_src_gen.pdbx_gene_src_organelle            ? 
_entity_src_gen.pdbx_gene_src_cell                 ? 
_entity_src_gen.pdbx_gene_src_cellular_location    ? 
_entity_src_gen.host_org_common_name               ? 
_entity_src_gen.pdbx_host_org_scientific_name      'Natrinema sp. J7-2' 
_entity_src_gen.pdbx_host_org_ncbi_taxonomy_id     406552 
_entity_src_gen.host_org_genus                     ? 
_entity_src_gen.pdbx_host_org_gene                 ? 
_entity_src_gen.pdbx_host_org_organ                ? 
_entity_src_gen.host_org_species                   ? 
_entity_src_gen.pdbx_host_org_tissue               ? 
_entity_src_gen.pdbx_host_org_tissue_fraction      ? 
_entity_src_gen.pdbx_host_org_strain               ? 
_entity_src_gen.pdbx_host_org_variant              ? 
_entity_src_gen.pdbx_host_org_cell_line            ? 
_entity_src_gen.pdbx_host_org_atcc                 ? 
_entity_src_gen.pdbx_host_org_culture_collection   ? 
_entity_src_gen.pdbx_host_org_cell                 ? 
_entity_src_gen.pdbx_host_org_organelle            ? 
_entity_src_gen.pdbx_host_org_cellular_location    ? 
_entity_src_gen.pdbx_host_org_vector_type          ? 
_entity_src_gen.pdbx_host_org_vector               ? 
_entity_src_gen.host_org_details                   ? 
_entity_src_gen.expression_system_id               ? 
_entity_src_gen.plasmid_name                       ? 
_entity_src_gen.plasmid_details                    ? 
_entity_src_gen.pdbx_description                   ? 
# 
loop_
_chem_comp.id 
_chem_comp.type 
_chem_comp.mon_nstd_flag 
_chem_comp.name 
_chem_comp.pdbx_synonyms 
_chem_comp.formula 
_chem_comp.formula_weight 
ALA 'L-peptide linking' y ALANINE         ? 'C3 H7 N O2'     89.093  
ARG 'L-peptide linking' y ARGININE        ? 'C6 H15 N4 O2 1' 175.209 
ASN 'L-peptide linking' y ASPARAGINE      ? 'C4 H8 N2 O3'    132.118 
ASP 'L-peptide linking' y 'ASPARTIC ACID' ? 'C4 H7 N O4'     133.103 
GLN 'L-peptide linking' y GLUTAMINE       ? 'C5 H10 N2 O3'   146.144 
GLU 'L-peptide linking' y 'GLUTAMIC ACID' ? 'C5 H9 N O4'     147.129 
GLY 'peptide linking'   y GLYCINE         ? 'C2 H5 N O2'     75.067  
HIS 'L-peptide linking' y HISTIDINE       ? 'C6 H10 N3 O2 1' 156.162 
ILE 'L-peptide linking' y ISOLEUCINE      ? 'C6 H13 N O2'    131.173 
LEU 'L-peptide linking' y LEUCINE         ? 'C6 H13 N O2'    131.173 
LYS 'L-peptide linking' y LYSINE          ? 'C6 H15 N2 O2 1' 147.195 
MET 'L-peptide linking' y METHIONINE      ? 'C5 H11 N O2 S'  149.211 
PHE 'L-peptide linking' y PHENYLALANINE   ? 'C9 H11 N O2'    165.189 
PRO 'L-peptide linking' y PROLINE         ? 'C5 H9 N O2'     115.130 
SER 'L-peptide linking' y SERINE          ? 'C3 H7 N O3'     105.093 
THR 'L-peptide linking' y THREONINE       ? 'C4 H9 N O3'     119.119 
TRP 'L-peptide linking' y TRYPTOPHAN      ? 'C11 H12 N2 O2'  204.225 
TYR 'L-peptide linking' y TYROSINE        ? 'C9 H11 N O3'    181.189 
VAL 'L-peptide linking' y VALINE          ? 'C5 H11 N O2'    117.146 
# 
loop_
_pdbx_poly_seq_scheme.asym_id 
_pdbx_poly_seq_scheme.entity_id 
_pdbx_poly_seq_scheme.seq_id 
_pdbx_poly_seq_scheme.mon_id 
_pdbx_poly_seq_scheme.ndb_seq_num 
_pdbx_poly_seq_scheme.pdb_seq_num 
_pdbx_poly_seq_scheme.auth_seq_num 
_pdbx_poly_seq_scheme.pdb_mon_id 
_pdbx_poly_seq_scheme.auth_mon_id 
_pdbx_poly_seq_scheme.pdb_strand_id 
_pdbx_poly_seq_scheme.pdb_ins_code 
_pdbx_poly_seq_scheme.hetero 
A 1 1   MET 1   1   ?   ?   ?   A . n 
A 1 2   ASP 2   2   ?   ?   ?   A . n 
A 1 3   LEU 3   3   ?   ?   ?   A . n 
A 1 4   LYS 4   4   ?   ?   ?   A . n 
A 1 5   ALA 5   5   ?   ?   ?   A . n 
A 1 6   LEU 6   6   ?   ?   ?   A . n 
A 1 7   LYS 7   7   ?   ?   ?   A . n 
A 1 8   PRO 8   8   ?   ?   ?   A . n 
A 1 9   LYS 9   9   ?   ?   ?   A . n 
A 1 10  LEU 10  10  ?   ?   ?   A . n 
A 1 11  VAL 11  11  ?   ?   ?   A . n 
A 1 12  GLY 12  12  ?   ?   ?   A . n 
A 1 13  SER 13  13  ?   ?   ?   A . n 
A 1 14  ASP 14  14  ?   ?   ?   A . n 
A 1 15  ASN 15  15  ?   ?   ?   A . n 
A 1 16  GLU 16  16  ?   ?   ?   A . n 
A 1 17  ARG 17  17  ?   ?   ?   A . n 
A 1 18  ALA 18  18  ?   ?   ?   A . n 
A 1 19  VAL 19  19  19  VAL VAL A . n 
A 1 20  SER 20  20  20  SER SER A . n 
A 1 21  PRO 21  21  21  PRO PRO A . n 
A 1 22  VAL 22  22  22  VAL VAL A . n 
A 1 23  ILE 23  23  23  ILE ILE A . n 
A 1 24  GLY 24  24  24  GLY GLY A . n 
A 1 25  VAL 25  25  25  VAL VAL A . n 
A 1 26  ILE 26  26  26  ILE ILE A . n 
A 1 27  LEU 27  27  27  LEU LEU A . n 
A 1 28  MET 28  28  28  MET MET A . n 
A 1 29  VAL 29  29  29  VAL VAL A . n 
A 1 30  ALA 30  30  30  ALA ALA A . n 
A 1 31  ILE 31  31  31  ILE ILE A . n 
A 1 32  THR 32  32  32  THR THR A . n 
A 1 33  VAL 33  33  33  VAL VAL A . n 
A 1 34  ILE 34  34  34  ILE ILE A . n 
A 1 35  LEU 35  35  35  LEU LEU A . n 
A 1 36  ALA 36  36  36  ALA ALA A . n 
A 1 37  ALA 37  37  37  ALA ALA A . n 
A 1 38  VAL 38  38  38  VAL VAL A . n 
A 1 39  ILE 39  39  39  ILE ILE A . n 
A 1 40  ALA 40  40  40  ALA ALA A . n 
A 1 41  ALA 41  41  41  ALA ALA A . n 
A 1 42  PHE 42  42  42  PHE PHE A . n 
A 1 43  VAL 43  43  43  VAL VAL A . n 
A 1 44  LEU 44  44  44  LEU LEU A . n 
A 1 45  ASP 45  45  45  ASP ASP A . n 
A 1 46  LEU 46  46  46  LEU LEU A . n 
A 1 47  GLY 47  47  47  GLY GLY A . n 
A 1 48  GLY 48  48  48  GLY GLY A . n 
A 1 49  SER 49  49  49  SER SER A . n 
A 1 50  VAL 50  50  50  VAL VAL A . n 
A 1 51  GLY 51  51  51  GLY GLY A . n 
A 1 52  GLN 52  52  52  GLN GLN A . n 
A 1 53  GLU 53  53  53  GLU GLU A . n 
A 1 54  ALA 54  54  54  ALA ALA A . n 
A 1 55  GLN 55  55  55  GLN GLN A . n 
A 1 56  ALA 56  56  56  ALA ALA A . n 
A 1 57  GLY 57  57  57  GLY GLY A . n 
A 1 58  VAL 58  58  58  VAL VAL A . n 
A 1 59  THR 59  59  59  THR THR A . n 
A 1 60  ILE 60  60  60  ILE ILE A . n 
A 1 61  GLU 61  61  61  GLU GLU A . n 
A 1 62  VAL 62  62  62  VAL VAL A . n 
A 1 63  ASP 63  63  63  ASP ASP A . n 
A 1 64  GLU 64  64  64  GLU GLU A . n 
A 1 65  SER 65  65  65  SER SER A . n 
A 1 66  SER 66  66  66  SER SER A . n 
A 1 67  GLN 67  67  67  GLN GLN A . n 
A 1 68  GLU 68  68  68  GLU GLU A . n 
A 1 69  ILE 69  69  69  ILE ILE A . n 
A 1 70  GLN 70  70  70  GLN GLN A . n 
A 1 71  VAL 71  71  71  VAL VAL A . n 
A 1 72  GLU 72  72  72  GLU GLU A . n 
A 1 73  VAL 73  73  73  VAL VAL A . n 
A 1 74  THR 74  74  74  THR THR A . n 
A 1 75  SER 75  75  75  SER SER A . n 
A 1 76  MET 76  76  76  MET MET A . n 
A 1 77  GLY 77  77  77  GLY GLY A . n 
A 1 78  ASN 78  78  78  ASN ASN A . n 
A 1 79  SER 79  79  79  SER SER A . n 
A 1 80  ASP 80  80  80  ASP ASP A . n 
A 1 81  LEU 81  81  81  LEU LEU A . n 
A 1 82  VAL 82  82  82  VAL VAL A . n 
A 1 83  LYS 83  83  83  LYS LYS A . n 
A 1 84  LEU 84  84  84  LEU LEU A . n 
A 1 85  GLY 85  85  85  GLY GLY A . n 
A 1 86  GLY 86  86  86  GLY GLY A . n 
A 1 87  ALA 87  87  87  ALA ALA A . n 
A 1 88  THR 88  88  88  THR THR A . n 
A 1 89  ASP 89  89  89  ASP ASP A . n 
A 1 90  GLY 90  90  90  GLY GLY A . n 
A 1 91  ILE 91  91  91  ILE ILE A . n 
A 1 92  ALA 92  92  92  ALA ALA A . n 
A 1 93  SER 93  93  93  SER SER A . n 
A 1 94  ASN 94  94  94  ASN ASN A . n 
A 1 95  ALA 95  95  95  ALA ALA A . n 
A 1 96  GLY 96  96  96  GLY GLY A . n 
A 1 97  SER 97  97  97  SER SER A . n 
A 1 98  THR 98  98  98  THR THR A . n 
A 1 99  ILE 99  99  99  ILE ILE A . n 
A 1 100 SER 100 100 100 SER SER A . n 
A 1 101 GLY 101 101 101 GLY GLY A . n 
A 1 102 ASP 102 102 102 ASP ASP A . n 
A 1 103 HIS 103 103 103 HIS HIS A . n 
A 1 104 THR 104 104 104 THR THR A . n 
A 1 105 ASP 105 105 105 ASP ASP A . n 
A 1 106 MET 106 106 106 MET MET A . n 
A 1 107 GLN 107 107 107 GLN GLN A . n 
A 1 108 THR 108 108 108 THR THR A . n 
A 1 109 GLY 109 109 109 GLY GLY A . n 
A 1 110 ASP 110 110 110 ASP ASP A . n 
A 1 111 VAL 111 111 111 VAL VAL A . n 
A 1 112 VAL 112 112 112 VAL VAL A . n 
A 1 113 THR 113 113 113 THR THR A . n 
A 1 114 MET 114 114 114 MET MET A . n 
A 1 115 ASP 115 115 115 ASP ASP A . n 
A 1 116 GLY 116 116 116 GLY GLY A . n 
A 1 117 SER 117 117 117 SER SER A . n 
A 1 118 SER 118 118 118 SER SER A . n 
A 1 119 TRP 119 119 119 TRP TRP A . n 
A 1 120 SER 120 120 120 SER SER A . n 
A 1 121 SER 121 121 121 SER SER A . n 
A 1 122 THR 122 122 122 THR THR A . n 
A 1 123 SER 123 123 123 SER SER A . n 
A 1 124 GLY 124 124 124 GLY GLY A . n 
A 1 125 ALA 125 125 125 ALA ALA A . n 
A 1 126 SER 126 126 126 SER SER A . n 
A 1 127 ALA 127 127 127 ALA ALA A . n 
A 1 128 SER 128 128 128 SER SER A . n 
A 1 129 GLY 129 129 129 GLY GLY A . n 
A 1 130 THR 130 130 130 THR THR A . n 
A 1 131 ILE 131 131 131 ILE ILE A . n 
A 1 132 THR 132 132 132 THR THR A . n 
A 1 133 ALA 133 133 133 ALA ALA A . n 
A 1 134 ILE 134 134 134 ILE ILE A . n 
A 1 135 ALA 135 135 135 ALA ALA A . n 
A 1 136 VAL 136 136 136 VAL VAL A . n 
A 1 137 ILE 137 137 137 ILE ILE A . n 
A 1 138 GLU 138 138 138 GLU GLU A . n 
A 1 139 GLU 139 139 139 GLU GLU A . n 
A 1 140 ASP 140 140 140 ASP ASP A . n 
A 1 141 GLU 141 141 141 GLU GLU A . n 
A 1 142 THR 142 142 142 THR THR A . n 
A 1 143 GLU 143 143 143 GLU GLU A . n 
A 1 144 THR 144 144 144 THR THR A . n 
A 1 145 GLN 145 145 145 GLN GLN A . n 
A 1 146 VAL 146 146 146 VAL VAL A . n 
A 1 147 ALA 147 147 147 ALA ALA A . n 
A 1 148 SER 148 148 148 SER SER A . n 
A 1 149 GLU 149 149 149 GLU GLU A . n 
A 1 150 GLU 150 150 150 GLU GLU A . n 
A 1 151 TYR 151 151 151 TYR TYR A . n 
A 1 152 ASP 152 152 152 ASP ASP A . n 
A 1 153 PHE 153 153 153 PHE PHE A . n 
A 1 154 SER 154 154 154 SER SER A . n 
# 
_cell.angle_alpha                  90.00 
_cell.angle_alpha_esd              ? 
_cell.angle_beta                   90.00 
_cell.angle_beta_esd               ? 
_cell.angle_gamma                  90.00 
_cell.angle_gamma_esd              ? 
_cell.entry_id                     9MYG 
_cell.details                      ? 
_cell.formula_units_Z              ? 
_cell.length_a                     1.00 
_cell.length_a_esd                 ? 
_cell.length_b                     1.00 
_cell.length_b_esd                 ? 
_cell.length_c                     1.00 
_cell.length_c_esd                 ? 
_cell.volume                       ? 
_cell.volume_esd                   ? 
_cell.Z_PDB                        ? 
_cell.reciprocal_angle_alpha       ? 
_cell.reciprocal_angle_beta        ? 
_cell.reciprocal_angle_gamma       ? 
_cell.reciprocal_angle_alpha_esd   ? 
_cell.reciprocal_angle_beta_esd    ? 
_cell.reciprocal_angle_gamma_esd   ? 
_cell.reciprocal_length_a          ? 
_cell.reciprocal_length_b          ? 
_cell.reciprocal_length_c          ? 
_cell.reciprocal_length_a_esd      ? 
_cell.reciprocal_length_b_esd      ? 
_cell.reciprocal_length_c_esd      ? 
_cell.pdbx_unique_axis             ? 
_cell.pdbx_esd_method              ? 
# 
_symmetry.entry_id                         9MYG 
_symmetry.cell_setting                     ? 
_symmetry.Int_Tables_number                1 
_symmetry.space_group_name_Hall            ? 
_symmetry.space_group_name_H-M             'P 1' 
_symmetry.pdbx_full_space_group_name_H-M   ? 
# 
_exptl.absorpt_coefficient_mu     ? 
_exptl.absorpt_correction_T_max   ? 
_exptl.absorpt_correction_T_min   ? 
_exptl.absorpt_correction_type    ? 
_exptl.absorpt_process_details    ? 
_exptl.entry_id                   9MYG 
_exptl.crystals_number            ? 
_exptl.details                    ? 
_exptl.method                     'ELECTRON MICROSCOPY' 
_exptl.method_details             ? 
# 
_refine.pdbx_refine_id                           'ELECTRON MICROSCOPY' 
_refine.entry_id                                 9MYG 
_refine.pdbx_diffrn_id                           ? 
_refine.pdbx_TLS_residual_ADP_flag               ? 
_refine.ls_number_reflns_obs                     ? 
_refine.ls_number_reflns_all                     ? 
_refine.pdbx_ls_sigma_I                          ? 
_refine.pdbx_ls_sigma_F                          ? 
_refine.pdbx_data_cutoff_high_absF               ? 
_refine.pdbx_data_cutoff_low_absF                ? 
_refine.pdbx_data_cutoff_high_rms_absF           ? 
_refine.ls_d_res_low                             ? 
_refine.ls_d_res_high                            . 
_refine.ls_percent_reflns_obs                    ? 
_refine.ls_R_factor_obs                          ? 
_refine.ls_R_factor_all                          ? 
_refine.ls_R_factor_R_work                       ? 
_refine.ls_R_factor_R_free                       ? 
_refine.ls_R_factor_R_free_error                 ? 
_refine.ls_R_factor_R_free_error_details         ? 
_refine.ls_percent_reflns_R_free                 ? 
_refine.ls_number_reflns_R_free                  ? 
_refine.ls_number_parameters                     ? 
_refine.ls_number_restraints                     ? 
_refine.occupancy_min                            ? 
_refine.occupancy_max                            ? 
_refine.correlation_coeff_Fo_to_Fc               ? 
_refine.correlation_coeff_Fo_to_Fc_free          ? 
_refine.B_iso_mean                               ? 
_refine.aniso_B[1][1]                            ? 
_refine.aniso_B[2][2]                            ? 
_refine.aniso_B[3][3]                            ? 
_refine.aniso_B[1][2]                            ? 
_refine.aniso_B[1][3]                            ? 
_refine.aniso_B[2][3]                            ? 
_refine.solvent_model_details                    ? 
_refine.solvent_model_param_ksol                 ? 
_refine.solvent_model_param_bsol                 ? 
_refine.pdbx_solvent_vdw_probe_radii             ? 
_refine.pdbx_solvent_ion_probe_radii             ? 
_refine.pdbx_solvent_shrinkage_radii             ? 
_refine.pdbx_ls_cross_valid_method               ? 
_refine.details                                  ? 
_refine.pdbx_starting_model                      ? 
_refine.pdbx_method_to_determine_struct          ? 
_refine.pdbx_isotropic_thermal_model             ? 
_refine.pdbx_stereochemistry_target_values       ? 
_refine.pdbx_stereochem_target_val_spec_case     ? 
_refine.pdbx_R_Free_selection_details            ? 
_refine.pdbx_overall_ESU_R                       ? 
_refine.pdbx_overall_ESU_R_Free                  ? 
_refine.overall_SU_ML                            ? 
_refine.pdbx_overall_phase_error                 ? 
_refine.overall_SU_B                             ? 
_refine.overall_SU_R_Cruickshank_DPI             ? 
_refine.pdbx_overall_SU_R_free_Cruickshank_DPI   ? 
_refine.pdbx_overall_SU_R_Blow_DPI               ? 
_refine.pdbx_overall_SU_R_free_Blow_DPI          ? 
# 
loop_
_refine_ls_restr.pdbx_refine_id 
_refine_ls_restr.criterion 
_refine_ls_restr.dev_ideal 
_refine_ls_restr.dev_ideal_target 
_refine_ls_restr.number 
_refine_ls_restr.rejects 
_refine_ls_restr.type 
_refine_ls_restr.weight 
_refine_ls_restr.pdbx_restraint_function 
'ELECTRON MICROSCOPY' ? 0.002 ? 959  ? f_bond_d           ? ? 
'ELECTRON MICROSCOPY' ? 0.508 ? 1308 ? f_angle_d          ? ? 
'ELECTRON MICROSCOPY' ? 3.491 ? 137  ? f_dihedral_angle_d ? ? 
'ELECTRON MICROSCOPY' ? 0.046 ? 169  ? f_chiral_restr     ? ? 
'ELECTRON MICROSCOPY' ? 0.001 ? 171  ? f_plane_restr      ? ? 
# 
_struct.entry_id                     9MYG 
_struct.title                        'Cryo-EM structure of Natrinema sp. J7-2 Type IV pilus, PilA1' 
_struct.pdbx_model_details           ? 
_struct.pdbx_formula_weight          ? 
_struct.pdbx_formula_weight_method   ? 
_struct.pdbx_model_type_details      ? 
_struct.pdbx_CASP_flag               N 
# 
_struct_keywords.entry_id        9MYG 
_struct_keywords.text            'Type IV pilus, Pilin, Biofilm, PROTEIN FIBRIL' 
_struct_keywords.pdbx_keywords   'PROTEIN FIBRIL' 
# 
_struct_asym.id                            A 
_struct_asym.pdbx_blank_PDB_chainid_flag   N 
_struct_asym.pdbx_modified                 N 
_struct_asym.entity_id                     1 
_struct_asym.details                       ? 
# 
_struct_ref.id                         1 
_struct_ref.db_name                    UNP 
_struct_ref.db_code                    I7CEX0_NATSJ 
_struct_ref.pdbx_db_accession          I7CEX0 
_struct_ref.pdbx_db_isoform            ? 
_struct_ref.entity_id                  1 
_struct_ref.pdbx_seq_one_letter_code   
;MDLKALKPKLVGSDNERAVSPVIGVILMVAITVILAAVIAAFVLDLGGSVGQEAQAGVTIEVDESSQEIQVEVTSMGNSD
LVKLGGATDGIASNAGSTISGDHTDMQTGDVVTMDGSSWSSTSGASASGTITAIAVIEEDETETQVASEEYDFS
;
_struct_ref.pdbx_align_begin           1 
# 
_struct_ref_seq.align_id                      1 
_struct_ref_seq.ref_id                        1 
_struct_ref_seq.pdbx_PDB_id_code              9MYG 
_struct_ref_seq.pdbx_strand_id                A 
_struct_ref_seq.seq_align_beg                 1 
_struct_ref_seq.pdbx_seq_align_beg_ins_code   ? 
_struct_ref_seq.seq_align_end                 154 
_struct_ref_seq.pdbx_seq_align_end_ins_code   ? 
_struct_ref_seq.pdbx_db_accession             I7CEX0 
_struct_ref_seq.db_align_beg                  1 
_struct_ref_seq.pdbx_db_align_beg_ins_code    ? 
_struct_ref_seq.db_align_end                  154 
_struct_ref_seq.pdbx_db_align_end_ins_code    ? 
_struct_ref_seq.pdbx_auth_seq_align_beg       1 
_struct_ref_seq.pdbx_auth_seq_align_end       154 
# 
loop_
_pdbx_struct_assembly.id 
_pdbx_struct_assembly.details 
_pdbx_struct_assembly.method_details 
_pdbx_struct_assembly.oligomeric_details 
_pdbx_struct_assembly.oligomeric_count 
1 'representative helical assembly' ? 24-meric  24 
2 'helical asymmetric unit'         ? monomeric 1  
# 
loop_
_pdbx_struct_assembly_gen.assembly_id 
_pdbx_struct_assembly_gen.oper_expression 
_pdbx_struct_assembly_gen.asym_id_list 
1 '(1-24)' A 
2 1        A 
# 
_pdbx_struct_assembly_auth_evidence.id                     1 
_pdbx_struct_assembly_auth_evidence.assembly_id            1 
_pdbx_struct_assembly_auth_evidence.experimental_support   'electron microscopy' 
_pdbx_struct_assembly_auth_evidence.details                'not applicable' 
# 
loop_
_pdbx_struct_oper_list.id 
_pdbx_struct_oper_list.type 
_pdbx_struct_oper_list.name 
_pdbx_struct_oper_list.symmetry_operation 
_pdbx_struct_oper_list.matrix[1][1] 
_pdbx_struct_oper_list.matrix[1][2] 
_pdbx_struct_oper_list.matrix[1][3] 
_pdbx_struct_oper_list.vector[1] 
_pdbx_struct_oper_list.matrix[2][1] 
_pdbx_struct_oper_list.matrix[2][2] 
_pdbx_struct_oper_list.matrix[2][3] 
_pdbx_struct_oper_list.vector[2] 
_pdbx_struct_oper_list.matrix[3][1] 
_pdbx_struct_oper_list.matrix[3][2] 
_pdbx_struct_oper_list.matrix[3][3] 
_pdbx_struct_oper_list.vector[3] 
1  'identity operation'         1_555 x,y,z 1.00000000 0.00000000  0.00000000  0.00000   0.00000000  1.00000000  0.00000000  0.00000   0.00000000  0.00000000  1.00000000  0.00000   
2  'helical symmetry operation' ?     ?     0.69470388 0.71270849  0.09712552  -39.24038 -0.38040339 0.47863322  -0.79133048 -12.03020 -0.61047525 0.51279359  0.60362490  -4.53052  
3  'helical symmetry operation' ?     ?     0.00276211 0.58462277  -0.81130068 -49.72801 0.50083893  -0.70302429 -0.50489361 28.75598  -0.86553622 -0.40493630 -0.29474382 1.01396   
4  'helical symmetry operation' ?     ?     0.62795020 -0.37108787 -0.68408475 -16.79915 0.77605224  0.36463520  0.51457109  20.29300  0.05848995  -0.85401070 0.51695660  26.47567  
5  'helical symmetry operation' ?     ?     0.91673188 0.37329884  0.14230436  -18.28168 -0.28266414 0.85779960  -0.42927923 -10.00887 -0.28231815 0.35330957  0.89189051  -3.25364  
6  'helical symmetry operation' ?     ?     0.10531945 0.84898330  -0.51781818 -40.99010 0.12484800  -0.52788290 -0.84009135 23.02158  -0.98657047 0.02382962  -0.16159055 -17.30952 
7  'helical symmetry operation' ?     ?     0.33978657 -0.20215454 -0.91851982 -15.59916 0.92077584  -0.12747371 0.36867650  37.04998  -0.19161673 -0.97102217 0.14282514  13.71843  
8  'helical symmetry operation' ?     ?     0.33978657 0.92077584  -0.19161673 -26.18554 -0.20215454 -0.12747371 -0.97102217 14.89031  -0.91851982 0.36867650  0.14282514  -29.94681 
9  'helical symmetry operation' ?     ?     0.10531945 0.12484800  -0.98657047 -15.63449 0.84898330  -0.52788290 0.02382962  47.36528  -0.51781818 -0.84009135 -0.16159055 -4.68246  
10 'helical symmetry operation' ?     ?     0.91673188 -0.28266414 -0.28231815 13.01168  0.37329884  0.85779960  0.35330957  16.55965  0.14230436  -0.42927923 0.89189051  1.20682   
11 'helical symmetry operation' ?     ?     0.62795020 0.77605224  0.05848995  -6.74746  -0.37108787 0.36463520  -0.85401070 8.97705   -0.68408475 0.51457109  0.51695660  -35.62037 
12 'helical symmetry operation' ?     ?     0.00276211 0.50083893  -0.86553622 -13.38703 0.58462277  -0.70302429 -0.40493630 49.69833  -0.81130068 -0.50489361 -0.29474382 -25.52702 
13 'helical symmetry operation' ?     ?     0.69470388 -0.38040339 -0.61047525 19.91846  0.71270849  0.47863322  0.51279359  36.04813  0.09712552  -0.79133048 0.60362490  -2.97382  
14 'helical symmetry operation' ?     ?     0.87368472 0.46308980  0.14907157  14.34495  -0.32559964 0.78428619  -0.52809013 9.15611   -0.36146835 0.41284639  0.83600109  -35.37653 
15 'helical symmetry operation' ?     ?     0.06632513 0.80039535  -0.59579217 -6.10211  0.21588002  -0.59447509 -0.77459361 45.17534  -0.97416469 -0.07724458 -0.21221804 -44.79980 
16 'helical symmetry operation' ?     ?     0.40797957 -0.26061293 -0.87500467 21.92149  0.90500833  -0.01101772 0.42525036  53.86683  -0.12046663 -0.96538015 0.23136215  -14.08572 
17 'helical symmetry operation' ?     ?     0.99501956 0.08628499  0.04991275  33.56149  -0.08086394 0.99149470  -0.10197947 17.26963  -0.05828726 0.09743557  0.99353374  -32.23448 
18 'helical symmetry operation' ?     ?     0.27480570 0.92359250  -0.26731808 7.29652   -0.13424159 -0.23844423 -0.96183364 37.20462  -0.95208259 0.30020268  0.05845853  -59.01051 
19 'helical symmetry operation' ?     ?     0.15220429 0.03674676  -0.98766538 21.85862  0.88605188  -0.44781572 0.11988349  65.97339  -0.43788729 -0.89336984 -0.10071856 -31.35993 
20 'helical symmetry operation' ?     ?     0.95147914 -0.22866741 -0.20590980 47.99741  0.28148081  0.91713893  0.28217912  32.51318  0.12432289  -0.32644712 0.93700392  -30.18044 
21 'helical symmetry operation' ?     ?     0.55865837 0.82933381  0.01031276  25.84359  -0.34894750 0.24630269  -0.90419622 30.34869  -0.75242048 0.50153822  0.42699294  -66.35728 
22 'helical symmetry operation' ?     ?     0.01269853 0.41248308  -0.91087681 23.25528  0.66216314  -0.68605546 -0.30144330 70.23174  -0.74925218 -0.59932112 -0.28184307 -51.97324 
23 'helical symmetry operation' ?     ?     0.75758793 -0.37670739 -0.53305966 56.34274  0.64056521  0.58602291  0.49624014  51.70351  0.12544830  -0.71740477 0.68526916  -32.83782 
24 'helical symmetry operation' ?     ?     0.82319735 0.54906194  0.14449030  46.85916  -0.35661788 0.69806682  -0.62090818 28.79555  -0.44178065 0.45960230  0.77045183  -67.32641  
# 
loop_
_struct_conf.conf_type_id 
_struct_conf.id 
_struct_conf.pdbx_PDB_helix_id 
_struct_conf.beg_label_comp_id 
_struct_conf.beg_label_asym_id 
_struct_conf.beg_label_seq_id 
_struct_conf.pdbx_beg_PDB_ins_code 
_struct_conf.end_label_comp_id 
_struct_conf.end_label_asym_id 
_struct_conf.end_label_seq_id 
_struct_conf.pdbx_end_PDB_ins_code 
_struct_conf.beg_auth_comp_id 
_struct_conf.beg_auth_asym_id 
_struct_conf.beg_auth_seq_id 
_struct_conf.end_auth_comp_id 
_struct_conf.end_auth_asym_id 
_struct_conf.end_auth_seq_id 
_struct_conf.pdbx_PDB_helix_class 
_struct_conf.details 
_struct_conf.pdbx_PDB_helix_length 
HELX_P HELX_P1 AA1 VAL A 19  ? SER A 49  ? VAL A 19  SER A 49  1 ? 31 
HELX_P HELX_P2 AA2 ALA A 87  ? ALA A 95  ? ALA A 87  ALA A 95  1 ? 9  
HELX_P HELX_P3 AA3 SER A 117 ? SER A 121 ? SER A 117 SER A 121 5 ? 5  
# 
_struct_conf_type.id          HELX_P 
_struct_conf_type.criteria    ? 
_struct_conf_type.reference   ? 
# 
loop_
_struct_sheet.id 
_struct_sheet.type 
_struct_sheet.number_strands 
_struct_sheet.details 
AA1 ? 4 ? 
AA2 ? 3 ? 
# 
loop_
_struct_sheet_order.sheet_id 
_struct_sheet_order.range_id_1 
_struct_sheet_order.range_id_2 
_struct_sheet_order.offset 
_struct_sheet_order.sense 
AA1 1 2 ? anti-parallel 
AA1 2 3 ? anti-parallel 
AA1 3 4 ? anti-parallel 
AA2 1 2 ? anti-parallel 
AA2 2 3 ? anti-parallel 
# 
loop_
_struct_sheet_range.sheet_id 
_struct_sheet_range.id 
_struct_sheet_range.beg_label_comp_id 
_struct_sheet_range.beg_label_asym_id 
_struct_sheet_range.beg_label_seq_id 
_struct_sheet_range.pdbx_beg_PDB_ins_code 
_struct_sheet_range.end_label_comp_id 
_struct_sheet_range.end_label_asym_id 
_struct_sheet_range.end_label_seq_id 
_struct_sheet_range.pdbx_end_PDB_ins_code 
_struct_sheet_range.beg_auth_comp_id 
_struct_sheet_range.beg_auth_asym_id 
_struct_sheet_range.beg_auth_seq_id 
_struct_sheet_range.end_auth_comp_id 
_struct_sheet_range.end_auth_asym_id 
_struct_sheet_range.end_auth_seq_id 
AA1 1 GLY A 57  ? ASP A 63  ? GLY A 57  ASP A 63  
AA1 2 GLU A 68  ? SER A 75  ? GLU A 68  SER A 75  
AA1 3 VAL A 111 ? ASP A 115 ? VAL A 111 ASP A 115 
AA1 4 ILE A 99  ? SER A 100 ? ILE A 99  SER A 100 
AA2 1 LEU A 81  ? GLY A 86  ? LEU A 81  GLY A 86  
AA2 2 SER A 128 ? ILE A 137 ? SER A 128 ILE A 137 
AA2 3 THR A 142 ? ASP A 152 ? THR A 142 ASP A 152 
# 
loop_
_pdbx_struct_sheet_hbond.sheet_id 
_pdbx_struct_sheet_hbond.range_id_1 
_pdbx_struct_sheet_hbond.range_id_2 
_pdbx_struct_sheet_hbond.range_1_label_atom_id 
_pdbx_struct_sheet_hbond.range_1_label_comp_id 
_pdbx_struct_sheet_hbond.range_1_label_asym_id 
_pdbx_struct_sheet_hbond.range_1_label_seq_id 
_pdbx_struct_sheet_hbond.range_1_PDB_ins_code 
_pdbx_struct_sheet_hbond.range_1_auth_atom_id 
_pdbx_struct_sheet_hbond.range_1_auth_comp_id 
_pdbx_struct_sheet_hbond.range_1_auth_asym_id 
_pdbx_struct_sheet_hbond.range_1_auth_seq_id 
_pdbx_struct_sheet_hbond.range_2_label_atom_id 
_pdbx_struct_sheet_hbond.range_2_label_comp_id 
_pdbx_struct_sheet_hbond.range_2_label_asym_id 
_pdbx_struct_sheet_hbond.range_2_label_seq_id 
_pdbx_struct_sheet_hbond.range_2_PDB_ins_code 
_pdbx_struct_sheet_hbond.range_2_auth_atom_id 
_pdbx_struct_sheet_hbond.range_2_auth_comp_id 
_pdbx_struct_sheet_hbond.range_2_auth_asym_id 
_pdbx_struct_sheet_hbond.range_2_auth_seq_id 
AA1 1 2 N ASP A 63  ? N ASP A 63  O GLU A 68  ? O GLU A 68  
AA1 2 3 N ILE A 69  ? N ILE A 69  O MET A 114 ? O MET A 114 
AA1 3 4 O THR A 113 ? O THR A 113 N SER A 100 ? N SER A 100 
AA2 1 2 N GLY A 85  ? N GLY A 85  O THR A 132 ? O THR A 132 
AA2 2 3 N ALA A 135 ? N ALA A 135 O THR A 144 ? O THR A 144 
# 
_pdbx_entry_details.entry_id                   9MYG 
_pdbx_entry_details.compound_details           ? 
_pdbx_entry_details.source_details             ? 
_pdbx_entry_details.nonpolymer_details         ? 
_pdbx_entry_details.sequence_details           ? 
_pdbx_entry_details.has_ligand_of_interest     ? 
_pdbx_entry_details.has_protein_modification   N 
# 
_pdbx_validate_close_contact.id               1 
_pdbx_validate_close_contact.PDB_model_num    1 
_pdbx_validate_close_contact.auth_atom_id_1   OD1 
_pdbx_validate_close_contact.auth_asym_id_1   A 
_pdbx_validate_close_contact.auth_comp_id_1   ASP 
_pdbx_validate_close_contact.auth_seq_id_1    140 
_pdbx_validate_close_contact.PDB_ins_code_1   ? 
_pdbx_validate_close_contact.label_alt_id_1   ? 
_pdbx_validate_close_contact.auth_atom_id_2   OG1 
_pdbx_validate_close_contact.auth_asym_id_2   A 
_pdbx_validate_close_contact.auth_comp_id_2   THR 
_pdbx_validate_close_contact.auth_seq_id_2    142 
_pdbx_validate_close_contact.PDB_ins_code_2   ? 
_pdbx_validate_close_contact.label_alt_id_2   ? 
_pdbx_validate_close_contact.dist             2.12 
# 
_pdbx_validate_torsion.id              1 
_pdbx_validate_torsion.PDB_model_num   1 
_pdbx_validate_torsion.auth_comp_id    SER 
_pdbx_validate_torsion.auth_asym_id    A 
_pdbx_validate_torsion.auth_seq_id     97 
_pdbx_validate_torsion.PDB_ins_code    ? 
_pdbx_validate_torsion.label_alt_id    ? 
_pdbx_validate_torsion.phi             -69.55 
_pdbx_validate_torsion.psi             4.45 
# 
_pdbx_helical_symmetry.entry_id                  9MYG 
_pdbx_helical_symmetry.number_of_operations      24 
_pdbx_helical_symmetry.rotation_per_n_subunits   108.81 
_pdbx_helical_symmetry.rise_per_n_subunits       4.95 
_pdbx_helical_symmetry.n_subunits_divisor        1 
_pdbx_helical_symmetry.dyad_axis                 no 
_pdbx_helical_symmetry.circular_symmetry         1 
# 
_em_3d_fitting.id                1 
_em_3d_fitting.entry_id          9MYG 
_em_3d_fitting.method            ? 
_em_3d_fitting.target_criteria   ? 
_em_3d_fitting.details           ? 
_em_3d_fitting.overall_b_value   ? 
_em_3d_fitting.ref_space         ? 
_em_3d_fitting.ref_protocol      ? 
# 
_em_3d_reconstruction.entry_id                    9MYG 
_em_3d_reconstruction.id                          1 
_em_3d_reconstruction.method                      ? 
_em_3d_reconstruction.algorithm                   ? 
_em_3d_reconstruction.citation_id                 ? 
_em_3d_reconstruction.details                     ? 
_em_3d_reconstruction.resolution                  3.8 
_em_3d_reconstruction.resolution_method           'FSC 0.143 CUT-OFF' 
_em_3d_reconstruction.magnification_calibration   ? 
_em_3d_reconstruction.nominal_pixel_size          ? 
_em_3d_reconstruction.actual_pixel_size           ? 
_em_3d_reconstruction.num_particles               35647 
_em_3d_reconstruction.euler_angles_details        ? 
_em_3d_reconstruction.num_class_averages          ? 
_em_3d_reconstruction.refinement_type             ? 
_em_3d_reconstruction.image_processing_id         1 
_em_3d_reconstruction.symmetry_type               HELICAL 
# 
_em_buffer.id            1 
_em_buffer.specimen_id   1 
_em_buffer.name          ? 
_em_buffer.details       ? 
_em_buffer.pH            7.0 
# 
_em_entity_assembly.id                   1 
_em_entity_assembly.parent_id            0 
_em_entity_assembly.source               RECOMBINANT 
_em_entity_assembly.type                 COMPLEX 
_em_entity_assembly.name                 'Type IV pilus' 
_em_entity_assembly.details              ? 
_em_entity_assembly.synonym              ? 
_em_entity_assembly.oligomeric_details   ? 
_em_entity_assembly.entity_id_list       1 
# 
_em_imaging.entry_id                        9MYG 
_em_imaging.id                              1 
_em_imaging.astigmatism                     ? 
_em_imaging.electron_beam_tilt_params       ? 
_em_imaging.residual_tilt                   ? 
_em_imaging.microscope_model                'TFS KRIOS' 
_em_imaging.specimen_holder_type            ? 
_em_imaging.specimen_holder_model           ? 
_em_imaging.details                         ? 
_em_imaging.date                            ? 
_em_imaging.accelerating_voltage            300 
_em_imaging.illumination_mode               'FLOOD BEAM' 
_em_imaging.mode                            'BRIGHT FIELD' 
_em_imaging.nominal_cs                      ? 
_em_imaging.nominal_defocus_min             1400 
_em_imaging.nominal_defocus_max             2400 
_em_imaging.calibrated_defocus_min          ? 
_em_imaging.calibrated_defocus_max          ? 
_em_imaging.tilt_angle_min                  ? 
_em_imaging.tilt_angle_max                  ? 
_em_imaging.nominal_magnification           ? 
_em_imaging.calibrated_magnification        ? 
_em_imaging.electron_source                 'FIELD EMISSION GUN' 
_em_imaging.citation_id                     ? 
_em_imaging.temperature                     ? 
_em_imaging.detector_distance               ? 
_em_imaging.recording_temperature_minimum   ? 
_em_imaging.recording_temperature_maximum   ? 
_em_imaging.alignment_procedure             ? 
_em_imaging.c2_aperture_diameter            ? 
_em_imaging.specimen_id                     1 
_em_imaging.cryogen                         ? 
# 
_em_vitrification.entry_id              9MYG 
_em_vitrification.id                    1 
_em_vitrification.specimen_id           1 
_em_vitrification.cryogen_name          ETHANE 
_em_vitrification.humidity              ? 
_em_vitrification.temp                  ? 
_em_vitrification.chamber_temperature   ? 
_em_vitrification.instrument            ? 
_em_vitrification.method                ? 
_em_vitrification.time_resolved_state   ? 
_em_vitrification.citation_id           ? 
_em_vitrification.details               ? 
# 
_em_experiment.entry_id                9MYG 
_em_experiment.id                      1 
_em_experiment.reconstruction_method   HELICAL 
_em_experiment.aggregation_state       FILAMENT 
_em_experiment.entity_assembly_id      1 
# 
loop_
_pdbx_unobs_or_zero_occ_residues.id 
_pdbx_unobs_or_zero_occ_residues.PDB_model_num 
_pdbx_unobs_or_zero_occ_residues.polymer_flag 
_pdbx_unobs_or_zero_occ_residues.occupancy_flag 
_pdbx_unobs_or_zero_occ_residues.auth_asym_id 
_pdbx_unobs_or_zero_occ_residues.auth_comp_id 
_pdbx_unobs_or_zero_occ_residues.auth_seq_id 
_pdbx_unobs_or_zero_occ_residues.PDB_ins_code 
_pdbx_unobs_or_zero_occ_residues.label_asym_id 
_pdbx_unobs_or_zero_occ_residues.label_comp_id 
_pdbx_unobs_or_zero_occ_residues.label_seq_id 
1  1 Y 1 A MET 1  ? A MET 1  
2  1 Y 1 A ASP 2  ? A ASP 2  
3  1 Y 1 A LEU 3  ? A LEU 3  
4  1 Y 1 A LYS 4  ? A LYS 4  
5  1 Y 1 A ALA 5  ? A ALA 5  
6  1 Y 1 A LEU 6  ? A LEU 6  
7  1 Y 1 A LYS 7  ? A LYS 7  
8  1 Y 1 A PRO 8  ? A PRO 8  
9  1 Y 1 A LYS 9  ? A LYS 9  
10 1 Y 1 A LEU 10 ? A LEU 10 
11 1 Y 1 A VAL 11 ? A VAL 11 
12 1 Y 1 A GLY 12 ? A GLY 12 
13 1 Y 1 A SER 13 ? A SER 13 
14 1 Y 1 A ASP 14 ? A ASP 14 
15 1 Y 1 A ASN 15 ? A ASN 15 
16 1 Y 1 A GLU 16 ? A GLU 16 
17 1 Y 1 A ARG 17 ? A ARG 17 
18 1 Y 1 A ALA 18 ? A ALA 18 
# 
loop_
_chem_comp_atom.comp_id 
_chem_comp_atom.atom_id 
_chem_comp_atom.type_symbol 
_chem_comp_atom.pdbx_aromatic_flag 
_chem_comp_atom.pdbx_stereo_config 
_chem_comp_atom.pdbx_ordinal 
ALA N    N N N 1   
ALA CA   C N S 2   
ALA C    C N N 3   
ALA O    O N N 4   
ALA CB   C N N 5   
ALA OXT  O N N 6   
ALA H    H N N 7   
ALA H2   H N N 8   
ALA HA   H N N 9   
ALA HB1  H N N 10  
ALA HB2  H N N 11  
ALA HB3  H N N 12  
ALA HXT  H N N 13  
ARG N    N N N 14  
ARG CA   C N S 15  
ARG C    C N N 16  
ARG O    O N N 17  
ARG CB   C N N 18  
ARG CG   C N N 19  
ARG CD   C N N 20  
ARG NE   N N N 21  
ARG CZ   C N N 22  
ARG NH1  N N N 23  
ARG NH2  N N N 24  
ARG OXT  O N N 25  
ARG H    H N N 26  
ARG H2   H N N 27  
ARG HA   H N N 28  
ARG HB2  H N N 29  
ARG HB3  H N N 30  
ARG HG2  H N N 31  
ARG HG3  H N N 32  
ARG HD2  H N N 33  
ARG HD3  H N N 34  
ARG HE   H N N 35  
ARG HH11 H N N 36  
ARG HH12 H N N 37  
ARG HH21 H N N 38  
ARG HH22 H N N 39  
ARG HXT  H N N 40  
ASN N    N N N 41  
ASN CA   C N S 42  
ASN C    C N N 43  
ASN O    O N N 44  
ASN CB   C N N 45  
ASN CG   C N N 46  
ASN OD1  O N N 47  
ASN ND2  N N N 48  
ASN OXT  O N N 49  
ASN H    H N N 50  
ASN H2   H N N 51  
ASN HA   H N N 52  
ASN HB2  H N N 53  
ASN HB3  H N N 54  
ASN HD21 H N N 55  
ASN HD22 H N N 56  
ASN HXT  H N N 57  
ASP N    N N N 58  
ASP CA   C N S 59  
ASP C    C N N 60  
ASP O    O N N 61  
ASP CB   C N N 62  
ASP CG   C N N 63  
ASP OD1  O N N 64  
ASP OD2  O N N 65  
ASP OXT  O N N 66  
ASP H    H N N 67  
ASP H2   H N N 68  
ASP HA   H N N 69  
ASP HB2  H N N 70  
ASP HB3  H N N 71  
ASP HD2  H N N 72  
ASP HXT  H N N 73  
GLN N    N N N 74  
GLN CA   C N S 75  
GLN C    C N N 76  
GLN O    O N N 77  
GLN CB   C N N 78  
GLN CG   C N N 79  
GLN CD   C N N 80  
GLN OE1  O N N 81  
GLN NE2  N N N 82  
GLN OXT  O N N 83  
GLN H    H N N 84  
GLN H2   H N N 85  
GLN HA   H N N 86  
GLN HB2  H N N 87  
GLN HB3  H N N 88  
GLN HG2  H N N 89  
GLN HG3  H N N 90  
GLN HE21 H N N 91  
GLN HE22 H N N 92  
GLN HXT  H N N 93  
GLU N    N N N 94  
GLU CA   C N S 95  
GLU C    C N N 96  
GLU O    O N N 97  
GLU CB   C N N 98  
GLU CG   C N N 99  
GLU CD   C N N 100 
GLU OE1  O N N 101 
GLU OE2  O N N 102 
GLU OXT  O N N 103 
GLU H    H N N 104 
GLU H2   H N N 105 
GLU HA   H N N 106 
GLU HB2  H N N 107 
GLU HB3  H N N 108 
GLU HG2  H N N 109 
GLU HG3  H N N 110 
GLU HE2  H N N 111 
GLU HXT  H N N 112 
GLY N    N N N 113 
GLY CA   C N N 114 
GLY C    C N N 115 
GLY O    O N N 116 
GLY OXT  O N N 117 
GLY H    H N N 118 
GLY H2   H N N 119 
GLY HA2  H N N 120 
GLY HA3  H N N 121 
GLY HXT  H N N 122 
HIS N    N N N 123 
HIS CA   C N S 124 
HIS C    C N N 125 
HIS O    O N N 126 
HIS CB   C N N 127 
HIS CG   C Y N 128 
HIS ND1  N Y N 129 
HIS CD2  C Y N 130 
HIS CE1  C Y N 131 
HIS NE2  N Y N 132 
HIS OXT  O N N 133 
HIS H    H N N 134 
HIS H2   H N N 135 
HIS HA   H N N 136 
HIS HB2  H N N 137 
HIS HB3  H N N 138 
HIS HD1  H N N 139 
HIS HD2  H N N 140 
HIS HE1  H N N 141 
HIS HE2  H N N 142 
HIS HXT  H N N 143 
ILE N    N N N 144 
ILE CA   C N S 145 
ILE C    C N N 146 
ILE O    O N N 147 
ILE CB   C N S 148 
ILE CG1  C N N 149 
ILE CG2  C N N 150 
ILE CD1  C N N 151 
ILE OXT  O N N 152 
ILE H    H N N 153 
ILE H2   H N N 154 
ILE HA   H N N 155 
ILE HB   H N N 156 
ILE HG12 H N N 157 
ILE HG13 H N N 158 
ILE HG21 H N N 159 
ILE HG22 H N N 160 
ILE HG23 H N N 161 
ILE HD11 H N N 162 
ILE HD12 H N N 163 
ILE HD13 H N N 164 
ILE HXT  H N N 165 
LEU N    N N N 166 
LEU CA   C N S 167 
LEU C    C N N 168 
LEU O    O N N 169 
LEU CB   C N N 170 
LEU CG   C N N 171 
LEU CD1  C N N 172 
LEU CD2  C N N 173 
LEU OXT  O N N 174 
LEU H    H N N 175 
LEU H2   H N N 176 
LEU HA   H N N 177 
LEU HB2  H N N 178 
LEU HB3  H N N 179 
LEU HG   H N N 180 
LEU HD11 H N N 181 
LEU HD12 H N N 182 
LEU HD13 H N N 183 
LEU HD21 H N N 184 
LEU HD22 H N N 185 
LEU HD23 H N N 186 
LEU HXT  H N N 187 
LYS N    N N N 188 
LYS CA   C N S 189 
LYS C    C N N 190 
LYS O    O N N 191 
LYS CB   C N N 192 
LYS CG   C N N 193 
LYS CD   C N N 194 
LYS CE   C N N 195 
LYS NZ   N N N 196 
LYS OXT  O N N 197 
LYS H    H N N 198 
LYS H2   H N N 199 
LYS HA   H N N 200 
LYS HB2  H N N 201 
LYS HB3  H N N 202 
LYS HG2  H N N 203 
LYS HG3  H N N 204 
LYS HD2  H N N 205 
LYS HD3  H N N 206 
LYS HE2  H N N 207 
LYS HE3  H N N 208 
LYS HZ1  H N N 209 
LYS HZ2  H N N 210 
LYS HZ3  H N N 211 
LYS HXT  H N N 212 
MET N    N N N 213 
MET CA   C N S 214 
MET C    C N N 215 
MET O    O N N 216 
MET CB   C N N 217 
MET CG   C N N 218 
MET SD   S N N 219 
MET CE   C N N 220 
MET OXT  O N N 221 
MET H    H N N 222 
MET H2   H N N 223 
MET HA   H N N 224 
MET HB2  H N N 225 
MET HB3  H N N 226 
MET HG2  H N N 227 
MET HG3  H N N 228 
MET HE1  H N N 229 
MET HE2  H N N 230 
MET HE3  H N N 231 
MET HXT  H N N 232 
PHE N    N N N 233 
PHE CA   C N S 234 
PHE C    C N N 235 
PHE O    O N N 236 
PHE CB   C N N 237 
PHE CG   C Y N 238 
PHE CD1  C Y N 239 
PHE CD2  C Y N 240 
PHE CE1  C Y N 241 
PHE CE2  C Y N 242 
PHE CZ   C Y N 243 
PHE OXT  O N N 244 
PHE H    H N N 245 
PHE H2   H N N 246 
PHE HA   H N N 247 
PHE HB2  H N N 248 
PHE HB3  H N N 249 
PHE HD1  H N N 250 
PHE HD2  H N N 251 
PHE HE1  H N N 252 
PHE HE2  H N N 253 
PHE HZ   H N N 254 
PHE HXT  H N N 255 
PRO N    N N N 256 
PRO CA   C N S 257 
PRO C    C N N 258 
PRO O    O N N 259 
PRO CB   C N N 260 
PRO CG   C N N 261 
PRO CD   C N N 262 
PRO OXT  O N N 263 
PRO H    H N N 264 
PRO HA   H N N 265 
PRO HB2  H N N 266 
PRO HB3  H N N 267 
PRO HG2  H N N 268 
PRO HG3  H N N 269 
PRO HD2  H N N 270 
PRO HD3  H N N 271 
PRO HXT  H N N 272 
SER N    N N N 273 
SER CA   C N S 274 
SER C    C N N 275 
SER O    O N N 276 
SER CB   C N N 277 
SER OG   O N N 278 
SER OXT  O N N 279 
SER H    H N N 280 
SER H2   H N N 281 
SER HA   H N N 282 
SER HB2  H N N 283 
SER HB3  H N N 284 
SER HG   H N N 285 
SER HXT  H N N 286 
THR N    N N N 287 
THR CA   C N S 288 
THR C    C N N 289 
THR O    O N N 290 
THR CB   C N R 291 
THR OG1  O N N 292 
THR CG2  C N N 293 
THR OXT  O N N 294 
THR H    H N N 295 
THR H2   H N N 296 
THR HA   H N N 297 
THR HB   H N N 298 
THR HG1  H N N 299 
THR HG21 H N N 300 
THR HG22 H N N 301 
THR HG23 H N N 302 
THR HXT  H N N 303 
TRP N    N N N 304 
TRP CA   C N S 305 
TRP C    C N N 306 
TRP O    O N N 307 
TRP CB   C N N 308 
TRP CG   C Y N 309 
TRP CD1  C Y N 310 
TRP CD2  C Y N 311 
TRP NE1  N Y N 312 
TRP CE2  C Y N 313 
TRP CE3  C Y N 314 
TRP CZ2  C Y N 315 
TRP CZ3  C Y N 316 
TRP CH2  C Y N 317 
TRP OXT  O N N 318 
TRP H    H N N 319 
TRP H2   H N N 320 
TRP HA   H N N 321 
TRP HB2  H N N 322 
TRP HB3  H N N 323 
TRP HD1  H N N 324 
TRP HE1  H N N 325 
TRP HE3  H N N 326 
TRP HZ2  H N N 327 
TRP HZ3  H N N 328 
TRP HH2  H N N 329 
TRP HXT  H N N 330 
TYR N    N N N 331 
TYR CA   C N S 332 
TYR C    C N N 333 
TYR O    O N N 334 
TYR CB   C N N 335 
TYR CG   C Y N 336 
TYR CD1  C Y N 337 
TYR CD2  C Y N 338 
TYR CE1  C Y N 339 
TYR CE2  C Y N 340 
TYR CZ   C Y N 341 
TYR OH   O N N 342 
TYR OXT  O N N 343 
TYR H    H N N 344 
TYR H2   H N N 345 
TYR HA   H N N 346 
TYR HB2  H N N 347 
TYR HB3  H N N 348 
TYR HD1  H N N 349 
TYR HD2  H N N 350 
TYR HE1  H N N 351 
TYR HE2  H N N 352 
TYR HH   H N N 353 
TYR HXT  H N N 354 
VAL N    N N N 355 
VAL CA   C N S 356 
VAL C    C N N 357 
VAL O    O N N 358 
VAL CB   C N N 359 
VAL CG1  C N N 360 
VAL CG2  C N N 361 
VAL OXT  O N N 362 
VAL H    H N N 363 
VAL H2   H N N 364 
VAL HA   H N N 365 
VAL HB   H N N 366 
VAL HG11 H N N 367 
VAL HG12 H N N 368 
VAL HG13 H N N 369 
VAL HG21 H N N 370 
VAL HG22 H N N 371 
VAL HG23 H N N 372 
VAL HXT  H N N 373 
# 
loop_
_chem_comp_bond.comp_id 
_chem_comp_bond.atom_id_1 
_chem_comp_bond.atom_id_2 
_chem_comp_bond.value_order 
_chem_comp_bond.pdbx_aromatic_flag 
_chem_comp_bond.pdbx_stereo_config 
_chem_comp_bond.pdbx_ordinal 
ALA N   CA   sing N N 1   
ALA N   H    sing N N 2   
ALA N   H2   sing N N 3   
ALA CA  C    sing N N 4   
ALA CA  CB   sing N N 5   
ALA CA  HA   sing N N 6   
ALA C   O    doub N N 7   
ALA C   OXT  sing N N 8   
ALA CB  HB1  sing N N 9   
ALA CB  HB2  sing N N 10  
ALA CB  HB3  sing N N 11  
ALA OXT HXT  sing N N 12  
ARG N   CA   sing N N 13  
ARG N   H    sing N N 14  
ARG N   H2   sing N N 15  
ARG CA  C    sing N N 16  
ARG CA  CB   sing N N 17  
ARG CA  HA   sing N N 18  
ARG C   O    doub N N 19  
ARG C   OXT  sing N N 20  
ARG CB  CG   sing N N 21  
ARG CB  HB2  sing N N 22  
ARG CB  HB3  sing N N 23  
ARG CG  CD   sing N N 24  
ARG CG  HG2  sing N N 25  
ARG CG  HG3  sing N N 26  
ARG CD  NE   sing N N 27  
ARG CD  HD2  sing N N 28  
ARG CD  HD3  sing N N 29  
ARG NE  CZ   sing N N 30  
ARG NE  HE   sing N N 31  
ARG CZ  NH1  sing N N 32  
ARG CZ  NH2  doub N N 33  
ARG NH1 HH11 sing N N 34  
ARG NH1 HH12 sing N N 35  
ARG NH2 HH21 sing N N 36  
ARG NH2 HH22 sing N N 37  
ARG OXT HXT  sing N N 38  
ASN N   CA   sing N N 39  
ASN N   H    sing N N 40  
ASN N   H2   sing N N 41  
ASN CA  C    sing N N 42  
ASN CA  CB   sing N N 43  
ASN CA  HA   sing N N 44  
ASN C   O    doub N N 45  
ASN C   OXT  sing N N 46  
ASN CB  CG   sing N N 47  
ASN CB  HB2  sing N N 48  
ASN CB  HB3  sing N N 49  
ASN CG  OD1  doub N N 50  
ASN CG  ND2  sing N N 51  
ASN ND2 HD21 sing N N 52  
ASN ND2 HD22 sing N N 53  
ASN OXT HXT  sing N N 54  
ASP N   CA   sing N N 55  
ASP N   H    sing N N 56  
ASP N   H2   sing N N 57  
ASP CA  C    sing N N 58  
ASP CA  CB   sing N N 59  
ASP CA  HA   sing N N 60  
ASP C   O    doub N N 61  
ASP C   OXT  sing N N 62  
ASP CB  CG   sing N N 63  
ASP CB  HB2  sing N N 64  
ASP CB  HB3  sing N N 65  
ASP CG  OD1  doub N N 66  
ASP CG  OD2  sing N N 67  
ASP OD2 HD2  sing N N 68  
ASP OXT HXT  sing N N 69  
GLN N   CA   sing N N 70  
GLN N   H    sing N N 71  
GLN N   H2   sing N N 72  
GLN CA  C    sing N N 73  
GLN CA  CB   sing N N 74  
GLN CA  HA   sing N N 75  
GLN C   O    doub N N 76  
GLN C   OXT  sing N N 77  
GLN CB  CG   sing N N 78  
GLN CB  HB2  sing N N 79  
GLN CB  HB3  sing N N 80  
GLN CG  CD   sing N N 81  
GLN CG  HG2  sing N N 82  
GLN CG  HG3  sing N N 83  
GLN CD  OE1  doub N N 84  
GLN CD  NE2  sing N N 85  
GLN NE2 HE21 sing N N 86  
GLN NE2 HE22 sing N N 87  
GLN OXT HXT  sing N N 88  
GLU N   CA   sing N N 89  
GLU N   H    sing N N 90  
GLU N   H2   sing N N 91  
GLU CA  C    sing N N 92  
GLU CA  CB   sing N N 93  
GLU CA  HA   sing N N 94  
GLU C   O    doub N N 95  
GLU C   OXT  sing N N 96  
GLU CB  CG   sing N N 97  
GLU CB  HB2  sing N N 98  
GLU CB  HB3  sing N N 99  
GLU CG  CD   sing N N 100 
GLU CG  HG2  sing N N 101 
GLU CG  HG3  sing N N 102 
GLU CD  OE1  doub N N 103 
GLU CD  OE2  sing N N 104 
GLU OE2 HE2  sing N N 105 
GLU OXT HXT  sing N N 106 
GLY N   CA   sing N N 107 
GLY N   H    sing N N 108 
GLY N   H2   sing N N 109 
GLY CA  C    sing N N 110 
GLY CA  HA2  sing N N 111 
GLY CA  HA3  sing N N 112 
GLY C   O    doub N N 113 
GLY C   OXT  sing N N 114 
GLY OXT HXT  sing N N 115 
HIS N   CA   sing N N 116 
HIS N   H    sing N N 117 
HIS N   H2   sing N N 118 
HIS CA  C    sing N N 119 
HIS CA  CB   sing N N 120 
HIS CA  HA   sing N N 121 
HIS C   O    doub N N 122 
HIS C   OXT  sing N N 123 
HIS CB  CG   sing N N 124 
HIS CB  HB2  sing N N 125 
HIS CB  HB3  sing N N 126 
HIS CG  ND1  sing Y N 127 
HIS CG  CD2  doub Y N 128 
HIS ND1 CE1  doub Y N 129 
HIS ND1 HD1  sing N N 130 
HIS CD2 NE2  sing Y N 131 
HIS CD2 HD2  sing N N 132 
HIS CE1 NE2  sing Y N 133 
HIS CE1 HE1  sing N N 134 
HIS NE2 HE2  sing N N 135 
HIS OXT HXT  sing N N 136 
ILE N   CA   sing N N 137 
ILE N   H    sing N N 138 
ILE N   H2   sing N N 139 
ILE CA  C    sing N N 140 
ILE CA  CB   sing N N 141 
ILE CA  HA   sing N N 142 
ILE C   O    doub N N 143 
ILE C   OXT  sing N N 144 
ILE CB  CG1  sing N N 145 
ILE CB  CG2  sing N N 146 
ILE CB  HB   sing N N 147 
ILE CG1 CD1  sing N N 148 
ILE CG1 HG12 sing N N 149 
ILE CG1 HG13 sing N N 150 
ILE CG2 HG21 sing N N 151 
ILE CG2 HG22 sing N N 152 
ILE CG2 HG23 sing N N 153 
ILE CD1 HD11 sing N N 154 
ILE CD1 HD12 sing N N 155 
ILE CD1 HD13 sing N N 156 
ILE OXT HXT  sing N N 157 
LEU N   CA   sing N N 158 
LEU N   H    sing N N 159 
LEU N   H2   sing N N 160 
LEU CA  C    sing N N 161 
LEU CA  CB   sing N N 162 
LEU CA  HA   sing N N 163 
LEU C   O    doub N N 164 
LEU C   OXT  sing N N 165 
LEU CB  CG   sing N N 166 
LEU CB  HB2  sing N N 167 
LEU CB  HB3  sing N N 168 
LEU CG  CD1  sing N N 169 
LEU CG  CD2  sing N N 170 
LEU CG  HG   sing N N 171 
LEU CD1 HD11 sing N N 172 
LEU CD1 HD12 sing N N 173 
LEU CD1 HD13 sing N N 174 
LEU CD2 HD21 sing N N 175 
LEU CD2 HD22 sing N N 176 
LEU CD2 HD23 sing N N 177 
LEU OXT HXT  sing N N 178 
LYS N   CA   sing N N 179 
LYS N   H    sing N N 180 
LYS N   H2   sing N N 181 
LYS CA  C    sing N N 182 
LYS CA  CB   sing N N 183 
LYS CA  HA   sing N N 184 
LYS C   O    doub N N 185 
LYS C   OXT  sing N N 186 
LYS CB  CG   sing N N 187 
LYS CB  HB2  sing N N 188 
LYS CB  HB3  sing N N 189 
LYS CG  CD   sing N N 190 
LYS CG  HG2  sing N N 191 
LYS CG  HG3  sing N N 192 
LYS CD  CE   sing N N 193 
LYS CD  HD2  sing N N 194 
LYS CD  HD3  sing N N 195 
LYS CE  NZ   sing N N 196 
LYS CE  HE2  sing N N 197 
LYS CE  HE3  sing N N 198 
LYS NZ  HZ1  sing N N 199 
LYS NZ  HZ2  sing N N 200 
LYS NZ  HZ3  sing N N 201 
LYS OXT HXT  sing N N 202 
MET N   CA   sing N N 203 
MET N   H    sing N N 204 
MET N   H2   sing N N 205 
MET CA  C    sing N N 206 
MET CA  CB   sing N N 207 
MET CA  HA   sing N N 208 
MET C   O    doub N N 209 
MET C   OXT  sing N N 210 
MET CB  CG   sing N N 211 
MET CB  HB2  sing N N 212 
MET CB  HB3  sing N N 213 
MET CG  SD   sing N N 214 
MET CG  HG2  sing N N 215 
MET CG  HG3  sing N N 216 
MET SD  CE   sing N N 217 
MET CE  HE1  sing N N 218 
MET CE  HE2  sing N N 219 
MET CE  HE3  sing N N 220 
MET OXT HXT  sing N N 221 
PHE N   CA   sing N N 222 
PHE N   H    sing N N 223 
PHE N   H2   sing N N 224 
PHE CA  C    sing N N 225 
PHE CA  CB   sing N N 226 
PHE CA  HA   sing N N 227 
PHE C   O    doub N N 228 
PHE C   OXT  sing N N 229 
PHE CB  CG   sing N N 230 
PHE CB  HB2  sing N N 231 
PHE CB  HB3  sing N N 232 
PHE CG  CD1  doub Y N 233 
PHE CG  CD2  sing Y N 234 
PHE CD1 CE1  sing Y N 235 
PHE CD1 HD1  sing N N 236 
PHE CD2 CE2  doub Y N 237 
PHE CD2 HD2  sing N N 238 
PHE CE1 CZ   doub Y N 239 
PHE CE1 HE1  sing N N 240 
PHE CE2 CZ   sing Y N 241 
PHE CE2 HE2  sing N N 242 
PHE CZ  HZ   sing N N 243 
PHE OXT HXT  sing N N 244 
PRO N   CA   sing N N 245 
PRO N   CD   sing N N 246 
PRO N   H    sing N N 247 
PRO CA  C    sing N N 248 
PRO CA  CB   sing N N 249 
PRO CA  HA   sing N N 250 
PRO C   O    doub N N 251 
PRO C   OXT  sing N N 252 
PRO CB  CG   sing N N 253 
PRO CB  HB2  sing N N 254 
PRO CB  HB3  sing N N 255 
PRO CG  CD   sing N N 256 
PRO CG  HG2  sing N N 257 
PRO CG  HG3  sing N N 258 
PRO CD  HD2  sing N N 259 
PRO CD  HD3  sing N N 260 
PRO OXT HXT  sing N N 261 
SER N   CA   sing N N 262 
SER N   H    sing N N 263 
SER N   H2   sing N N 264 
SER CA  C    sing N N 265 
SER CA  CB   sing N N 266 
SER CA  HA   sing N N 267 
SER C   O    doub N N 268 
SER C   OXT  sing N N 269 
SER CB  OG   sing N N 270 
SER CB  HB2  sing N N 271 
SER CB  HB3  sing N N 272 
SER OG  HG   sing N N 273 
SER OXT HXT  sing N N 274 
THR N   CA   sing N N 275 
THR N   H    sing N N 276 
THR N   H2   sing N N 277 
THR CA  C    sing N N 278 
THR CA  CB   sing N N 279 
THR CA  HA   sing N N 280 
THR C   O    doub N N 281 
THR C   OXT  sing N N 282 
THR CB  OG1  sing N N 283 
THR CB  CG2  sing N N 284 
THR CB  HB   sing N N 285 
THR OG1 HG1  sing N N 286 
THR CG2 HG21 sing N N 287 
THR CG2 HG22 sing N N 288 
THR CG2 HG23 sing N N 289 
THR OXT HXT  sing N N 290 
TRP N   CA   sing N N 291 
TRP N   H    sing N N 292 
TRP N   H2   sing N N 293 
TRP CA  C    sing N N 294 
TRP CA  CB   sing N N 295 
TRP CA  HA   sing N N 296 
TRP C   O    doub N N 297 
TRP C   OXT  sing N N 298 
TRP CB  CG   sing N N 299 
TRP CB  HB2  sing N N 300 
TRP CB  HB3  sing N N 301 
TRP CG  CD1  doub Y N 302 
TRP CG  CD2  sing Y N 303 
TRP CD1 NE1  sing Y N 304 
TRP CD1 HD1  sing N N 305 
TRP CD2 CE2  doub Y N 306 
TRP CD2 CE3  sing Y N 307 
TRP NE1 CE2  sing Y N 308 
TRP NE1 HE1  sing N N 309 
TRP CE2 CZ2  sing Y N 310 
TRP CE3 CZ3  doub Y N 311 
TRP CE3 HE3  sing N N 312 
TRP CZ2 CH2  doub Y N 313 
TRP CZ2 HZ2  sing N N 314 
TRP CZ3 CH2  sing Y N 315 
TRP CZ3 HZ3  sing N N 316 
TRP CH2 HH2  sing N N 317 
TRP OXT HXT  sing N N 318 
TYR N   CA   sing N N 319 
TYR N   H    sing N N 320 
TYR N   H2   sing N N 321 
TYR CA  C    sing N N 322 
TYR CA  CB   sing N N 323 
TYR CA  HA   sing N N 324 
TYR C   O    doub N N 325 
TYR C   OXT  sing N N 326 
TYR CB  CG   sing N N 327 
TYR CB  HB2  sing N N 328 
TYR CB  HB3  sing N N 329 
TYR CG  CD1  doub Y N 330 
TYR CG  CD2  sing Y N 331 
TYR CD1 CE1  sing Y N 332 
TYR CD1 HD1  sing N N 333 
TYR CD2 CE2  doub Y N 334 
TYR CD2 HD2  sing N N 335 
TYR CE1 CZ   doub Y N 336 
TYR CE1 HE1  sing N N 337 
TYR CE2 CZ   sing Y N 338 
TYR CE2 HE2  sing N N 339 
TYR CZ  OH   sing N N 340 
TYR OH  HH   sing N N 341 
TYR OXT HXT  sing N N 342 
VAL N   CA   sing N N 343 
VAL N   H    sing N N 344 
VAL N   H2   sing N N 345 
VAL CA  C    sing N N 346 
VAL CA  CB   sing N N 347 
VAL CA  HA   sing N N 348 
VAL C   O    doub N N 349 
VAL C   OXT  sing N N 350 
VAL CB  CG1  sing N N 351 
VAL CB  CG2  sing N N 352 
VAL CB  HB   sing N N 353 
VAL CG1 HG11 sing N N 354 
VAL CG1 HG12 sing N N 355 
VAL CG1 HG13 sing N N 356 
VAL CG2 HG21 sing N N 357 
VAL CG2 HG22 sing N N 358 
VAL CG2 HG23 sing N N 359 
VAL OXT HXT  sing N N 360 
# 
_em_admin.current_status     REL 
_em_admin.deposition_date    2025-01-21 
_em_admin.deposition_site    RCSB 
_em_admin.entry_id           9MYG 
_em_admin.last_update        2025-11-26 
_em_admin.map_release_date   2025-11-26 
_em_admin.title              'Cryo-EM structure of Natrinema sp. J7-2 Type IV pilus, PilA1' 
# 
_em_ctf_correction.details                  ? 
_em_ctf_correction.em_image_processing_id   1 
_em_ctf_correction.id                       1 
_em_ctf_correction.type                     'PHASE FLIPPING AND AMPLITUDE CORRECTION' 
# 
_em_entity_assembly_naturalsource.cell                 ? 
_em_entity_assembly_naturalsource.cellular_location    ? 
_em_entity_assembly_naturalsource.entity_assembly_id   1 
_em_entity_assembly_naturalsource.id                   2 
_em_entity_assembly_naturalsource.ncbi_tax_id          406552 
_em_entity_assembly_naturalsource.organism             'Natrinema sp. J7-2' 
_em_entity_assembly_naturalsource.organelle            ? 
_em_entity_assembly_naturalsource.organ                ? 
_em_entity_assembly_naturalsource.strain               ? 
_em_entity_assembly_naturalsource.tissue               ? 
_em_entity_assembly_naturalsource.details              ? 
# 
_em_entity_assembly_recombinant.cell                 ? 
_em_entity_assembly_recombinant.entity_assembly_id   1 
_em_entity_assembly_recombinant.id                   2 
_em_entity_assembly_recombinant.ncbi_tax_id          406552 
_em_entity_assembly_recombinant.organism             'Natrinema sp. J7-2' 
_em_entity_assembly_recombinant.plasmid              ? 
_em_entity_assembly_recombinant.strain               ? 
# 
_em_helical_entity.id                             1 
_em_helical_entity.image_processing_id            1 
_em_helical_entity.details                        ? 
_em_helical_entity.axial_symmetry                 C1 
_em_helical_entity.angular_rotation_per_subunit   108.81 
_em_helical_entity.axial_rise_per_subunit         4.95 
# 
_em_image_processing.details              ? 
_em_image_processing.id                   1 
_em_image_processing.image_recording_id   1 
# 
_em_image_recording.average_exposure_time               ? 
_em_image_recording.avg_electron_dose_per_subtomogram   ? 
_em_image_recording.avg_electron_dose_per_image         50 
_em_image_recording.details                             ? 
_em_image_recording.detector_mode                       ? 
_em_image_recording.film_or_detector_model              'GATAN K3 (6k x 4k)' 
_em_image_recording.id                                  1 
_em_image_recording.imaging_id                          1 
_em_image_recording.num_diffraction_images              ? 
_em_image_recording.num_grids_imaged                    ? 
_em_image_recording.num_real_images                     ? 
# 
loop_
_em_software.category 
_em_software.details 
_em_software.id 
_em_software.image_processing_id 
_em_software.fitting_id 
_em_software.imaging_id 
_em_software.name 
_em_software.version 
'PARTICLE SELECTION'       ? 1  1 ? ? ?      ?            
'MODEL REFINEMENT'         ? 2  ? ? ? PHENIX 1.20.1_4487: 
'IMAGE ACQUISITION'        ? 3  ? ? 1 ?      ?            
MASKING                    ? 4  ? ? ? ?      ?            
'CTF CORRECTION'           ? 5  1 ? ? ?      ?            
'LAYERLINE INDEXING'       ? 6  ? ? ? ?      ?            
'DIFFRACTION INDEXING'     ? 7  ? ? ? ?      ?            
'MODEL FITTING'            ? 8  ? ? ? ?      ?            
OTHER                      ? 9  ? ? ? ?      ?            
'INITIAL EULER ASSIGNMENT' ? 10 1 ? ? ?      ?            
'FINAL EULER ASSIGNMENT'   ? 11 1 ? ? ?      ?            
CLASSIFICATION             ? 12 1 ? ? ?      ?            
RECONSTRUCTION             ? 13 1 ? ? ?      ?            
# 
_em_specimen.concentration           ? 
_em_specimen.details                 ? 
_em_specimen.embedding_applied       NO 
_em_specimen.experiment_id           1 
_em_specimen.id                      1 
_em_specimen.shadowing_applied       NO 
_em_specimen.staining_applied        NO 
_em_specimen.vitrification_applied   YES 
# 
_pdbx_audit_support.funding_organization   
'National Institutes of Health/National Institute of General Medical Sciences (NIH/NIGMS)' 
_pdbx_audit_support.country                'United States' 
_pdbx_audit_support.grant_number           GM122510 
_pdbx_audit_support.ordinal                1 
# 
_atom_sites.entry_id                    9MYG 
_atom_sites.Cartn_transf_matrix[1][1]   ? 
_atom_sites.Cartn_transf_matrix[1][2]   ? 
_atom_sites.Cartn_transf_matrix[1][3]   ? 
_atom_sites.Cartn_transf_matrix[2][1]   ? 
_atom_sites.Cartn_transf_matrix[2][2]   ? 
_atom_sites.Cartn_transf_matrix[2][3]   ? 
_atom_sites.Cartn_transf_matrix[3][1]   ? 
_atom_sites.Cartn_transf_matrix[3][2]   ? 
_atom_sites.Cartn_transf_matrix[3][3]   ? 
_atom_sites.Cartn_transf_vector[1]      ? 
_atom_sites.Cartn_transf_vector[2]      ? 
_atom_sites.Cartn_transf_vector[3]      ? 
_atom_sites.Cartn_transform_axes        ? 
_atom_sites.fract_transf_matrix[1][1]   1.000000 
_atom_sites.fract_transf_matrix[1][2]   0.000000 
_atom_sites.fract_transf_matrix[1][3]   0.000000 
_atom_sites.fract_transf_matrix[2][1]   0.000000 
_atom_sites.fract_transf_matrix[2][2]   1.000000 
_atom_sites.fract_transf_matrix[2][3]   0.000000 
_atom_sites.fract_transf_matrix[3][1]   0.000000 
_atom_sites.fract_transf_matrix[3][2]   0.000000 
_atom_sites.fract_transf_matrix[3][3]   1.000000 
_atom_sites.fract_transf_vector[1]      0.00000 
_atom_sites.fract_transf_vector[2]      0.00000 
_atom_sites.fract_transf_vector[3]      0.00000 
_atom_sites.solution_primary            ? 
_atom_sites.solution_secondary          ? 
_atom_sites.solution_hydrogens          ? 
_atom_sites.special_details             ? 
# 
loop_
_atom_type.symbol 
C 
H 
N 
O 
S 
# 
loop_
_atom_site.group_PDB 
_atom_site.id 
_atom_site.type_symbol 
_atom_site.label_atom_id 
_atom_site.label_alt_id 
_atom_site.label_comp_id 
_atom_site.label_asym_id 
_atom_site.label_entity_id 
_atom_site.label_seq_id 
_atom_site.pdbx_PDB_ins_code 
_atom_site.Cartn_x 
_atom_site.Cartn_y 
_atom_site.Cartn_z 
_atom_site.occupancy 
_atom_site.B_iso_or_equiv 
_atom_site.pdbx_formal_charge 
_atom_site.auth_seq_id 
_atom_site.auth_comp_id 
_atom_site.auth_asym_id 
_atom_site.auth_atom_id 
_atom_site.pdbx_PDB_model_num 
ATOM 1    N N    . VAL A 1 19  ? -56.153 -0.520  32.195  1.00 93.50 ? 19  VAL A N    1 
ATOM 2    C CA   . VAL A 1 19  ? -54.845 -0.534  32.905  1.00 93.50 ? 19  VAL A CA   1 
ATOM 3    C C    . VAL A 1 19  ? -53.805 -1.257  32.059  1.00 93.50 ? 19  VAL A C    1 
ATOM 4    O O    . VAL A 1 19  ? -52.630 -0.888  32.052  1.00 93.50 ? 19  VAL A O    1 
ATOM 5    C CB   . VAL A 1 19  ? -54.969 -1.195  34.289  1.00 93.50 ? 19  VAL A CB   1 
ATOM 6    C CG1  . VAL A 1 19  ? -53.612 -1.247  34.977  1.00 93.50 ? 19  VAL A CG1  1 
ATOM 7    C CG2  . VAL A 1 19  ? -55.980 -0.451  35.145  1.00 93.50 ? 19  VAL A CG2  1 
ATOM 8    H H    . VAL A 1 19  ? -56.042 -0.193  31.374  1.00 93.50 ? 19  VAL A H    1 
ATOM 9    H HA   . VAL A 1 19  ? -54.545 0.379   33.034  1.00 93.50 ? 19  VAL A HA   1 
ATOM 10   H HB   . VAL A 1 19  ? -55.282 -2.106  34.177  1.00 93.50 ? 19  VAL A HB   1 
ATOM 11   H HG11 . VAL A 1 19  ? -53.728 -1.037  35.917  1.00 93.50 ? 19  VAL A HG11 1 
ATOM 12   H HG12 . VAL A 1 19  ? -53.020 -0.598  34.565  1.00 93.50 ? 19  VAL A HG12 1 
ATOM 13   H HG13 . VAL A 1 19  ? -53.245 -2.140  34.883  1.00 93.50 ? 19  VAL A HG13 1 
ATOM 14   H HG21 . VAL A 1 19  ? -56.011 -0.859  36.025  1.00 93.50 ? 19  VAL A HG21 1 
ATOM 15   H HG22 . VAL A 1 19  ? -55.708 0.477   35.219  1.00 93.50 ? 19  VAL A HG22 1 
ATOM 16   H HG23 . VAL A 1 19  ? -56.853 -0.507  34.725  1.00 93.50 ? 19  VAL A HG23 1 
ATOM 17   N N    . SER A 1 20  ? -54.244 -2.292  31.346  1.00 93.34 ? 20  SER A N    1 
ATOM 18   C CA   . SER A 1 20  ? -53.329 -3.092  30.534  1.00 93.34 ? 20  SER A CA   1 
ATOM 19   C C    . SER A 1 20  ? -52.574 -2.275  29.496  1.00 93.34 ? 20  SER A C    1 
ATOM 20   O O    . SER A 1 20  ? -51.338 -2.392  29.434  1.00 93.34 ? 20  SER A O    1 
ATOM 21   C CB   . SER A 1 20  ? -54.118 -4.223  29.861  1.00 93.34 ? 20  SER A CB   1 
ATOM 22   O OG   . SER A 1 20  ? -53.264 -5.041  29.080  1.00 93.34 ? 20  SER A OG   1 
ATOM 23   H H    . SER A 1 20  ? -55.064 -2.552  31.314  1.00 93.34 ? 20  SER A H    1 
ATOM 24   H HA   . SER A 1 20  ? -52.673 -3.500  31.120  1.00 93.34 ? 20  SER A HA   1 
ATOM 25   H HB2  . SER A 1 20  ? -54.534 -4.768  30.547  1.00 93.34 ? 20  SER A HB2  1 
ATOM 26   H HB3  . SER A 1 20  ? -54.798 -3.838  29.287  1.00 93.34 ? 20  SER A HB3  1 
ATOM 27   H HG   . SER A 1 20  ? -53.709 -5.655  28.717  1.00 93.34 ? 20  SER A HG   1 
ATOM 28   N N    . PRO A 1 21  ? -53.216 -1.449  28.663  1.00 92.23 ? 21  PRO A N    1 
ATOM 29   C CA   . PRO A 1 21  ? -52.451 -0.706  27.648  1.00 92.23 ? 21  PRO A CA   1 
ATOM 30   C C    . PRO A 1 21  ? -51.434 0.261   28.227  1.00 92.23 ? 21  PRO A C    1 
ATOM 31   O O    . PRO A 1 21  ? -50.412 0.510   27.579  1.00 92.23 ? 21  PRO A O    1 
ATOM 32   C CB   . PRO A 1 21  ? -53.539 0.030   26.853  1.00 92.23 ? 21  PRO A CB   1 
ATOM 33   C CG   . PRO A 1 21  ? -54.702 0.102   27.770  1.00 92.23 ? 21  PRO A CG   1 
ATOM 34   C CD   . PRO A 1 21  ? -54.657 -1.153  28.584  1.00 92.23 ? 21  PRO A CD   1 
ATOM 35   H HA   . PRO A 1 21  ? -51.996 -1.326  27.057  1.00 92.23 ? 21  PRO A HA   1 
ATOM 36   H HB2  . PRO A 1 21  ? -53.229 0.920   26.621  1.00 92.23 ? 21  PRO A HB2  1 
ATOM 37   H HB3  . PRO A 1 21  ? -53.761 -0.476  26.056  1.00 92.23 ? 21  PRO A HB3  1 
ATOM 38   H HG2  . PRO A 1 21  ? -54.618 0.882   28.341  1.00 92.23 ? 21  PRO A HG2  1 
ATOM 39   H HG3  . PRO A 1 21  ? -55.522 0.143   27.253  1.00 92.23 ? 21  PRO A HG3  1 
ATOM 40   H HD2  . PRO A 1 21  ? -55.027 -0.987  29.463  1.00 92.23 ? 21  PRO A HD2  1 
ATOM 41   H HD3  . PRO A 1 21  ? -55.126 -1.869  28.128  1.00 92.23 ? 21  PRO A HD3  1 
ATOM 42   N N    . VAL A 1 22  ? -51.667 0.811   29.420  1.00 91.28 ? 22  VAL A N    1 
ATOM 43   C CA   . VAL A 1 22  ? -50.713 1.756   29.995  1.00 91.28 ? 22  VAL A CA   1 
ATOM 44   C C    . VAL A 1 22  ? -49.435 1.038   30.416  1.00 91.28 ? 22  VAL A C    1 
ATOM 45   O O    . VAL A 1 22  ? -48.321 1.514   30.159  1.00 91.28 ? 22  VAL A O    1 
ATOM 46   C CB   . VAL A 1 22  ? -51.355 2.506   31.175  1.00 91.28 ? 22  VAL A CB   1 
ATOM 47   C CG1  . VAL A 1 22  ? -50.415 3.584   31.693  1.00 91.28 ? 22  VAL A CG1  1 
ATOM 48   C CG2  . VAL A 1 22  ? -52.691 3.110   30.758  1.00 91.28 ? 22  VAL A CG2  1 
ATOM 49   H H    . VAL A 1 22  ? -52.358 0.654   29.908  1.00 91.28 ? 22  VAL A H    1 
ATOM 50   H HA   . VAL A 1 22  ? -50.477 2.410   29.318  1.00 91.28 ? 22  VAL A HA   1 
ATOM 51   H HB   . VAL A 1 22  ? -51.521 1.880   31.896  1.00 91.28 ? 22  VAL A HB   1 
ATOM 52   H HG11 . VAL A 1 22  ? -50.920 4.398   31.846  1.00 91.28 ? 22  VAL A HG11 1 
ATOM 53   H HG12 . VAL A 1 22  ? -49.723 3.745   31.032  1.00 91.28 ? 22  VAL A HG12 1 
ATOM 54   H HG13 . VAL A 1 22  ? -50.017 3.281   32.524  1.00 91.28 ? 22  VAL A HG13 1 
ATOM 55   H HG21 . VAL A 1 22  ? -53.025 3.667   31.479  1.00 91.28 ? 22  VAL A HG21 1 
ATOM 56   H HG22 . VAL A 1 22  ? -52.560 3.645   29.960  1.00 91.28 ? 22  VAL A HG22 1 
ATOM 57   H HG23 . VAL A 1 22  ? -53.320 2.395   30.578  1.00 91.28 ? 22  VAL A HG23 1 
ATOM 58   N N    . ILE A 1 23  ? -49.572 -0.115  31.073  1.00 91.14 ? 23  ILE A N    1 
ATOM 59   C CA   . ILE A 1 23  ? -48.396 -0.896  31.443  1.00 91.14 ? 23  ILE A CA   1 
ATOM 60   C C    . ILE A 1 23  ? -47.668 -1.370  30.192  1.00 91.14 ? 23  ILE A C    1 
ATOM 61   O O    . ILE A 1 23  ? -46.431 -1.410  30.150  1.00 91.14 ? 23  ILE A O    1 
ATOM 62   C CB   . ILE A 1 23  ? -48.804 -2.074  32.346  1.00 91.14 ? 23  ILE A CB   1 
ATOM 63   C CG1  . ILE A 1 23  ? -49.475 -1.550  33.620  1.00 91.14 ? 23  ILE A CG1  1 
ATOM 64   C CG2  . ILE A 1 23  ? -47.588 -2.926  32.696  1.00 91.14 ? 23  ILE A CG2  1 
ATOM 65   C CD1  . ILE A 1 23  ? -49.995 -2.636  34.540  1.00 91.14 ? 23  ILE A CD1  1 
ATOM 66   H H    . ILE A 1 23  ? -50.322 -0.460  31.312  1.00 91.14 ? 23  ILE A H    1 
ATOM 67   H HA   . ILE A 1 23  ? -47.789 -0.331  31.946  1.00 91.14 ? 23  ILE A HA   1 
ATOM 68   H HB   . ILE A 1 23  ? -49.441 -2.626  31.866  1.00 91.14 ? 23  ILE A HB   1 
ATOM 69   H HG12 . ILE A 1 23  ? -48.830 -1.024  34.117  1.00 91.14 ? 23  ILE A HG12 1 
ATOM 70   H HG13 . ILE A 1 23  ? -50.230 -0.993  33.371  1.00 91.14 ? 23  ILE A HG13 1 
ATOM 71   H HG21 . ILE A 1 23  ? -47.238 -3.331  31.889  1.00 91.14 ? 23  ILE A HG21 1 
ATOM 72   H HG22 . ILE A 1 23  ? -46.914 -2.359  33.102  1.00 91.14 ? 23  ILE A HG22 1 
ATOM 73   H HG23 . ILE A 1 23  ? -47.853 -3.620  33.318  1.00 91.14 ? 23  ILE A HG23 1 
ATOM 74   H HD11 . ILE A 1 23  ? -49.246 -3.056  34.989  1.00 91.14 ? 23  ILE A HD11 1 
ATOM 75   H HD12 . ILE A 1 23  ? -50.477 -3.292  34.012  1.00 91.14 ? 23  ILE A HD12 1 
ATOM 76   H HD13 . ILE A 1 23  ? -50.588 -2.234  35.194  1.00 91.14 ? 23  ILE A HD13 1 
ATOM 77   N N    . GLY A 1 24  ? -48.422 -1.737  29.155  1.00 91.19 ? 24  GLY A N    1 
ATOM 78   C CA   . GLY A 1 24  ? -47.798 -2.093  27.893  1.00 91.19 ? 24  GLY A CA   1 
ATOM 79   C C    . GLY A 1 24  ? -47.007 -0.947  27.303  1.00 91.19 ? 24  GLY A C    1 
ATOM 80   O O    . GLY A 1 24  ? -45.915 -1.140  26.766  1.00 91.19 ? 24  GLY A O    1 
ATOM 81   H H    . GLY A 1 24  ? -49.281 -1.789  29.162  1.00 91.19 ? 24  GLY A H    1 
ATOM 82   H HA2  . GLY A 1 24  ? -47.199 -2.844  28.029  1.00 91.19 ? 24  GLY A HA2  1 
ATOM 83   H HA3  . GLY A 1 24  ? -48.482 -2.355  27.257  1.00 91.19 ? 24  GLY A HA3  1 
ATOM 84   N N    . VAL A 1 25  ? -47.547 0.269   27.395  1.00 90.53 ? 25  VAL A N    1 
ATOM 85   C CA   . VAL A 1 25  ? -46.833 1.442   26.898  1.00 90.53 ? 25  VAL A CA   1 
ATOM 86   C C    . VAL A 1 25  ? -45.549 1.654   27.688  1.00 90.53 ? 25  VAL A C    1 
ATOM 87   O O    . VAL A 1 25  ? -44.501 1.977   27.119  1.00 90.53 ? 25  VAL A O    1 
ATOM 88   C CB   . VAL A 1 25  ? -47.741 2.684   26.950  1.00 90.53 ? 25  VAL A CB   1 
ATOM 89   C CG1  . VAL A 1 25  ? -46.918 3.954   26.792  1.00 90.53 ? 25  VAL A CG1  1 
ATOM 90   C CG2  . VAL A 1 25  ? -48.805 2.608   25.867  1.00 90.53 ? 25  VAL A CG2  1 
ATOM 91   H H    . VAL A 1 25  ? -48.318 0.440   27.739  1.00 90.53 ? 25  VAL A H    1 
ATOM 92   H HA   . VAL A 1 25  ? -46.590 1.290   25.971  1.00 90.53 ? 25  VAL A HA   1 
ATOM 93   H HB   . VAL A 1 25  ? -48.187 2.718   27.811  1.00 90.53 ? 25  VAL A HB   1 
ATOM 94   H HG11 . VAL A 1 25  ? -47.475 4.639   26.392  1.00 90.53 ? 25  VAL A HG11 1 
ATOM 95   H HG12 . VAL A 1 25  ? -46.157 3.774   26.217  1.00 90.53 ? 25  VAL A HG12 1 
ATOM 96   H HG13 . VAL A 1 25  ? -46.616 4.247   27.667  1.00 90.53 ? 25  VAL A HG13 1 
ATOM 97   H HG21 . VAL A 1 25  ? -48.384 2.741   25.004  1.00 90.53 ? 25  VAL A HG21 1 
ATOM 98   H HG22 . VAL A 1 25  ? -49.464 3.302   26.026  1.00 90.53 ? 25  VAL A HG22 1 
ATOM 99   H HG23 . VAL A 1 25  ? -49.228 1.737   25.899  1.00 90.53 ? 25  VAL A HG23 1 
ATOM 100  N N    . ILE A 1 26  ? -45.611 1.491   29.010  1.00 90.32 ? 26  ILE A N    1 
ATOM 101  C CA   . ILE A 1 26  ? -44.414 1.662   29.833  1.00 90.32 ? 26  ILE A CA   1 
ATOM 102  C C    . ILE A 1 26  ? -43.347 0.644   29.435  1.00 90.32 ? 26  ILE A C    1 
ATOM 103  O O    . ILE A 1 26  ? -42.164 0.979   29.268  1.00 90.32 ? 26  ILE A O    1 
ATOM 104  C CB   . ILE A 1 26  ? -44.771 1.550   31.327  1.00 90.32 ? 26  ILE A CB   1 
ATOM 105  C CG1  . ILE A 1 26  ? -45.689 2.704   31.741  1.00 90.32 ? 26  ILE A CG1  1 
ATOM 106  C CG2  . ILE A 1 26  ? -43.509 1.552   32.178  1.00 90.32 ? 26  ILE A CG2  1 
ATOM 107  C CD1  . ILE A 1 26  ? -46.403 2.477   33.059  1.00 90.32 ? 26  ILE A CD1  1 
ATOM 108  H H    . ILE A 1 26  ? -46.322 1.285   29.449  1.00 90.32 ? 26  ILE A H    1 
ATOM 109  H HA   . ILE A 1 26  ? -44.051 2.549   29.680  1.00 90.32 ? 26  ILE A HA   1 
ATOM 110  H HB   . ILE A 1 26  ? -45.241 0.715   31.471  1.00 90.32 ? 26  ILE A HB   1 
ATOM 111  H HG12 . ILE A 1 26  ? -45.157 3.510   31.829  1.00 90.32 ? 26  ILE A HG12 1 
ATOM 112  H HG13 . ILE A 1 26  ? -46.366 2.829   31.058  1.00 90.32 ? 26  ILE A HG13 1 
ATOM 113  H HG21 . ILE A 1 26  ? -43.750 1.727   33.100  1.00 90.32 ? 26  ILE A HG21 1 
ATOM 114  H HG22 . ILE A 1 26  ? -43.078 0.686   32.109  1.00 90.32 ? 26  ILE A HG22 1 
ATOM 115  H HG23 . ILE A 1 26  ? -42.913 2.246   31.856  1.00 90.32 ? 26  ILE A HG23 1 
ATOM 116  H HD11 . ILE A 1 26  ? -47.045 3.191   33.194  1.00 90.32 ? 26  ILE A HD11 1 
ATOM 117  H HD12 . ILE A 1 26  ? -45.753 2.478   33.777  1.00 90.32 ? 26  ILE A HD12 1 
ATOM 118  H HD13 . ILE A 1 26  ? -46.861 1.622   33.026  1.00 90.32 ? 26  ILE A HD13 1 
ATOM 119  N N    . LEU A 1 27  ? -43.753 -0.617  29.276  1.00 89.72 ? 27  LEU A N    1 
ATOM 120  C CA   . LEU A 1 27  ? -42.801 -1.658  28.900  1.00 89.72 ? 27  LEU A CA   1 
ATOM 121  C C    . LEU A 1 27  ? -42.223 -1.401  27.513  1.00 89.72 ? 27  LEU A C    1 
ATOM 122  O O    . LEU A 1 27  ? -41.025 -1.610  27.280  1.00 89.72 ? 27  LEU A O    1 
ATOM 123  C CB   . LEU A 1 27  ? -43.477 -3.027  28.960  1.00 89.72 ? 27  LEU A CB   1 
ATOM 124  C CG   . LEU A 1 27  ? -43.821 -3.527  30.366  1.00 89.72 ? 27  LEU A CG   1 
ATOM 125  C CD1  . LEU A 1 27  ? -44.796 -4.689  30.295  1.00 89.72 ? 27  LEU A CD1  1 
ATOM 126  C CD2  . LEU A 1 27  ? -42.568 -3.930  31.124  1.00 89.72 ? 27  LEU A CD2  1 
ATOM 127  H H    . LEU A 1 27  ? -44.562 -0.890  29.378  1.00 89.72 ? 27  LEU A H    1 
ATOM 128  H HA   . LEU A 1 27  ? -42.066 -1.657  29.534  1.00 89.72 ? 27  LEU A HA   1 
ATOM 129  H HB2  . LEU A 1 27  ? -44.305 -2.984  28.456  1.00 89.72 ? 27  LEU A HB2  1 
ATOM 130  H HB3  . LEU A 1 27  ? -42.886 -3.680  28.557  1.00 89.72 ? 27  LEU A HB3  1 
ATOM 131  H HG   . LEU A 1 27  ? -44.249 -2.809  30.860  1.00 89.72 ? 27  LEU A HG   1 
ATOM 132  H HD11 . LEU A 1 27  ? -44.996 -4.987  31.197  1.00 89.72 ? 27  LEU A HD11 1 
ATOM 133  H HD12 . LEU A 1 27  ? -45.609 -4.393  29.858  1.00 89.72 ? 27  LEU A HD12 1 
ATOM 134  H HD13 . LEU A 1 27  ? -44.390 -5.410  29.790  1.00 89.72 ? 27  LEU A HD13 1 
ATOM 135  H HD21 . LEU A 1 27  ? -42.019 -3.145  31.271  1.00 89.72 ? 27  LEU A HD21 1 
ATOM 136  H HD22 . LEU A 1 27  ? -42.828 -4.316  31.976  1.00 89.72 ? 27  LEU A HD22 1 
ATOM 137  H HD23 . LEU A 1 27  ? -42.081 -4.586  30.600  1.00 89.72 ? 27  LEU A HD23 1 
ATOM 138  N N    . MET A 1 28  ? -43.061 -0.951  26.576  1.00 92.27 ? 28  MET A N    1 
ATOM 139  C CA   . MET A 1 28  ? -42.575 -0.626  25.242  1.00 92.27 ? 28  MET A CA   1 
ATOM 140  C C    . MET A 1 28  ? -41.602 0.543   25.276  1.00 92.27 ? 28  MET A C    1 
ATOM 141  O O    . MET A 1 28  ? -40.637 0.562   24.509  1.00 92.27 ? 28  MET A O    1 
ATOM 142  C CB   . MET A 1 28  ? -43.751 -0.305  24.316  1.00 92.27 ? 28  MET A CB   1 
ATOM 143  C CG   . MET A 1 28  ? -43.647 -0.866  22.894  1.00 92.27 ? 28  MET A CG   1 
ATOM 144  S SD   . MET A 1 28  ? -43.025 -2.557  22.725  1.00 92.27 ? 28  MET A SD   1 
ATOM 145  C CE   . MET A 1 28  ? -43.710 -3.358  24.179  1.00 92.27 ? 28  MET A CE   1 
ATOM 146  H H    . MET A 1 28  ? -43.904 -0.831  26.689  1.00 92.27 ? 28  MET A H    1 
ATOM 147  H HA   . MET A 1 28  ? -42.092 -1.387  24.895  1.00 92.27 ? 28  MET A HA   1 
ATOM 148  H HB2  . MET A 1 28  ? -44.560 -0.671  24.708  1.00 92.27 ? 28  MET A HB2  1 
ATOM 149  H HB3  . MET A 1 28  ? -43.833 0.659   24.246  1.00 92.27 ? 28  MET A HB3  1 
ATOM 150  H HG2  . MET A 1 28  ? -44.531 -0.846  22.496  1.00 92.27 ? 28  MET A HG2  1 
ATOM 151  H HG3  . MET A 1 28  ? -43.055 -0.290  22.385  1.00 92.27 ? 28  MET A HG3  1 
ATOM 152  H HE1  . MET A 1 28  ? -43.123 -3.225  24.938  1.00 92.27 ? 28  MET A HE1  1 
ATOM 153  H HE2  . MET A 1 28  ? -43.794 -4.307  24.000  1.00 92.27 ? 28  MET A HE2  1 
ATOM 154  H HE3  . MET A 1 28  ? -44.583 -2.981  24.365  1.00 92.27 ? 28  MET A HE3  1 
ATOM 155  N N    . VAL A 1 29  ? -41.835 1.525   26.148  1.00 90.76 ? 29  VAL A N    1 
ATOM 156  C CA   . VAL A 1 29  ? -40.891 2.629   26.291  1.00 90.76 ? 29  VAL A CA   1 
ATOM 157  C C    . VAL A 1 29  ? -39.553 2.115   26.805  1.00 90.76 ? 29  VAL A C    1 
ATOM 158  O O    . VAL A 1 29  ? -38.485 2.531   26.335  1.00 90.76 ? 29  VAL A O    1 
ATOM 159  C CB   . VAL A 1 29  ? -41.475 3.712   27.218  1.00 90.76 ? 29  VAL A CB   1 
ATOM 160  C CG1  . VAL A 1 29  ? -40.388 4.681   27.656  1.00 90.76 ? 29  VAL A CG1  1 
ATOM 161  C CG2  . VAL A 1 29  ? -42.603 4.451   26.519  1.00 90.76 ? 29  VAL A CG2  1 
ATOM 162  H H    . VAL A 1 29  ? -42.524 1.573   26.660  1.00 90.76 ? 29  VAL A H    1 
ATOM 163  H HA   . VAL A 1 29  ? -40.741 3.030   25.421  1.00 90.76 ? 29  VAL A HA   1 
ATOM 164  H HB   . VAL A 1 29  ? -41.838 3.288   28.012  1.00 90.76 ? 29  VAL A HB   1 
ATOM 165  H HG11 . VAL A 1 29  ? -40.794 5.546   27.827  1.00 90.76 ? 29  VAL A HG11 1 
ATOM 166  H HG12 . VAL A 1 29  ? -39.727 4.762   26.951  1.00 90.76 ? 29  VAL A HG12 1 
ATOM 167  H HG13 . VAL A 1 29  ? -39.975 4.348   28.468  1.00 90.76 ? 29  VAL A HG13 1 
ATOM 168  H HG21 . VAL A 1 29  ? -43.052 5.022   27.162  1.00 90.76 ? 29  VAL A HG21 1 
ATOM 169  H HG22 . VAL A 1 29  ? -42.230 4.988   25.803  1.00 90.76 ? 29  VAL A HG22 1 
ATOM 170  H HG23 . VAL A 1 29  ? -43.228 3.805   26.157  1.00 90.76 ? 29  VAL A HG23 1 
ATOM 171  N N    . ALA A 1 30  ? -39.586 1.213   27.788  1.00 89.43 ? 30  ALA A N    1 
ATOM 172  C CA   . ALA A 1 30  ? -38.336 0.640   28.286  1.00 89.43 ? 30  ALA A CA   1 
ATOM 173  C C    . ALA A 1 30  ? -37.599 -0.108  27.179  1.00 89.43 ? 30  ALA A C    1 
ATOM 174  O O    . ALA A 1 30  ? -36.375 0.022   27.029  1.00 89.43 ? 30  ALA A O    1 
ATOM 175  C CB   . ALA A 1 30  ? -38.619 -0.288  29.467  1.00 89.43 ? 30  ALA A CB   1 
ATOM 176  H H    . ALA A 1 30  ? -40.298 0.921   28.172  1.00 89.43 ? 30  ALA A H    1 
ATOM 177  H HA   . ALA A 1 30  ? -37.763 1.357   28.597  1.00 89.43 ? 30  ALA A HA   1 
ATOM 178  H HB1  . ALA A 1 30  ? -39.040 0.224   30.175  1.00 89.43 ? 30  ALA A HB1  1 
ATOM 179  H HB2  . ALA A 1 30  ? -39.209 -1.000  29.177  1.00 89.43 ? 30  ALA A HB2  1 
ATOM 180  H HB3  . ALA A 1 30  ? -37.780 -0.660  29.782  1.00 89.43 ? 30  ALA A HB3  1 
ATOM 181  N N    . ILE A 1 31  ? -38.333 -0.892  26.387  1.00 90.27 ? 31  ILE A N    1 
ATOM 182  C CA   . ILE A 1 31  ? -37.714 -1.621  25.283  1.00 90.27 ? 31  ILE A CA   1 
ATOM 183  C C    . ILE A 1 31  ? -37.141 -0.648  24.260  1.00 90.27 ? 31  ILE A C    1 
ATOM 184  O O    . ILE A 1 31  ? -36.085 -0.899  23.668  1.00 90.27 ? 31  ILE A O    1 
ATOM 185  C CB   . ILE A 1 31  ? -38.731 -2.582  24.642  1.00 90.27 ? 31  ILE A CB   1 
ATOM 186  C CG1  . ILE A 1 31  ? -39.041 -3.733  25.600  1.00 90.27 ? 31  ILE A CG1  1 
ATOM 187  C CG2  . ILE A 1 31  ? -38.196 -3.116  23.321  1.00 90.27 ? 31  ILE A CG2  1 
ATOM 188  C CD1  . ILE A 1 31  ? -40.309 -4.484  25.264  1.00 90.27 ? 31  ILE A CD1  1 
ATOM 189  H H    . ILE A 1 31  ? -39.179 -1.019  26.469  1.00 90.27 ? 31  ILE A H    1 
ATOM 190  H HA   . ILE A 1 31  ? -36.981 -2.152  25.630  1.00 90.27 ? 31  ILE A HA   1 
ATOM 191  H HB   . ILE A 1 31  ? -39.551 -2.094  24.468  1.00 90.27 ? 31  ILE A HB   1 
ATOM 192  H HG12 . ILE A 1 31  ? -38.308 -4.367  25.575  1.00 90.27 ? 31  ILE A HG12 1 
ATOM 193  H HG13 . ILE A 1 31  ? -39.137 -3.377  26.497  1.00 90.27 ? 31  ILE A HG13 1 
ATOM 194  H HG21 . ILE A 1 31  ? -38.691 -3.914  23.076  1.00 90.27 ? 31  ILE A HG21 1 
ATOM 195  H HG22 . ILE A 1 31  ? -37.255 -3.330  23.426  1.00 90.27 ? 31  ILE A HG22 1 
ATOM 196  H HG23 . ILE A 1 31  ? -38.305 -2.438  22.636  1.00 90.27 ? 31  ILE A HG23 1 
ATOM 197  H HD11 . ILE A 1 31  ? -40.427 -5.205  25.902  1.00 90.27 ? 31  ILE A HD11 1 
ATOM 198  H HD12 . ILE A 1 31  ? -41.058 -3.871  25.317  1.00 90.27 ? 31  ILE A HD12 1 
ATOM 199  H HD13 . ILE A 1 31  ? -40.238 -4.845  24.368  1.00 90.27 ? 31  ILE A HD13 1 
ATOM 200  N N    . THR A 1 32  ? -37.833 0.467   24.024  1.00 90.71 ? 32  THR A N    1 
ATOM 201  C CA   . THR A 1 32  ? -37.333 1.472   23.092  1.00 90.71 ? 32  THR A CA   1 
ATOM 202  C C    . THR A 1 32  ? -36.025 2.070   23.587  1.00 90.71 ? 32  THR A C    1 
ATOM 203  O O    . THR A 1 32  ? -35.090 2.276   22.806  1.00 90.71 ? 32  THR A O    1 
ATOM 204  C CB   . THR A 1 32  ? -38.381 2.569   22.894  1.00 90.71 ? 32  THR A CB   1 
ATOM 205  O OG1  . THR A 1 32  ? -39.603 1.988   22.423  1.00 90.71 ? 32  THR A OG1  1 
ATOM 206  C CG2  . THR A 1 32  ? -37.892 3.603   21.891  1.00 90.71 ? 32  THR A CG2  1 
ATOM 207  H H    . THR A 1 32  ? -38.587 0.662   24.388  1.00 90.71 ? 32  THR A H    1 
ATOM 208  H HA   . THR A 1 32  ? -37.168 1.054   22.233  1.00 90.71 ? 32  THR A HA   1 
ATOM 209  H HB   . THR A 1 32  ? -38.542 3.015   23.740  1.00 90.71 ? 32  THR A HB   1 
ATOM 210  H HG1  . THR A 1 32  ? -39.906 1.451   22.993  1.00 90.71 ? 32  THR A HG1  1 
ATOM 211  H HG21 . THR A 1 32  ? -38.623 4.190   21.641  1.00 90.71 ? 32  THR A HG21 1 
ATOM 212  H HG22 . THR A 1 32  ? -37.182 4.137   22.280  1.00 90.71 ? 32  THR A HG22 1 
ATOM 213  H HG23 . THR A 1 32  ? -37.559 3.161   21.095  1.00 90.71 ? 32  THR A HG23 1 
ATOM 214  N N    . VAL A 1 33  ? -35.943 2.364   24.885  1.00 91.18 ? 33  VAL A N    1 
ATOM 215  C CA   . VAL A 1 33  ? -34.698 2.891   25.441  1.00 91.18 ? 33  VAL A CA   1 
ATOM 216  C C    . VAL A 1 33  ? -33.573 1.878   25.272  1.00 91.18 ? 33  VAL A C    1 
ATOM 217  O O    . VAL A 1 33  ? -32.449 2.230   24.884  1.00 91.18 ? 33  VAL A O    1 
ATOM 218  C CB   . VAL A 1 33  ? -34.890 3.281   26.919  1.00 91.18 ? 33  VAL A CB   1 
ATOM 219  C CG1  . VAL A 1 33  ? -33.569 3.726   27.526  1.00 91.18 ? 33  VAL A CG1  1 
ATOM 220  C CG2  . VAL A 1 33  ? -35.925 4.386   27.047  1.00 91.18 ? 33  VAL A CG2  1 
ATOM 221  H H    . VAL A 1 33  ? -36.580 2.271   25.455  1.00 91.18 ? 33  VAL A H    1 
ATOM 222  H HA   . VAL A 1 33  ? -34.451 3.693   24.953  1.00 91.18 ? 33  VAL A HA   1 
ATOM 223  H HB   . VAL A 1 33  ? -35.207 2.509   27.415  1.00 91.18 ? 33  VAL A HB   1 
ATOM 224  H HG11 . VAL A 1 33  ? -33.747 4.181   28.365  1.00 91.18 ? 33  VAL A HG11 1 
ATOM 225  H HG12 . VAL A 1 33  ? -33.012 2.948   27.686  1.00 91.18 ? 33  VAL A HG12 1 
ATOM 226  H HG13 . VAL A 1 33  ? -33.127 4.333   26.912  1.00 91.18 ? 33  VAL A HG13 1 
ATOM 227  H HG21 . VAL A 1 33  ? -36.092 4.553   27.988  1.00 91.18 ? 33  VAL A HG21 1 
ATOM 228  H HG22 . VAL A 1 33  ? -35.581 5.189   26.626  1.00 91.18 ? 33  VAL A HG22 1 
ATOM 229  H HG23 . VAL A 1 33  ? -36.745 4.109   26.610  1.00 91.18 ? 33  VAL A HG23 1 
ATOM 230  N N    . ILE A 1 34  ? -33.853 0.605   25.554  1.00 90.07 ? 34  ILE A N    1 
ATOM 231  C CA   . ILE A 1 34  ? -32.819 -0.419  25.424  1.00 90.07 ? 34  ILE A CA   1 
ATOM 232  C C    . ILE A 1 34  ? -32.364 -0.543  23.973  1.00 90.07 ? 34  ILE A C    1 
ATOM 233  O O    . ILE A 1 34  ? -31.164 -0.666  23.690  1.00 90.07 ? 34  ILE A O    1 
ATOM 234  C CB   . ILE A 1 34  ? -33.326 -1.761  25.978  1.00 90.07 ? 34  ILE A CB   1 
ATOM 235  C CG1  . ILE A 1 34  ? -33.527 -1.666  27.492  1.00 90.07 ? 34  ILE A CG1  1 
ATOM 236  C CG2  . ILE A 1 34  ? -32.346 -2.876  25.648  1.00 90.07 ? 34  ILE A CG2  1 
ATOM 237  C CD1  . ILE A 1 34  ? -34.452 -2.722  28.054  1.00 90.07 ? 34  ILE A CD1  1 
ATOM 238  H H    . ILE A 1 34  ? -34.619 0.314   25.818  1.00 90.07 ? 34  ILE A H    1 
ATOM 239  H HA   . ILE A 1 34  ? -32.050 -0.152  25.953  1.00 90.07 ? 34  ILE A HA   1 
ATOM 240  H HB   . ILE A 1 34  ? -34.179 -1.966  25.563  1.00 90.07 ? 34  ILE A HB   1 
ATOM 241  H HG12 . ILE A 1 34  ? -32.666 -1.765  27.928  1.00 90.07 ? 34  ILE A HG12 1 
ATOM 242  H HG13 . ILE A 1 34  ? -33.905 -0.798  27.705  1.00 90.07 ? 34  ILE A HG13 1 
ATOM 243  H HG21 . ILE A 1 34  ? -32.522 -3.634  26.226  1.00 90.07 ? 34  ILE A HG21 1 
ATOM 244  H HG22 . ILE A 1 34  ? -32.460 -3.137  24.720  1.00 90.07 ? 34  ILE A HG22 1 
ATOM 245  H HG23 . ILE A 1 34  ? -31.442 -2.554  25.793  1.00 90.07 ? 34  ILE A HG23 1 
ATOM 246  H HD11 . ILE A 1 34  ? -34.574 -2.561  29.003  1.00 90.07 ? 34  ILE A HD11 1 
ATOM 247  H HD12 . ILE A 1 34  ? -35.306 -2.669  27.597  1.00 90.07 ? 34  ILE A HD12 1 
ATOM 248  H HD13 . ILE A 1 34  ? -34.056 -3.597  27.915  1.00 90.07 ? 34  ILE A HD13 1 
ATOM 249  N N    . LEU A 1 35  ? -33.309 -0.523  23.031  1.00 90.23 ? 35  LEU A N    1 
ATOM 250  C CA   . LEU A 1 35  ? -32.952 -0.643  21.621  1.00 90.23 ? 35  LEU A CA   1 
ATOM 251  C C    . LEU A 1 35  ? -32.160 0.568   21.147  1.00 90.23 ? 35  LEU A C    1 
ATOM 252  O O    . LEU A 1 35  ? -31.241 0.435   20.332  1.00 90.23 ? 35  LEU A O    1 
ATOM 253  C CB   . LEU A 1 35  ? -34.213 -0.827  20.776  1.00 90.23 ? 35  LEU A CB   1 
ATOM 254  C CG   . LEU A 1 35  ? -33.995 -1.062  19.279  1.00 90.23 ? 35  LEU A CG   1 
ATOM 255  C CD1  . LEU A 1 35  ? -33.151 -2.304  19.040  1.00 90.23 ? 35  LEU A CD1  1 
ATOM 256  C CD2  . LEU A 1 35  ? -35.328 -1.176  18.561  1.00 90.23 ? 35  LEU A CD2  1 
ATOM 257  H H    . LEU A 1 35  ? -34.151 -0.442  23.181  1.00 90.23 ? 35  LEU A H    1 
ATOM 258  H HA   . LEU A 1 35  ? -32.394 -1.428  21.507  1.00 90.23 ? 35  LEU A HA   1 
ATOM 259  H HB2  . LEU A 1 35  ? -34.699 -1.592  21.120  1.00 90.23 ? 35  LEU A HB2  1 
ATOM 260  H HB3  . LEU A 1 35  ? -34.758 -0.031  20.867  1.00 90.23 ? 35  LEU A HB3  1 
ATOM 261  H HG   . LEU A 1 35  ? -33.520 -0.303  18.907  1.00 90.23 ? 35  LEU A HG   1 
ATOM 262  H HD11 . LEU A 1 35  ? -32.244 -2.134  19.343  1.00 90.23 ? 35  LEU A HD11 1 
ATOM 263  H HD12 . LEU A 1 35  ? -33.150 -2.505  18.092  1.00 90.23 ? 35  LEU A HD12 1 
ATOM 264  H HD13 . LEU A 1 35  ? -33.533 -3.045  19.535  1.00 90.23 ? 35  LEU A HD13 1 
ATOM 265  H HD21 . LEU A 1 35  ? -35.832 -0.359  18.700  1.00 90.23 ? 35  LEU A HD21 1 
ATOM 266  H HD22 . LEU A 1 35  ? -35.165 -1.308  17.614  1.00 90.23 ? 35  LEU A HD22 1 
ATOM 267  H HD23 . LEU A 1 35  ? -35.816 -1.933  18.921  1.00 90.23 ? 35  LEU A HD23 1 
ATOM 268  N N    . ALA A 1 36  ? -32.511 1.762   21.634  1.00 90.09 ? 36  ALA A N    1 
ATOM 269  C CA   . ALA A 1 36  ? -31.723 2.946   21.310  1.00 90.09 ? 36  ALA A CA   1 
ATOM 270  C C    . ALA A 1 36  ? -30.298 2.801   21.822  1.00 90.09 ? 36  ALA A C    1 
ATOM 271  O O    . ALA A 1 36  ? -29.335 3.122   21.113  1.00 90.09 ? 36  ALA A O    1 
ATOM 272  C CB   . ALA A 1 36  ? -32.381 4.191   21.902  1.00 90.09 ? 36  ALA A CB   1 
ATOM 273  H H    . ALA A 1 36  ? -33.187 1.908   22.143  1.00 90.09 ? 36  ALA A H    1 
ATOM 274  H HA   . ALA A 1 36  ? -31.697 3.057   20.348  1.00 90.09 ? 36  ALA A HA   1 
ATOM 275  H HB1  . ALA A 1 36  ? -33.274 4.283   21.530  1.00 90.09 ? 36  ALA A HB1  1 
ATOM 276  H HB2  . ALA A 1 36  ? -32.433 4.093   22.865  1.00 90.09 ? 36  ALA A HB2  1 
ATOM 277  H HB3  . ALA A 1 36  ? -31.848 4.968   21.676  1.00 90.09 ? 36  ALA A HB3  1 
ATOM 278  N N    . ALA A 1 37  ? -30.144 2.305   23.052  1.00 90.28 ? 37  ALA A N    1 
ATOM 279  C CA   . ALA A 1 37  ? -28.808 2.081   23.589  1.00 90.28 ? 37  ALA A CA   1 
ATOM 280  C C    . ALA A 1 37  ? -28.030 1.082   22.742  1.00 90.28 ? 37  ALA A C    1 
ATOM 281  O O    . ALA A 1 37  ? -26.829 1.264   22.516  1.00 90.28 ? 37  ALA A O    1 
ATOM 282  C CB   . ALA A 1 37  ? -28.897 1.592   25.034  1.00 90.28 ? 37  ALA A CB   1 
ATOM 283  H H    . ALA A 1 37  ? -30.786 2.096   23.584  1.00 90.28 ? 37  ALA A H    1 
ATOM 284  H HA   . ALA A 1 37  ? -28.321 2.919   23.585  1.00 90.28 ? 37  ALA A HA   1 
ATOM 285  H HB1  . ALA A 1 37  ? -29.346 2.266   25.567  1.00 90.28 ? 37  ALA A HB1  1 
ATOM 286  H HB2  . ALA A 1 37  ? -29.400 0.763   25.055  1.00 90.28 ? 37  ALA A HB2  1 
ATOM 287  H HB3  . ALA A 1 37  ? -28.000 1.445   25.373  1.00 90.28 ? 37  ALA A HB3  1 
ATOM 288  N N    . VAL A 1 38  ? -28.693 0.026   22.272  1.00 89.89 ? 38  VAL A N    1 
ATOM 289  C CA   . VAL A 1 38  ? -28.011 -0.972  21.452  1.00 89.89 ? 38  VAL A CA   1 
ATOM 290  C C    . VAL A 1 38  ? -27.590 -0.381  20.110  1.00 89.89 ? 38  VAL A C    1 
ATOM 291  O O    . VAL A 1 38  ? -26.462 -0.597  19.652  1.00 89.89 ? 38  VAL A O    1 
ATOM 292  C CB   . VAL A 1 38  ? -28.908 -2.209  21.264  1.00 89.89 ? 38  VAL A CB   1 
ATOM 293  C CG1  . VAL A 1 38  ? -28.276 -3.178  20.277  1.00 89.89 ? 38  VAL A CG1  1 
ATOM 294  C CG2  . VAL A 1 38  ? -29.163 -2.893  22.599  1.00 89.89 ? 38  VAL A CG2  1 
ATOM 295  H H    . VAL A 1 38  ? -29.527 -0.135  22.412  1.00 89.89 ? 38  VAL A H    1 
ATOM 296  H HA   . VAL A 1 38  ? -27.208 -1.258  21.913  1.00 89.89 ? 38  VAL A HA   1 
ATOM 297  H HB   . VAL A 1 38  ? -29.764 -1.927  20.903  1.00 89.89 ? 38  VAL A HB   1 
ATOM 298  H HG11 . VAL A 1 38  ? -28.693 -4.048  20.380  1.00 89.89 ? 38  VAL A HG11 1 
ATOM 299  H HG12 . VAL A 1 38  ? -28.416 -2.852  19.374  1.00 89.89 ? 38  VAL A HG12 1 
ATOM 300  H HG13 . VAL A 1 38  ? -27.326 -3.246  20.464  1.00 89.89 ? 38  VAL A HG13 1 
ATOM 301  H HG21 . VAL A 1 38  ? -29.109 -2.239  23.313  1.00 89.89 ? 38  VAL A HG21 1 
ATOM 302  H HG22 . VAL A 1 38  ? -30.047 -3.292  22.582  1.00 89.89 ? 38  VAL A HG22 1 
ATOM 303  H HG23 . VAL A 1 38  ? -28.495 -3.584  22.730  1.00 89.89 ? 38  VAL A HG23 1 
ATOM 304  N N    . ILE A 1 39  ? -28.483 0.363   19.454  1.00 90.61 ? 39  ILE A N    1 
ATOM 305  C CA   . ILE A 1 39  ? -28.184 0.877   18.118  1.00 90.61 ? 39  ILE A CA   1 
ATOM 306  C C    . ILE A 1 39  ? -27.149 1.994   18.180  1.00 90.61 ? 39  ILE A C    1 
ATOM 307  O O    . ILE A 1 39  ? -26.443 2.249   17.193  1.00 90.61 ? 39  ILE A O    1 
ATOM 308  C CB   . ILE A 1 39  ? -29.476 1.349   17.423  1.00 90.61 ? 39  ILE A CB   1 
ATOM 309  C CG1  . ILE A 1 39  ? -29.202 1.751   15.971  1.00 90.61 ? 39  ILE A CG1  1 
ATOM 310  C CG2  . ILE A 1 39  ? -30.083 2.523   18.164  1.00 90.61 ? 39  ILE A CG2  1 
ATOM 311  C CD1  . ILE A 1 39  ? -28.656 0.632   15.112  1.00 90.61 ? 39  ILE A CD1  1 
ATOM 312  H H    . ILE A 1 39  ? -29.258 0.579   19.756  1.00 90.61 ? 39  ILE A H    1 
ATOM 313  H HA   . ILE A 1 39  ? -27.806 0.155   17.594  1.00 90.61 ? 39  ILE A HA   1 
ATOM 314  H HB   . ILE A 1 39  ? -30.114 0.617   17.427  1.00 90.61 ? 39  ILE A HB   1 
ATOM 315  H HG12 . ILE A 1 39  ? -30.035 2.046   15.571  1.00 90.61 ? 39  ILE A HG12 1 
ATOM 316  H HG13 . ILE A 1 39  ? -28.560 2.477   15.957  1.00 90.61 ? 39  ILE A HG13 1 
ATOM 317  H HG21 . ILE A 1 39  ? -30.956 2.715   17.788  1.00 90.61 ? 39  ILE A HG21 1 
ATOM 318  H HG22 . ILE A 1 39  ? -29.504 3.296   18.070  1.00 90.61 ? 39  ILE A HG22 1 
ATOM 319  H HG23 . ILE A 1 39  ? -30.171 2.284   19.097  1.00 90.61 ? 39  ILE A HG23 1 
ATOM 320  H HD11 . ILE A 1 39  ? -28.686 0.907   14.182  1.00 90.61 ? 39  ILE A HD11 1 
ATOM 321  H HD12 . ILE A 1 39  ? -27.741 0.448   15.372  1.00 90.61 ? 39  ILE A HD12 1 
ATOM 322  H HD13 . ILE A 1 39  ? -29.205 -0.159  15.239  1.00 90.61 ? 39  ILE A HD13 1 
ATOM 323  N N    . ALA A 1 40  ? -27.049 2.692   19.315  1.00 90.91 ? 40  ALA A N    1 
ATOM 324  C CA   . ALA A 1 40  ? -26.069 3.767   19.421  1.00 90.91 ? 40  ALA A CA   1 
ATOM 325  C C    . ALA A 1 40  ? -24.652 3.241   19.230  1.00 90.91 ? 40  ALA A C    1 
ATOM 326  O O    . ALA A 1 40  ? -23.841 3.860   18.529  1.00 90.91 ? 40  ALA A O    1 
ATOM 327  C CB   . ALA A 1 40  ? -26.202 4.466   20.773  1.00 90.91 ? 40  ALA A CB   1 
ATOM 328  H H    . ALA A 1 40  ? -27.526 2.566   20.019  1.00 90.91 ? 40  ALA A H    1 
ATOM 329  H HA   . ALA A 1 40  ? -26.241 4.421   18.726  1.00 90.91 ? 40  ALA A HA   1 
ATOM 330  H HB1  . ALA A 1 40  ? -27.096 4.837   20.850  1.00 90.91 ? 40  ALA A HB1  1 
ATOM 331  H HB2  . ALA A 1 40  ? -26.050 3.818   21.479  1.00 90.91 ? 40  ALA A HB2  1 
ATOM 332  H HB3  . ALA A 1 40  ? -25.543 5.176   20.827  1.00 90.91 ? 40  ALA A HB3  1 
ATOM 333  N N    . ALA A 1 41  ? -24.332 2.104   19.850  1.00 90.78 ? 41  ALA A N    1 
ATOM 334  C CA   . ALA A 1 41  ? -22.996 1.536   19.705  1.00 90.78 ? 41  ALA A CA   1 
ATOM 335  C C    . ALA A 1 41  ? -22.720 1.146   18.258  1.00 90.78 ? 41  ALA A C    1 
ATOM 336  O O    . ALA A 1 41  ? -21.627 1.396   17.737  1.00 90.78 ? 41  ALA A O    1 
ATOM 337  C CB   . ALA A 1 41  ? -22.839 0.326   20.625  1.00 90.78 ? 41  ALA A CB   1 
ATOM 338  H H    . ALA A 1 41  ? -24.863 1.650   20.352  1.00 90.78 ? 41  ALA A H    1 
ATOM 339  H HA   . ALA A 1 41  ? -22.340 2.200   19.967  1.00 90.78 ? 41  ALA A HA   1 
ATOM 340  H HB1  . ALA A 1 41  ? -22.973 0.610   21.542  1.00 90.78 ? 41  ALA A HB1  1 
ATOM 341  H HB2  . ALA A 1 41  ? -23.501 -0.342  20.384  1.00 90.78 ? 41  ALA A HB2  1 
ATOM 342  H HB3  . ALA A 1 41  ? -21.946 -0.038  20.518  1.00 90.78 ? 41  ALA A HB3  1 
ATOM 343  N N    . PHE A 1 42  ? -23.701 0.534   17.592  1.00 91.44 ? 42  PHE A N    1 
ATOM 344  C CA   . PHE A 1 42  ? -23.509 0.144   16.199  1.00 91.44 ? 42  PHE A CA   1 
ATOM 345  C C    . PHE A 1 42  ? -23.264 1.362   15.318  1.00 91.44 ? 42  PHE A C    1 
ATOM 346  O O    . PHE A 1 42  ? -22.389 1.337   14.445  1.00 91.44 ? 42  PHE A O    1 
ATOM 347  C CB   . PHE A 1 42  ? -24.722 -0.640  15.702  1.00 91.44 ? 42  PHE A CB   1 
ATOM 348  C CG   . PHE A 1 42  ? -24.567 -1.180  14.309  1.00 91.44 ? 42  PHE A CG   1 
ATOM 349  C CD1  . PHE A 1 42  ? -23.908 -2.376  14.083  1.00 91.44 ? 42  PHE A CD1  1 
ATOM 350  C CD2  . PHE A 1 42  ? -25.083 -0.492  13.224  1.00 91.44 ? 42  PHE A CD2  1 
ATOM 351  C CE1  . PHE A 1 42  ? -23.765 -2.876  12.802  1.00 91.44 ? 42  PHE A CE1  1 
ATOM 352  C CE2  . PHE A 1 42  ? -24.942 -0.986  11.940  1.00 91.44 ? 42  PHE A CE2  1 
ATOM 353  C CZ   . PHE A 1 42  ? -24.283 -2.179  11.730  1.00 91.44 ? 42  PHE A CZ   1 
ATOM 354  H H    . PHE A 1 42  ? -24.472 0.338   17.917  1.00 91.44 ? 42  PHE A H    1 
ATOM 355  H HA   . PHE A 1 42  ? -22.732 -0.432  16.136  1.00 91.44 ? 42  PHE A HA   1 
ATOM 356  H HB2  . PHE A 1 42  ? -24.872 -1.393  16.297  1.00 91.44 ? 42  PHE A HB2  1 
ATOM 357  H HB3  . PHE A 1 42  ? -25.497 -0.057  15.710  1.00 91.44 ? 42  PHE A HB3  1 
ATOM 358  H HD1  . PHE A 1 42  ? -23.557 -2.850  14.803  1.00 91.44 ? 42  PHE A HD1  1 
ATOM 359  H HD2  . PHE A 1 42  ? -25.529 0.313   13.360  1.00 91.44 ? 42  PHE A HD2  1 
ATOM 360  H HE1  . PHE A 1 42  ? -23.320 -3.680  12.663  1.00 91.44 ? 42  PHE A HE1  1 
ATOM 361  H HE2  . PHE A 1 42  ? -25.292 -0.515  11.219  1.00 91.44 ? 42  PHE A HE2  1 
ATOM 362  H HZ   . PHE A 1 42  ? -24.188 -2.513  10.867  1.00 91.44 ? 42  PHE A HZ   1 
ATOM 363  N N    . VAL A 1 43  ? -24.024 2.437   15.530  1.00 91.46 ? 43  VAL A N    1 
ATOM 364  C CA   . VAL A 1 43  ? -23.834 3.642   14.725  1.00 91.46 ? 43  VAL A CA   1 
ATOM 365  C C    . VAL A 1 43  ? -22.460 4.247   14.989  1.00 91.46 ? 43  VAL A C    1 
ATOM 366  O O    . VAL A 1 43  ? -21.732 4.615   14.056  1.00 91.46 ? 43  VAL A O    1 
ATOM 367  C CB   . VAL A 1 43  ? -24.959 4.655   15.004  1.00 91.46 ? 43  VAL A CB   1 
ATOM 368  C CG1  . VAL A 1 43  ? -24.643 5.995   14.351  1.00 91.46 ? 43  VAL A CG1  1 
ATOM 369  C CG2  . VAL A 1 43  ? -26.293 4.116   14.508  1.00 91.46 ? 43  VAL A CG2  1 
ATOM 370  H H    . VAL A 1 43  ? -24.645 2.494   16.122  1.00 91.46 ? 43  VAL A H    1 
ATOM 371  H HA   . VAL A 1 43  ? -23.876 3.400   13.787  1.00 91.46 ? 43  VAL A HA   1 
ATOM 372  H HB   . VAL A 1 43  ? -25.029 4.797   15.959  1.00 91.46 ? 43  VAL A HB   1 
ATOM 373  H HG11 . VAL A 1 43  ? -25.474 6.421   14.088  1.00 91.46 ? 43  VAL A HG11 1 
ATOM 374  H HG12 . VAL A 1 43  ? -24.088 5.847   13.570  1.00 91.46 ? 43  VAL A HG12 1 
ATOM 375  H HG13 . VAL A 1 43  ? -24.177 6.554   14.991  1.00 91.46 ? 43  VAL A HG13 1 
ATOM 376  H HG21 . VAL A 1 43  ? -26.246 3.148   14.457  1.00 91.46 ? 43  VAL A HG21 1 
ATOM 377  H HG22 . VAL A 1 43  ? -26.989 4.380   15.130  1.00 91.46 ? 43  VAL A HG22 1 
ATOM 378  H HG23 . VAL A 1 43  ? -26.479 4.484   13.630  1.00 91.46 ? 43  VAL A HG23 1 
ATOM 379  N N    . LEU A 1 44  ? -22.078 4.359   16.263  1.00 91.97 ? 44  LEU A N    1 
ATOM 380  C CA   . LEU A 1 44  ? -20.791 4.955   16.591  1.00 91.97 ? 44  LEU A CA   1 
ATOM 381  C C    . LEU A 1 44  ? -19.623 4.102   16.116  1.00 91.97 ? 44  LEU A C    1 
ATOM 382  O O    . LEU A 1 44  ? -18.527 4.635   15.912  1.00 91.97 ? 44  LEU A O    1 
ATOM 383  C CB   . LEU A 1 44  ? -20.693 5.192   18.099  1.00 91.97 ? 44  LEU A CB   1 
ATOM 384  C CG   . LEU A 1 44  ? -21.661 6.241   18.655  1.00 91.97 ? 44  LEU A CG   1 
ATOM 385  C CD1  . LEU A 1 44  ? -21.620 6.256   20.173  1.00 91.97 ? 44  LEU A CD1  1 
ATOM 386  C CD2  . LEU A 1 44  ? -21.352 7.622   18.097  1.00 91.97 ? 44  LEU A CD2  1 
ATOM 387  H H    . LEU A 1 44  ? -22.542 4.106   16.942  1.00 91.97 ? 44  LEU A H    1 
ATOM 388  H HA   . LEU A 1 44  ? -20.722 5.814   16.147  1.00 91.97 ? 44  LEU A HA   1 
ATOM 389  H HB2  . LEU A 1 44  ? -20.876 4.355   18.555  1.00 91.97 ? 44  LEU A HB2  1 
ATOM 390  H HB3  . LEU A 1 44  ? -19.793 5.486   18.307  1.00 91.97 ? 44  LEU A HB3  1 
ATOM 391  H HG   . LEU A 1 44  ? -22.564 6.009   18.386  1.00 91.97 ? 44  LEU A HG   1 
ATOM 392  H HD11 . LEU A 1 44  ? -21.868 5.379   20.505  1.00 91.97 ? 44  LEU A HD11 1 
ATOM 393  H HD12 . LEU A 1 44  ? -22.245 6.923   20.498  1.00 91.97 ? 44  LEU A HD12 1 
ATOM 394  H HD13 . LEU A 1 44  ? -20.721 6.477   20.460  1.00 91.97 ? 44  LEU A HD13 1 
ATOM 395  H HD21 . LEU A 1 44  ? -21.580 7.642   17.155  1.00 91.97 ? 44  LEU A HD21 1 
ATOM 396  H HD22 . LEU A 1 44  ? -21.878 8.280   18.577  1.00 91.97 ? 44  LEU A HD22 1 
ATOM 397  H HD23 . LEU A 1 44  ? -20.407 7.805   18.213  1.00 91.97 ? 44  LEU A HD23 1 
ATOM 398  N N    . ASP A 1 45  ? -19.826 2.794   15.937  1.00 93.30 ? 45  ASP A N    1 
ATOM 399  C CA   . ASP A 1 45  ? -18.765 1.960   15.384  1.00 93.30 ? 45  ASP A CA   1 
ATOM 400  C C    . ASP A 1 45  ? -18.412 2.413   13.972  1.00 93.30 ? 45  ASP A C    1 
ATOM 401  O O    . ASP A 1 45  ? -17.232 2.565   13.635  1.00 93.30 ? 45  ASP A O    1 
ATOM 402  C CB   . ASP A 1 45  ? -19.204 0.493   15.404  1.00 93.30 ? 45  ASP A CB   1 
ATOM 403  C CG   . ASP A 1 45  ? -18.365 -0.401  14.498  1.00 93.30 ? 45  ASP A CG   1 
ATOM 404  O OD1  . ASP A 1 45  ? -18.744 -1.579  14.330  1.00 93.30 ? 45  ASP A OD1  1 
ATOM 405  O OD2  . ASP A 1 45  ? -17.312 0.038   13.988  1.00 93.30 ? 45  ASP A OD2  1 
ATOM 406  H H    . ASP A 1 45  ? -20.554 2.375   16.121  1.00 93.30 ? 45  ASP A H    1 
ATOM 407  H HA   . ASP A 1 45  ? -17.971 2.038   15.937  1.00 93.30 ? 45  ASP A HA   1 
ATOM 408  H HB2  . ASP A 1 45  ? -19.126 0.157   16.311  1.00 93.30 ? 45  ASP A HB2  1 
ATOM 409  H HB3  . ASP A 1 45  ? -20.126 0.439   15.108  1.00 93.30 ? 45  ASP A HB3  1 
ATOM 410  N N    . LEU A 1 46  ? -19.425 2.647   13.133  1.00 89.92 ? 46  LEU A N    1 
ATOM 411  C CA   . LEU A 1 46  ? -19.171 3.181   11.799  1.00 89.92 ? 46  LEU A CA   1 
ATOM 412  C C    . LEU A 1 46  ? -18.705 4.628   11.857  1.00 89.92 ? 46  LEU A C    1 
ATOM 413  O O    . LEU A 1 46  ? -17.934 5.065   10.995  1.00 89.92 ? 46  LEU A O    1 
ATOM 414  C CB   . LEU A 1 46  ? -20.429 3.074   10.935  1.00 89.92 ? 46  LEU A CB   1 
ATOM 415  C CG   . LEU A 1 46  ? -20.776 1.696   10.369  1.00 89.92 ? 46  LEU A CG   1 
ATOM 416  C CD1  . LEU A 1 46  ? -22.130 1.737   9.684   1.00 89.92 ? 46  LEU A CD1  1 
ATOM 417  C CD2  . LEU A 1 46  ? -19.704 1.228   9.401   1.00 89.92 ? 46  LEU A CD2  1 
ATOM 418  H H    . LEU A 1 46  ? -20.254 2.506   13.311  1.00 89.92 ? 46  LEU A H    1 
ATOM 419  H HA   . LEU A 1 46  ? -18.470 2.660   11.377  1.00 89.92 ? 46  LEU A HA   1 
ATOM 420  H HB2  . LEU A 1 46  ? -21.186 3.361   11.470  1.00 89.92 ? 46  LEU A HB2  1 
ATOM 421  H HB3  . LEU A 1 46  ? -20.327 3.674   10.180  1.00 89.92 ? 46  LEU A HB3  1 
ATOM 422  H HG   . LEU A 1 46  ? -20.825 1.056   11.096  1.00 89.92 ? 46  LEU A HG   1 
ATOM 423  H HD11 . LEU A 1 46  ? -22.344 0.850   9.354   1.00 89.92 ? 46  LEU A HD11 1 
ATOM 424  H HD12 . LEU A 1 46  ? -22.089 2.364   8.945   1.00 89.92 ? 46  LEU A HD12 1 
ATOM 425  H HD13 . LEU A 1 46  ? -22.800 2.023   10.324  1.00 89.92 ? 46  LEU A HD13 1 
ATOM 426  H HD21 . LEU A 1 46  ? -18.898 1.019   9.898   1.00 89.92 ? 46  LEU A HD21 1 
ATOM 427  H HD22 . LEU A 1 46  ? -19.526 1.934   8.761   1.00 89.92 ? 46  LEU A HD22 1 
ATOM 428  H HD23 . LEU A 1 46  ? -20.020 0.434   8.940   1.00 89.92 ? 46  LEU A HD23 1 
ATOM 429  N N    . GLY A 1 47  ? -19.158 5.382   12.860  1.00 91.42 ? 47  GLY A N    1 
ATOM 430  C CA   . GLY A 1 47  ? -18.805 6.789   12.929  1.00 91.42 ? 47  GLY A CA   1 
ATOM 431  C C    . GLY A 1 47  ? -17.311 7.039   13.005  1.00 91.42 ? 47  GLY A C    1 
ATOM 432  O O    . GLY A 1 47  ? -16.819 8.029   12.456  1.00 91.42 ? 47  GLY A O    1 
ATOM 433  H H    . GLY A 1 47  ? -19.662 5.104   13.498  1.00 91.42 ? 47  GLY A H    1 
ATOM 434  H HA2  . GLY A 1 47  ? -19.147 7.244   12.144  1.00 91.42 ? 47  GLY A HA2  1 
ATOM 435  H HA3  . GLY A 1 47  ? -19.218 7.183   13.714  1.00 91.42 ? 47  GLY A HA3  1 
ATOM 436  N N    . GLY A 1 48  ? -16.570 6.159   13.684  1.00 91.15 ? 48  GLY A N    1 
ATOM 437  C CA   . GLY A 1 48  ? -15.149 6.385   13.886  1.00 91.15 ? 48  GLY A CA   1 
ATOM 438  C C    . GLY A 1 48  ? -14.250 5.836   12.800  1.00 91.15 ? 48  GLY A C    1 
ATOM 439  O O    . GLY A 1 48  ? -13.066 6.183   12.761  1.00 91.15 ? 48  GLY A O    1 
ATOM 440  H H    . GLY A 1 48  ? -16.868 5.429   14.030  1.00 91.15 ? 48  GLY A H    1 
ATOM 441  H HA2  . GLY A 1 48  ? -14.988 7.339   13.954  1.00 91.15 ? 48  GLY A HA2  1 
ATOM 442  H HA3  . GLY A 1 48  ? -14.884 5.976   14.725  1.00 91.15 ? 48  GLY A HA3  1 
ATOM 443  N N    . SER A 1 49  ? -14.778 4.988   11.916  1.00 93.28 ? 49  SER A N    1 
ATOM 444  C CA   . SER A 1 49  ? -13.966 4.328   10.894  1.00 93.28 ? 49  SER A CA   1 
ATOM 445  C C    . SER A 1 49  ? -13.823 5.210   9.650   1.00 93.28 ? 49  SER A C    1 
ATOM 446  O O    . SER A 1 49  ? -14.374 4.940   8.584   1.00 93.28 ? 49  SER A O    1 
ATOM 447  C CB   . SER A 1 49  ? -14.570 2.975   10.541  1.00 93.28 ? 49  SER A CB   1 
ATOM 448  O OG   . SER A 1 49  ? -14.497 2.083   11.640  1.00 93.28 ? 49  SER A OG   1 
ATOM 449  H H    . SER A 1 49  ? -15.610 4.776   11.888  1.00 93.28 ? 49  SER A H    1 
ATOM 450  H HA   . SER A 1 49  ? -13.077 4.172   11.251  1.00 93.28 ? 49  SER A HA   1 
ATOM 451  H HB2  . SER A 1 49  ? -15.500 3.099   10.297  1.00 93.28 ? 49  SER A HB2  1 
ATOM 452  H HB3  . SER A 1 49  ? -14.079 2.596   9.795   1.00 93.28 ? 49  SER A HB3  1 
ATOM 453  H HG   . SER A 1 49  ? -14.907 2.405   12.298  1.00 93.28 ? 49  SER A HG   1 
ATOM 454  N N    . VAL A 1 50  ? -13.060 6.291   9.810   1.00 94.03 ? 50  VAL A N    1 
ATOM 455  C CA   . VAL A 1 50  ? -12.705 7.153   8.688   1.00 94.03 ? 50  VAL A CA   1 
ATOM 456  C C    . VAL A 1 50  ? -11.392 6.658   8.094   1.00 94.03 ? 50  VAL A C    1 
ATOM 457  O O    . VAL A 1 50  ? -10.312 7.134   8.462   1.00 94.03 ? 50  VAL A O    1 
ATOM 458  C CB   . VAL A 1 50  ? -12.599 8.632   9.110   1.00 94.03 ? 50  VAL A CB   1 
ATOM 459  C CG1  . VAL A 1 50  ? -13.989 9.243   9.269   1.00 94.03 ? 50  VAL A CG1  1 
ATOM 460  C CG2  . VAL A 1 50  ? -11.777 8.784   10.390  1.00 94.03 ? 50  VAL A CG2  1 
ATOM 461  H H    . VAL A 1 50  ? -12.737 6.540   10.566  1.00 94.03 ? 50  VAL A H    1 
ATOM 462  H HA   . VAL A 1 50  ? -13.387 7.082   8.002   1.00 94.03 ? 50  VAL A HA   1 
ATOM 463  H HB   . VAL A 1 50  ? -12.142 9.122   8.409   1.00 94.03 ? 50  VAL A HB   1 
ATOM 464  H HG11 . VAL A 1 50  ? -14.583 8.851   8.610   1.00 94.03 ? 50  VAL A HG11 1 
ATOM 465  H HG12 . VAL A 1 50  ? -14.321 9.059   10.161  1.00 94.03 ? 50  VAL A HG12 1 
ATOM 466  H HG13 . VAL A 1 50  ? -13.929 10.200  9.126   1.00 94.03 ? 50  VAL A HG13 1 
ATOM 467  H HG21 . VAL A 1 50  ? -11.176 9.538   10.287  1.00 94.03 ? 50  VAL A HG21 1 
ATOM 468  H HG22 . VAL A 1 50  ? -11.263 7.975   10.540  1.00 94.03 ? 50  VAL A HG22 1 
ATOM 469  H HG23 . VAL A 1 50  ? -12.374 8.940   11.138  1.00 94.03 ? 50  VAL A HG23 1 
ATOM 470  N N    . GLY A 1 51  ? -11.477 5.703   7.172   1.00 92.75 ? 51  GLY A N    1 
ATOM 471  C CA   . GLY A 1 51  ? -10.293 5.112   6.581   1.00 92.75 ? 51  GLY A CA   1 
ATOM 472  C C    . GLY A 1 51  ? -9.384  6.124   5.915   1.00 92.75 ? 51  GLY A C    1 
ATOM 473  O O    . GLY A 1 51  ? -9.837  6.943   5.110   1.00 92.75 ? 51  GLY A O    1 
ATOM 474  H H    . GLY A 1 51  ? -12.216 5.379   6.875   1.00 92.75 ? 51  GLY A H    1 
ATOM 475  H HA2  . GLY A 1 51  ? -9.786  4.654   7.269   1.00 92.75 ? 51  GLY A HA2  1 
ATOM 476  H HA3  . GLY A 1 51  ? -10.560 4.461   5.915   1.00 92.75 ? 51  GLY A HA3  1 
ATOM 477  N N    . GLN A 1 52  ? -8.098  6.076   6.245   1.00 94.23 ? 52  GLN A N    1 
ATOM 478  C CA   . GLN A 1 52  ? -7.110  6.962   5.653   1.00 94.23 ? 52  GLN A CA   1 
ATOM 479  C C    . GLN A 1 52  ? -6.458  6.301   4.441   1.00 94.23 ? 52  GLN A C    1 
ATOM 480  O O    . GLN A 1 52  ? -6.429  5.075   4.310   1.00 94.23 ? 52  GLN A O    1 
ATOM 481  C CB   . GLN A 1 52  ? -6.043  7.341   6.679   1.00 94.23 ? 52  GLN A CB   1 
ATOM 482  C CG   . GLN A 1 52  ? -5.491  8.744   6.501   1.00 94.23 ? 52  GLN A CG   1 
ATOM 483  C CD   . GLN A 1 52  ? -4.554  9.147   7.623   1.00 94.23 ? 52  GLN A CD   1 
ATOM 484  O OE1  . GLN A 1 52  ? -4.166  8.321   8.450   1.00 94.23 ? 52  GLN A OE1  1 
ATOM 485  N NE2  . GLN A 1 52  ? -4.185  10.422  7.655   1.00 94.23 ? 52  GLN A NE2  1 
ATOM 486  H H    . GLN A 1 52  ? -7.770  5.528   6.822   1.00 94.23 ? 52  GLN A H    1 
ATOM 487  H HA   . GLN A 1 52  ? -7.545  7.775   5.355   1.00 94.23 ? 52  GLN A HA   1 
ATOM 488  H HB2  . GLN A 1 52  ? -6.431  7.285   7.566   1.00 94.23 ? 52  GLN A HB2  1 
ATOM 489  H HB3  . GLN A 1 52  ? -5.302  6.720   6.604   1.00 94.23 ? 52  GLN A HB3  1 
ATOM 490  H HG2  . GLN A 1 52  ? -4.996  8.786   5.668   1.00 94.23 ? 52  GLN A HG2  1 
ATOM 491  H HG3  . GLN A 1 52  ? -6.227  9.375   6.484   1.00 94.23 ? 52  GLN A HG3  1 
ATOM 492  H HE21 . GLN A 1 52  ? -4.476  10.969  7.060   1.00 94.23 ? 52  GLN A HE21 1 
ATOM 493  H HE22 . GLN A 1 52  ? -3.653  10.700  8.271   1.00 94.23 ? 52  GLN A HE22 1 
ATOM 494  N N    . GLU A 1 53  ? -5.929  7.137   3.552   1.00 94.64 ? 53  GLU A N    1 
ATOM 495  C CA   . GLU A 1 53  ? -5.272  6.683   2.336   1.00 94.64 ? 53  GLU A CA   1 
ATOM 496  C C    . GLU A 1 53  ? -3.953  7.421   2.166   1.00 94.64 ? 53  GLU A C    1 
ATOM 497  O O    . GLU A 1 53  ? -3.893  8.644   2.318   1.00 94.64 ? 53  GLU A O    1 
ATOM 498  C CB   . GLU A 1 53  ? -6.162  6.911   1.108   1.00 94.64 ? 53  GLU A CB   1 
ATOM 499  C CG   . GLU A 1 53  ? -5.849  5.994   -0.063  1.00 94.64 ? 53  GLU A CG   1 
ATOM 500  C CD   . GLU A 1 53  ? -6.575  4.665   0.021   1.00 94.64 ? 53  GLU A CD   1 
ATOM 501  O OE1  . GLU A 1 53  ? -7.328  4.454   0.996   1.00 94.64 ? 53  GLU A OE1  1 
ATOM 502  O OE2  . GLU A 1 53  ? -6.394  3.830   -0.890  1.00 94.64 ? 53  GLU A OE2  1 
ATOM 503  H H    . GLU A 1 53  ? -5.940  7.993   3.636   1.00 94.64 ? 53  GLU A H    1 
ATOM 504  H HA   . GLU A 1 53  ? -5.084  5.734   2.404   1.00 94.64 ? 53  GLU A HA   1 
ATOM 505  H HB2  . GLU A 1 53  ? -7.088  6.774   1.361   1.00 94.64 ? 53  GLU A HB2  1 
ATOM 506  H HB3  . GLU A 1 53  ? -6.040  7.824   0.805   1.00 94.64 ? 53  GLU A HB3  1 
ATOM 507  H HG2  . GLU A 1 53  ? -6.118  6.431   -0.886  1.00 94.64 ? 53  GLU A HG2  1 
ATOM 508  H HG3  . GLU A 1 53  ? -4.897  5.814   -0.079  1.00 94.64 ? 53  GLU A HG3  1 
ATOM 509  N N    . ALA A 1 54  ? -2.901  6.673   1.851   1.00 94.66 ? 54  ALA A N    1 
ATOM 510  C CA   . ALA A 1 54  ? -1.582  7.256   1.670   1.00 94.66 ? 54  ALA A CA   1 
ATOM 511  C C    . ALA A 1 54  ? -1.409  7.766   0.245   1.00 94.66 ? 54  ALA A C    1 
ATOM 512  O O    . ALA A 1 54  ? -1.980  7.225   -0.705  1.00 94.66 ? 54  ALA A O    1 
ATOM 513  C CB   . ALA A 1 54  ? -0.494  6.230   1.987   1.00 94.66 ? 54  ALA A CB   1 
ATOM 514  H H    . ALA A 1 54  ? -2.928  5.821   1.735   1.00 94.66 ? 54  ALA A H    1 
ATOM 515  H HA   . ALA A 1 54  ? -1.477  8.006   2.277   1.00 94.66 ? 54  ALA A HA   1 
ATOM 516  H HB1  . ALA A 1 54  ? -0.621  5.901   2.891   1.00 94.66 ? 54  ALA A HB1  1 
ATOM 517  H HB2  . ALA A 1 54  ? -0.561  5.496   1.356   1.00 94.66 ? 54  ALA A HB2  1 
ATOM 518  H HB3  . ALA A 1 54  ? 0.374   6.656   1.907   1.00 94.66 ? 54  ALA A HB3  1 
ATOM 519  N N    . GLN A 1 55  ? -0.611  8.822   0.106   1.00 93.71 ? 55  GLN A N    1 
ATOM 520  C CA   . GLN A 1 55  ? -0.323  9.394   -1.199  1.00 93.71 ? 55  GLN A CA   1 
ATOM 521  C C    . GLN A 1 55  ? 1.072   9.999   -1.181  1.00 93.71 ? 55  GLN A C    1 
ATOM 522  O O    . GLN A 1 55  ? 1.486   10.616  -0.196  1.00 93.71 ? 55  GLN A O    1 
ATOM 523  C CB   . GLN A 1 55  ? -1.358  10.456  -1.590  1.00 93.71 ? 55  GLN A CB   1 
ATOM 524  C CG   . GLN A 1 55  ? -1.498  11.584  -0.584  1.00 93.71 ? 55  GLN A CG   1 
ATOM 525  C CD   . GLN A 1 55  ? -2.662  12.502  -0.901  1.00 93.71 ? 55  GLN A CD   1 
ATOM 526  O OE1  . GLN A 1 55  ? -2.945  12.784  -2.065  1.00 93.71 ? 55  GLN A OE1  1 
ATOM 527  N NE2  . GLN A 1 55  ? -3.344  12.972  0.137   1.00 93.71 ? 55  GLN A NE2  1 
ATOM 528  H H    . GLN A 1 55  ? -0.223  9.226   0.758   1.00 93.71 ? 55  GLN A H    1 
ATOM 529  H HA   . GLN A 1 55  ? -0.341  8.693   -1.869  1.00 93.71 ? 55  GLN A HA   1 
ATOM 530  H HB2  . GLN A 1 55  ? -1.097  10.848  -2.438  1.00 93.71 ? 55  GLN A HB2  1 
ATOM 531  H HB3  . GLN A 1 55  ? -2.225  10.029  -1.678  1.00 93.71 ? 55  GLN A HB3  1 
ATOM 532  H HG2  . GLN A 1 55  ? -1.645  11.208  0.299   1.00 93.71 ? 55  GLN A HG2  1 
ATOM 533  H HG3  . GLN A 1 55  ? -0.688  12.116  -0.588  1.00 93.71 ? 55  GLN A HG3  1 
ATOM 534  H HE21 . GLN A 1 55  ? -3.116  12.752  0.936   1.00 93.71 ? 55  GLN A HE21 1 
ATOM 535  H HE22 . GLN A 1 55  ? -4.013  13.496  0.009   1.00 93.71 ? 55  GLN A HE22 1 
ATOM 536  N N    . ALA A 1 56  ? 1.792   9.814   -2.284  1.00 91.49 ? 56  ALA A N    1 
ATOM 537  C CA   . ALA A 1 56  ? 3.145   10.337  -2.416  1.00 91.49 ? 56  ALA A CA   1 
ATOM 538  C C    . ALA A 1 56  ? 3.536   10.287  -3.886  1.00 91.49 ? 56  ALA A C    1 
ATOM 539  O O    . ALA A 1 56  ? 2.832   9.708   -4.717  1.00 91.49 ? 56  ALA A O    1 
ATOM 540  C CB   . ALA A 1 56  ? 4.137   9.553   -1.553  1.00 91.49 ? 56  ALA A CB   1 
ATOM 541  H H    . ALA A 1 56  ? 1.516   9.384   -2.975  1.00 91.49 ? 56  ALA A H    1 
ATOM 542  H HA   . ALA A 1 56  ? 3.159   11.264  -2.130  1.00 91.49 ? 56  ALA A HA   1 
ATOM 543  H HB1  . ALA A 1 56  ? 3.864   9.614   -0.625  1.00 91.49 ? 56  ALA A HB1  1 
ATOM 544  H HB2  . ALA A 1 56  ? 5.021   9.934   -1.665  1.00 91.49 ? 56  ALA A HB2  1 
ATOM 545  H HB3  . ALA A 1 56  ? 4.137   8.625   -1.837  1.00 91.49 ? 56  ALA A HB3  1 
ATOM 546  N N    . GLY A 1 57  ? 4.674   10.903  -4.195  1.00 89.95 ? 57  GLY A N    1 
ATOM 547  C CA   . GLY A 1 57  ? 5.157   10.963  -5.561  1.00 89.95 ? 57  GLY A CA   1 
ATOM 548  C C    . GLY A 1 57  ? 6.524   10.335  -5.732  1.00 89.95 ? 57  GLY A C    1 
ATOM 549  O O    . GLY A 1 57  ? 7.496   10.762  -5.103  1.00 89.95 ? 57  GLY A O    1 
ATOM 550  H H    . GLY A 1 57  ? 5.185   11.294  -3.623  1.00 89.95 ? 57  GLY A H    1 
ATOM 551  H HA2  . GLY A 1 57  ? 4.537   10.503  -6.145  1.00 89.95 ? 57  GLY A HA2  1 
ATOM 552  H HA3  . GLY A 1 57  ? 5.211   11.890  -5.841  1.00 89.95 ? 57  GLY A HA3  1 
ATOM 553  N N    . VAL A 1 58  ? 6.607   9.314   -6.582  1.00 89.05 ? 58  VAL A N    1 
ATOM 554  C CA   . VAL A 1 58  ? 7.857   8.624   -6.866  1.00 89.05 ? 58  VAL A CA   1 
ATOM 555  C C    . VAL A 1 58  ? 8.004   8.487   -8.375  1.00 89.05 ? 58  VAL A C    1 
ATOM 556  O O    . VAL A 1 58  ? 7.027   8.255   -9.095  1.00 89.05 ? 58  VAL A O    1 
ATOM 557  C CB   . VAL A 1 58  ? 7.920   7.241   -6.179  1.00 89.05 ? 58  VAL A CB   1 
ATOM 558  C CG1  . VAL A 1 58  ? 7.438   7.343   -4.740  1.00 89.05 ? 58  VAL A CG1  1 
ATOM 559  C CG2  . VAL A 1 58  ? 7.093   6.226   -6.949  1.00 89.05 ? 58  VAL A CG2  1 
ATOM 560  H H    . VAL A 1 58  ? 5.936   8.997   -7.015  1.00 89.05 ? 58  VAL A H    1 
ATOM 561  H HA   . VAL A 1 58  ? 8.600   9.156   -6.538  1.00 89.05 ? 58  VAL A HA   1 
ATOM 562  H HB   . VAL A 1 58  ? 8.840   6.935   -6.167  1.00 89.05 ? 58  VAL A HB   1 
ATOM 563  H HG11 . VAL A 1 58  ? 7.629   6.509   -4.285  1.00 89.05 ? 58  VAL A HG11 1 
ATOM 564  H HG12 . VAL A 1 58  ? 7.904   8.073   -4.304  1.00 89.05 ? 58  VAL A HG12 1 
ATOM 565  H HG13 . VAL A 1 58  ? 6.482   7.512   -4.736  1.00 89.05 ? 58  VAL A HG13 1 
ATOM 566  H HG21 . VAL A 1 58  ? 6.893   5.481   -6.364  1.00 89.05 ? 58  VAL A HG21 1 
ATOM 567  H HG22 . VAL A 1 58  ? 6.270   6.647   -7.242  1.00 89.05 ? 58  VAL A HG22 1 
ATOM 568  H HG23 . VAL A 1 58  ? 7.601   5.918   -7.716  1.00 89.05 ? 58  VAL A HG23 1 
ATOM 569  N N    . THR A 1 59  ? 9.236   8.634   -8.851  1.00 88.86 ? 59  THR A N    1 
ATOM 570  C CA   . THR A 1 59  ? 9.546   8.577   -10.273 1.00 88.86 ? 59  THR A CA   1 
ATOM 571  C C    . THR A 1 59  ? 10.252  7.265   -10.588 1.00 88.86 ? 59  THR A C    1 
ATOM 572  O O    . THR A 1 59  ? 11.219  6.898   -9.912  1.00 88.86 ? 59  THR A O    1 
ATOM 573  C CB   . THR A 1 59  ? 10.431  9.755   -10.683 1.00 88.86 ? 59  THR A CB   1 
ATOM 574  O OG1  . THR A 1 59  ? 9.753   10.987  -10.406 1.00 88.86 ? 59  THR A OG1  1 
ATOM 575  C CG2  . THR A 1 59  ? 10.759  9.685   -12.168 1.00 88.86 ? 59  THR A CG2  1 
ATOM 576  H H    . THR A 1 59  ? 9.926   8.773   -8.356  1.00 88.86 ? 59  THR A H    1 
ATOM 577  H HA   . THR A 1 59  ? 8.725   8.620   -10.788 1.00 88.86 ? 59  THR A HA   1 
ATOM 578  H HB   . THR A 1 59  ? 11.261  9.723   -10.184 1.00 88.86 ? 59  THR A HB   1 
ATOM 579  H HG1  . THR A 1 59  ? 9.552   11.028  -9.593  1.00 88.86 ? 59  THR A HG1  1 
ATOM 580  H HG21 . THR A 1 59  ? 11.124  10.533  -12.468 1.00 88.86 ? 59  THR A HG21 1 
ATOM 581  H HG22 . THR A 1 59  ? 11.411  8.987   -12.335 1.00 88.86 ? 59  THR A HG22 1 
ATOM 582  H HG23 . THR A 1 59  ? 9.954   9.495   -12.675 1.00 88.86 ? 59  THR A HG23 1 
ATOM 583  N N    . ILE A 1 60  ? 9.771   6.563   -11.611 1.00 87.19 ? 60  ILE A N    1 
ATOM 584  C CA   . ILE A 1 60  ? 10.392  5.334   -12.092 1.00 87.19 ? 60  ILE A CA   1 
ATOM 585  C C    . ILE A 1 60  ? 10.824  5.549   -13.534 1.00 87.19 ? 60  ILE A C    1 
ATOM 586  O O    . ILE A 1 60  ? 10.083  6.128   -14.336 1.00 87.19 ? 60  ILE A O    1 
ATOM 587  C CB   . ILE A 1 60  ? 9.438   4.130   -11.963 1.00 87.19 ? 60  ILE A CB   1 
ATOM 588  C CG1  . ILE A 1 60  ? 8.914   4.030   -10.527 1.00 87.19 ? 60  ILE A CG1  1 
ATOM 589  C CG2  . ILE A 1 60  ? 10.137  2.840   -12.373 1.00 87.19 ? 60  ILE A CG2  1 
ATOM 590  C CD1  . ILE A 1 60  ? 7.858   2.970   -10.325 1.00 87.19 ? 60  ILE A CD1  1 
ATOM 591  H H    . ILE A 1 60  ? 9.062   6.780   -12.048 1.00 87.19 ? 60  ILE A H    1 
ATOM 592  H HA   . ILE A 1 60  ? 11.186  5.146   -11.566 1.00 87.19 ? 60  ILE A HA   1 
ATOM 593  H HB   . ILE A 1 60  ? 8.683   4.267   -12.555 1.00 87.19 ? 60  ILE A HB   1 
ATOM 594  H HG12 . ILE A 1 60  ? 9.655   3.828   -9.934  1.00 87.19 ? 60  ILE A HG12 1 
ATOM 595  H HG13 . ILE A 1 60  ? 8.517   4.879   -10.275 1.00 87.19 ? 60  ILE A HG13 1 
ATOM 596  H HG21 . ILE A 1 60  ? 10.592  2.974   -13.218 1.00 87.19 ? 60  ILE A HG21 1 
ATOM 597  H HG22 . ILE A 1 60  ? 10.779  2.596   -11.689 1.00 87.19 ? 60  ILE A HG22 1 
ATOM 598  H HG23 . ILE A 1 60  ? 9.470   2.142   -12.468 1.00 87.19 ? 60  ILE A HG23 1 
ATOM 599  H HD11 . ILE A 1 60  ? 7.478   3.072   -9.437  1.00 87.19 ? 60  ILE A HD11 1 
ATOM 600  H HD12 . ILE A 1 60  ? 7.166   3.082   -10.995 1.00 87.19 ? 60  ILE A HD12 1 
ATOM 601  H HD13 . ILE A 1 60  ? 8.266   2.094   -10.411 1.00 87.19 ? 60  ILE A HD13 1 
ATOM 602  N N    . GLU A 1 61  ? 12.027  5.080   -13.863 1.00 88.58 ? 61  GLU A N    1 
ATOM 603  C CA   . GLU A 1 61  ? 12.631  5.342   -15.160 1.00 88.58 ? 61  GLU A CA   1 
ATOM 604  C C    . GLU A 1 61  ? 13.372  4.084   -15.597 1.00 88.58 ? 61  GLU A C    1 
ATOM 605  O O    . GLU A 1 61  ? 14.219  3.571   -14.861 1.00 88.58 ? 61  GLU A O    1 
ATOM 606  C CB   . GLU A 1 61  ? 13.564  6.562   -15.049 1.00 88.58 ? 61  GLU A CB   1 
ATOM 607  C CG   . GLU A 1 61  ? 14.497  6.861   -16.218 1.00 88.58 ? 61  GLU A CG   1 
ATOM 608  C CD   . GLU A 1 61  ? 14.040  6.284   -17.539 1.00 88.58 ? 61  GLU A CD   1 
ATOM 609  O OE1  . GLU A 1 61  ? 12.996  6.731   -18.060 1.00 88.58 ? 61  GLU A OE1  1 
ATOM 610  O OE2  . GLU A 1 61  ? 14.741  5.406   -18.073 1.00 88.58 ? 61  GLU A OE2  1 
ATOM 611  H H    . GLU A 1 61  ? 12.520  4.601   -13.345 1.00 88.58 ? 61  GLU A H    1 
ATOM 612  H HA   . GLU A 1 61  ? 11.942  5.542   -15.812 1.00 88.58 ? 61  GLU A HA   1 
ATOM 613  H HB2  . GLU A 1 61  ? 13.010  7.347   -14.918 1.00 88.58 ? 61  GLU A HB2  1 
ATOM 614  H HB3  . GLU A 1 61  ? 14.124  6.440   -14.265 1.00 88.58 ? 61  GLU A HB3  1 
ATOM 615  H HG2  . GLU A 1 61  ? 14.552  7.824   -16.321 1.00 88.58 ? 61  GLU A HG2  1 
ATOM 616  H HG3  . GLU A 1 61  ? 15.376  6.499   -16.022 1.00 88.58 ? 61  GLU A HG3  1 
ATOM 617  N N    . VAL A 1 62  ? 13.052  3.595   -16.795 1.00 86.31 ? 62  VAL A N    1 
ATOM 618  C CA   . VAL A 1 62  ? 13.618  2.361   -17.342 1.00 86.31 ? 62  VAL A CA   1 
ATOM 619  C C    . VAL A 1 62  ? 14.528  2.738   -18.501 1.00 86.31 ? 62  VAL A C    1 
ATOM 620  O O    . VAL A 1 62  ? 14.065  3.303   -19.501 1.00 86.31 ? 62  VAL A O    1 
ATOM 621  C CB   . VAL A 1 62  ? 12.528  1.382   -17.810 1.00 86.31 ? 62  VAL A CB   1 
ATOM 622  C CG1  . VAL A 1 62  ? 13.154  0.143   -18.444 1.00 86.31 ? 62  VAL A CG1  1 
ATOM 623  C CG2  . VAL A 1 62  ? 11.632  0.965   -16.655 1.00 86.31 ? 62  VAL A CG2  1 
ATOM 624  H H    . VAL A 1 62  ? 12.492  3.975   -17.324 1.00 86.31 ? 62  VAL A H    1 
ATOM 625  H HA   . VAL A 1 62  ? 14.154  1.917   -16.665 1.00 86.31 ? 62  VAL A HA   1 
ATOM 626  H HB   . VAL A 1 62  ? 11.978  1.818   -18.479 1.00 86.31 ? 62  VAL A HB   1 
ATOM 627  H HG11 . VAL A 1 62  ? 13.509  0.372   -19.317 1.00 86.31 ? 62  VAL A HG11 1 
ATOM 628  H HG12 . VAL A 1 62  ? 13.864  -0.180  -17.868 1.00 86.31 ? 62  VAL A HG12 1 
ATOM 629  H HG13 . VAL A 1 62  ? 12.471  -0.539  -18.541 1.00 86.31 ? 62  VAL A HG13 1 
ATOM 630  H HG21 . VAL A 1 62  ? 12.007  0.176   -16.233 1.00 86.31 ? 62  VAL A HG21 1 
ATOM 631  H HG22 . VAL A 1 62  ? 10.750  0.758   -17.006 1.00 86.31 ? 62  VAL A HG22 1 
ATOM 632  H HG23 . VAL A 1 62  ? 11.573  1.689   -16.015 1.00 86.31 ? 62  VAL A HG23 1 
ATOM 633  N N    . ASP A 1 63  ? 15.816  2.423   -18.375 1.00 87.51 ? 63  ASP A N    1 
ATOM 634  C CA   . ASP A 1 63  ? 16.822  2.809   -19.360 1.00 87.51 ? 63  ASP A CA   1 
ATOM 635  C C    . ASP A 1 63  ? 17.048  1.639   -20.312 1.00 87.51 ? 63  ASP A C    1 
ATOM 636  O O    . ASP A 1 63  ? 17.494  0.566   -19.893 1.00 87.51 ? 63  ASP A O    1 
ATOM 637  C CB   . ASP A 1 63  ? 18.124  3.217   -18.673 1.00 87.51 ? 63  ASP A CB   1 
ATOM 638  C CG   . ASP A 1 63  ? 19.071  3.939   -19.608 1.00 87.51 ? 63  ASP A CG   1 
ATOM 639  O OD1  . ASP A 1 63  ? 19.167  5.181   -19.514 1.00 87.51 ? 63  ASP A OD1  1 
ATOM 640  O OD2  . ASP A 1 63  ? 19.714  3.269   -20.440 1.00 87.51 ? 63  ASP A OD2  1 
ATOM 641  H H    . ASP A 1 63  ? 16.138  1.974   -17.714 1.00 87.51 ? 63  ASP A H    1 
ATOM 642  H HA   . ASP A 1 63  ? 16.499  3.566   -19.875 1.00 87.51 ? 63  ASP A HA   1 
ATOM 643  H HB2  . ASP A 1 63  ? 17.922  3.808   -17.931 1.00 87.51 ? 63  ASP A HB2  1 
ATOM 644  H HB3  . ASP A 1 63  ? 18.575  2.420   -18.352 1.00 87.51 ? 63  ASP A HB3  1 
ATOM 645  N N    . GLU A 1 64  ? 16.743  1.851   -21.593 1.00 87.45 ? 64  GLU A N    1 
ATOM 646  C CA   . GLU A 1 64  ? 16.884  0.790   -22.583 1.00 87.45 ? 64  GLU A CA   1 
ATOM 647  C C    . GLU A 1 64  ? 18.334  0.541   -22.976 1.00 87.45 ? 64  GLU A C    1 
ATOM 648  O O    . GLU A 1 64  ? 18.656  -0.557  -23.441 1.00 87.45 ? 64  GLU A O    1 
ATOM 649  C CB   . GLU A 1 64  ? 16.073  1.129   -23.833 1.00 87.45 ? 64  GLU A CB   1 
ATOM 650  C CG   . GLU A 1 64  ? 14.584  1.285   -23.588 1.00 87.45 ? 64  GLU A CG   1 
ATOM 651  C CD   . GLU A 1 64  ? 13.914  -0.023  -23.224 1.00 87.45 ? 64  GLU A CD   1 
ATOM 652  O OE1  . GLU A 1 64  ? 14.534  -1.087  -23.432 1.00 87.45 ? 64  GLU A OE1  1 
ATOM 653  O OE2  . GLU A 1 64  ? 12.767  0.012   -22.734 1.00 87.45 ? 64  GLU A OE2  1 
ATOM 654  H H    . GLU A 1 64  ? 16.455  2.597   -21.911 1.00 87.45 ? 64  GLU A H    1 
ATOM 655  H HA   . GLU A 1 64  ? 16.532  -0.033  -22.211 1.00 87.45 ? 64  GLU A HA   1 
ATOM 656  H HB2  . GLU A 1 64  ? 16.402  1.965   -24.198 1.00 87.45 ? 64  GLU A HB2  1 
ATOM 657  H HB3  . GLU A 1 64  ? 16.193  0.419   -24.484 1.00 87.45 ? 64  GLU A HB3  1 
ATOM 658  H HG2  . GLU A 1 64  ? 14.445  1.909   -22.859 1.00 87.45 ? 64  GLU A HG2  1 
ATOM 659  H HG3  . GLU A 1 64  ? 14.166  1.621   -24.397 1.00 87.45 ? 64  GLU A HG3  1 
ATOM 660  N N    . SER A 1 65  ? 19.213  1.531   -22.810 1.00 88.72 ? 65  SER A N    1 
ATOM 661  C CA   . SER A 1 65  ? 20.591  1.381   -23.256 1.00 88.72 ? 65  SER A CA   1 
ATOM 662  C C    . SER A 1 65  ? 21.399  0.443   -22.369 1.00 88.72 ? 65  SER A C    1 
ATOM 663  O O    . SER A 1 65  ? 22.382  -0.136  -22.842 1.00 88.72 ? 65  SER A O    1 
ATOM 664  C CB   . SER A 1 65  ? 21.273  2.749   -23.313 1.00 88.72 ? 65  SER A CB   1 
ATOM 665  O OG   . SER A 1 65  ? 21.478  3.269   -22.011 1.00 88.72 ? 65  SER A OG   1 
ATOM 666  H H    . SER A 1 65  ? 19.034  2.290   -22.447 1.00 88.72 ? 65  SER A H    1 
ATOM 667  H HA   . SER A 1 65  ? 20.591  1.013   -24.154 1.00 88.72 ? 65  SER A HA   1 
ATOM 668  H HB2  . SER A 1 65  ? 22.132  2.655   -23.753 1.00 88.72 ? 65  SER A HB2  1 
ATOM 669  H HB3  . SER A 1 65  ? 20.710  3.361   -23.811 1.00 88.72 ? 65  SER A HB3  1 
ATOM 670  H HG   . SER A 1 65  ? 20.740  3.464   -21.663 1.00 88.72 ? 65  SER A HG   1 
ATOM 671  N N    . SER A 1 66  ? 21.010  0.275   -21.101 1.00 87.35 ? 66  SER A N    1 
ATOM 672  C CA   . SER A 1 66  ? 21.771  -0.569  -20.188 1.00 87.35 ? 66  SER A CA   1 
ATOM 673  C C    . SER A 1 66  ? 20.894  -1.530  -19.393 1.00 87.35 ? 66  SER A C    1 
ATOM 674  O O    . SER A 1 66  ? 21.403  -2.190  -18.480 1.00 87.35 ? 66  SER A O    1 
ATOM 675  C CB   . SER A 1 66  ? 22.587  0.294   -19.221 1.00 87.35 ? 66  SER A CB   1 
ATOM 676  O OG   . SER A 1 66  ? 21.743  1.128   -18.447 1.00 87.35 ? 66  SER A OG   1 
ATOM 677  H H    . SER A 1 66  ? 20.314  0.639   -20.751 1.00 87.35 ? 66  SER A H    1 
ATOM 678  H HA   . SER A 1 66  ? 22.396  -1.105  -20.701 1.00 87.35 ? 66  SER A HA   1 
ATOM 679  H HB2  . SER A 1 66  ? 23.088  -0.286  -18.626 1.00 87.35 ? 66  SER A HB2  1 
ATOM 680  H HB3  . SER A 1 66  ? 23.197  0.849   -19.731 1.00 87.35 ? 66  SER A HB3  1 
ATOM 681  H HG   . SER A 1 66  ? 22.205  1.596   -17.923 1.00 87.35 ? 66  SER A HG   1 
ATOM 682  N N    . GLN A 1 67  ? 19.602  -1.636  -19.708 1.00 86.75 ? 67  GLN A N    1 
ATOM 683  C CA   . GLN A 1 67  ? 18.713  -2.587  -19.041 1.00 86.75 ? 67  GLN A CA   1 
ATOM 684  C C    . GLN A 1 67  ? 18.707  -2.371  -17.529 1.00 86.75 ? 67  GLN A C    1 
ATOM 685  O O    . GLN A 1 67  ? 18.840  -3.317  -16.749 1.00 86.75 ? 67  GLN A O    1 
ATOM 686  C CB   . GLN A 1 67  ? 19.099  -4.031  -19.373 1.00 86.75 ? 67  GLN A CB   1 
ATOM 687  C CG   . GLN A 1 67  ? 19.506  -4.269  -20.822 1.00 86.75 ? 67  GLN A CG   1 
ATOM 688  C CD   . GLN A 1 67  ? 18.328  -4.234  -21.772 1.00 86.75 ? 67  GLN A CD   1 
ATOM 689  O OE1  . GLN A 1 67  ? 17.373  -3.485  -21.569 1.00 86.75 ? 67  GLN A OE1  1 
ATOM 690  N NE2  . GLN A 1 67  ? 18.389  -5.049  -22.819 1.00 86.75 ? 67  GLN A NE2  1 
ATOM 691  H H    . GLN A 1 67  ? 19.213  -1.163  -20.311 1.00 86.75 ? 67  GLN A H    1 
ATOM 692  H HA   . GLN A 1 67  ? 17.809  -2.442  -19.361 1.00 86.75 ? 67  GLN A HA   1 
ATOM 693  H HB2  . GLN A 1 67  ? 19.850  -4.286  -18.814 1.00 86.75 ? 67  GLN A HB2  1 
ATOM 694  H HB3  . GLN A 1 67  ? 18.342  -4.605  -19.183 1.00 86.75 ? 67  GLN A HB3  1 
ATOM 695  H HG2  . GLN A 1 67  ? 20.140  -3.592  -21.101 1.00 86.75 ? 67  GLN A HG2  1 
ATOM 696  H HG3  . GLN A 1 67  ? 19.914  -5.147  -20.891 1.00 86.75 ? 67  GLN A HG3  1 
ATOM 697  H HE21 . GLN A 1 67  ? 19.072  -5.558  -22.927 1.00 86.75 ? 67  GLN A HE21 1 
ATOM 698  H HE22 . GLN A 1 67  ? 17.744  -5.067  -23.387 1.00 86.75 ? 67  GLN A HE22 1 
ATOM 699  N N    . GLU A 1 68  ? 18.554  -1.117  -17.109 1.00 86.47 ? 68  GLU A N    1 
ATOM 700  C CA   . GLU A 1 68  ? 18.559  -0.762  -15.698 1.00 86.47 ? 68  GLU A CA   1 
ATOM 701  C C    . GLU A 1 68  ? 17.359  0.124   -15.395 1.00 86.47 ? 68  GLU A C    1 
ATOM 702  O O    . GLU A 1 68  ? 16.917  0.911   -16.237 1.00 86.47 ? 68  GLU A O    1 
ATOM 703  C CB   . GLU A 1 68  ? 19.885  -0.065  -15.314 1.00 86.47 ? 68  GLU A CB   1 
ATOM 704  C CG   . GLU A 1 68  ? 19.928  1.455   -15.489 1.00 86.47 ? 68  GLU A CG   1 
ATOM 705  C CD   . GLU A 1 68  ? 19.181  2.213   -14.407 1.00 86.47 ? 68  GLU A CD   1 
ATOM 706  O OE1  . GLU A 1 68  ? 18.999  3.439   -14.557 1.00 86.47 ? 68  GLU A OE1  1 
ATOM 707  O OE2  . GLU A 1 68  ? 18.785  1.587   -13.402 1.00 86.47 ? 68  GLU A OE2  1 
ATOM 708  H H    . GLU A 1 68  ? 18.442  -0.445  -17.634 1.00 86.47 ? 68  GLU A H    1 
ATOM 709  H HA   . GLU A 1 68  ? 18.477  -1.567  -15.166 1.00 86.47 ? 68  GLU A HA   1 
ATOM 710  H HB2  . GLU A 1 68  ? 20.069  -0.255  -14.380 1.00 86.47 ? 68  GLU A HB2  1 
ATOM 711  H HB3  . GLU A 1 68  ? 20.593  -0.439  -15.862 1.00 86.47 ? 68  GLU A HB3  1 
ATOM 712  H HG2  . GLU A 1 68  ? 20.854  1.745   -15.471 1.00 86.47 ? 68  GLU A HG2  1 
ATOM 713  H HG3  . GLU A 1 68  ? 19.530  1.682   -16.343 1.00 86.47 ? 68  GLU A HG3  1 
ATOM 714  N N    . ILE A 1 69  ? 16.835  -0.013  -14.178 1.00 84.98 ? 69  ILE A N    1 
ATOM 715  C CA   . ILE A 1 69  ? 15.661  0.722   -13.722 1.00 84.98 ? 69  ILE A CA   1 
ATOM 716  C C    . ILE A 1 69  ? 16.047  1.520   -12.485 1.00 84.98 ? 69  ILE A C    1 
ATOM 717  O O    . ILE A 1 69  ? 16.672  0.983   -11.562 1.00 84.98 ? 69  ILE A O    1 
ATOM 718  C CB   . ILE A 1 69  ? 14.487  -0.226  -13.422 1.00 84.98 ? 69  ILE A CB   1 
ATOM 719  C CG1  . ILE A 1 69  ? 14.192  -1.097  -14.646 1.00 84.98 ? 69  ILE A CG1  1 
ATOM 720  C CG2  . ILE A 1 69  ? 13.248  0.568   -13.021 1.00 84.98 ? 69  ILE A CG2  1 
ATOM 721  C CD1  . ILE A 1 69  ? 13.008  -2.026  -14.477 1.00 84.98 ? 69  ILE A CD1  1 
ATOM 722  H H    . ILE A 1 69  ? 17.154  -0.545  -13.582 1.00 84.98 ? 69  ILE A H    1 
ATOM 723  H HA   . ILE A 1 69  ? 15.382  1.345   -14.411 1.00 84.98 ? 69  ILE A HA   1 
ATOM 724  H HB   . ILE A 1 69  ? 14.736  -0.804  -12.685 1.00 84.98 ? 69  ILE A HB   1 
ATOM 725  H HG12 . ILE A 1 69  ? 14.008  -0.520  -15.404 1.00 84.98 ? 69  ILE A HG12 1 
ATOM 726  H HG13 . ILE A 1 69  ? 14.969  -1.646  -14.835 1.00 84.98 ? 69  ILE A HG13 1 
ATOM 727  H HG21 . ILE A 1 69  ? 12.545  -0.048  -12.763 1.00 84.98 ? 69  ILE A HG21 1 
ATOM 728  H HG22 . ILE A 1 69  ? 12.958  1.102   -13.777 1.00 84.98 ? 69  ILE A HG22 1 
ATOM 729  H HG23 . ILE A 1 69  ? 13.463  1.145   -12.272 1.00 84.98 ? 69  ILE A HG23 1 
ATOM 730  H HD11 . ILE A 1 69  ? 13.010  -2.671  -15.200 1.00 84.98 ? 69  ILE A HD11 1 
ATOM 731  H HD12 . ILE A 1 69  ? 12.190  -1.506  -14.500 1.00 84.98 ? 69  ILE A HD12 1 
ATOM 732  H HD13 . ILE A 1 69  ? 13.087  -2.484  -13.625 1.00 84.98 ? 69  ILE A HD13 1 
ATOM 733  N N    . GLN A 1 70  ? 15.678  2.799   -12.467 1.00 83.97 ? 70  GLN A N    1 
ATOM 734  C CA   . GLN A 1 70  ? 16.011  3.708   -11.380 1.00 83.97 ? 70  GLN A CA   1 
ATOM 735  C C    . GLN A 1 70  ? 14.735  4.268   -10.766 1.00 83.97 ? 70  GLN A C    1 
ATOM 736  O O    . GLN A 1 70  ? 13.784  4.598   -11.481 1.00 83.97 ? 70  GLN A O    1 
ATOM 737  C CB   . GLN A 1 70  ? 16.897  4.854   -11.879 1.00 83.97 ? 70  GLN A CB   1 
ATOM 738  C CG   . GLN A 1 70  ? 17.456  5.734   -10.777 1.00 83.97 ? 70  GLN A CG   1 
ATOM 739  C CD   . GLN A 1 70  ? 18.409  6.786   -11.306 1.00 83.97 ? 70  GLN A CD   1 
ATOM 740  O OE1  . GLN A 1 70  ? 19.428  6.467   -11.917 1.00 83.97 ? 70  GLN A OE1  1 
ATOM 741  N NE2  . GLN A 1 70  ? 18.081  8.052   -11.074 1.00 83.97 ? 70  GLN A NE2  1 
ATOM 742  H H    . GLN A 1 70  ? 15.221  3.171   -13.093 1.00 83.97 ? 70  GLN A H    1 
ATOM 743  H HA   . GLN A 1 70  ? 16.496  3.227   -10.691 1.00 83.97 ? 70  GLN A HA   1 
ATOM 744  H HB2  . GLN A 1 70  ? 17.647  4.478   -12.365 1.00 83.97 ? 70  GLN A HB2  1 
ATOM 745  H HB3  . GLN A 1 70  ? 16.374  5.417   -12.471 1.00 83.97 ? 70  GLN A HB3  1 
ATOM 746  H HG2  . GLN A 1 70  ? 16.725  6.187   -10.330 1.00 83.97 ? 70  GLN A HG2  1 
ATOM 747  H HG3  . GLN A 1 70  ? 17.941  5.180   -10.146 1.00 83.97 ? 70  GLN A HG3  1 
ATOM 748  H HE21 . GLN A 1 70  ? 17.360  8.237   -10.644 1.00 83.97 ? 70  GLN A HE21 1 
ATOM 749  H HE22 . GLN A 1 70  ? 18.589  8.686   -11.355 1.00 83.97 ? 70  GLN A HE22 1 
ATOM 750  N N    . VAL A 1 71  ? 14.718  4.367   -9.438  1.00 85.31 ? 71  VAL A N    1 
ATOM 751  C CA   . VAL A 1 71  ? 13.565  4.854   -8.691  1.00 85.31 ? 71  VAL A CA   1 
ATOM 752  C C    . VAL A 1 71  ? 14.041  5.892   -7.684  1.00 85.31 ? 71  VAL A C    1 
ATOM 753  O O    . VAL A 1 71  ? 15.037  5.673   -6.986  1.00 85.31 ? 71  VAL A O    1 
ATOM 754  C CB   . VAL A 1 71  ? 12.825  3.707   -7.975  1.00 85.31 ? 71  VAL A CB   1 
ATOM 755  C CG1  . VAL A 1 71  ? 11.575  4.224   -7.270  1.00 85.31 ? 71  VAL A CG1  1 
ATOM 756  C CG2  . VAL A 1 71  ? 12.466  2.609   -8.962  1.00 85.31 ? 71  VAL A CG2  1 
ATOM 757  H H    . VAL A 1 71  ? 15.382  4.151   -8.935  1.00 85.31 ? 71  VAL A H    1 
ATOM 758  H HA   . VAL A 1 71  ? 12.944  5.283   -9.300  1.00 85.31 ? 71  VAL A HA   1 
ATOM 759  H HB   . VAL A 1 71  ? 13.411  3.326   -7.303  1.00 85.31 ? 71  VAL A HB   1 
ATOM 760  H HG11 . VAL A 1 71  ? 11.800  4.998   -6.731  1.00 85.31 ? 71  VAL A HG11 1 
ATOM 761  H HG12 . VAL A 1 71  ? 10.913  4.467   -7.937  1.00 85.31 ? 71  VAL A HG12 1 
ATOM 762  H HG13 . VAL A 1 71  ? 11.228  3.522   -6.699  1.00 85.31 ? 71  VAL A HG13 1 
ATOM 763  H HG21 . VAL A 1 71  ? 11.929  1.941   -8.508  1.00 85.31 ? 71  VAL A HG21 1 
ATOM 764  H HG22 . VAL A 1 71  ? 11.962  2.995   -9.696  1.00 85.31 ? 71  VAL A HG22 1 
ATOM 765  H HG23 . VAL A 1 71  ? 13.281  2.205   -9.298  1.00 85.31 ? 71  VAL A HG23 1 
ATOM 766  N N    . GLU A 1 72  ? 13.331  7.017   -7.611  1.00 86.97 ? 72  GLU A N    1 
ATOM 767  C CA   . GLU A 1 72  ? 13.605  8.050   -6.623  1.00 86.97 ? 72  GLU A CA   1 
ATOM 768  C C    . GLU A 1 72  ? 12.289  8.634   -6.131  1.00 86.97 ? 72  GLU A C    1 
ATOM 769  O O    . GLU A 1 72  ? 11.300  8.682   -6.867  1.00 86.97 ? 72  GLU A O    1 
ATOM 770  C CB   . GLU A 1 72  ? 14.501  9.160   -7.194  1.00 86.97 ? 72  GLU A CB   1 
ATOM 771  C CG   . GLU A 1 72  ? 13.902  9.922   -8.373  1.00 86.97 ? 72  GLU A CG   1 
ATOM 772  C CD   . GLU A 1 72  ? 14.337  9.374   -9.720  1.00 86.97 ? 72  GLU A CD   1 
ATOM 773  O OE1  . GLU A 1 72  ? 15.324  8.609   -9.773  1.00 86.97 ? 72  GLU A OE1  1 
ATOM 774  O OE2  . GLU A 1 72  ? 13.689  9.710   -10.733 1.00 86.97 ? 72  GLU A OE2  1 
ATOM 775  H H    . GLU A 1 72  ? 12.674  7.206   -8.133  1.00 86.97 ? 72  GLU A H    1 
ATOM 776  H HA   . GLU A 1 72  ? 14.061  7.653   -5.865  1.00 86.97 ? 72  GLU A HA   1 
ATOM 777  H HB2  . GLU A 1 72  ? 14.673  9.804   -6.489  1.00 86.97 ? 72  GLU A HB2  1 
ATOM 778  H HB3  . GLU A 1 72  ? 15.340  8.765   -7.479  1.00 86.97 ? 72  GLU A HB3  1 
ATOM 779  H HG2  . GLU A 1 72  ? 12.935  9.876   -8.334  1.00 86.97 ? 72  GLU A HG2  1 
ATOM 780  H HG3  . GLU A 1 72  ? 14.189  10.848  -8.325  1.00 86.97 ? 72  GLU A HG3  1 
ATOM 781  N N    . VAL A 1 73  ? 12.287  9.077   -4.875  1.00 89.21 ? 73  VAL A N    1 
ATOM 782  C CA   . VAL A 1 73  ? 11.100  9.642   -4.243  1.00 89.21 ? 73  VAL A CA   1 
ATOM 783  C C    . VAL A 1 73  ? 11.175  11.156  -4.401  1.00 89.21 ? 73  VAL A C    1 
ATOM 784  O O    . VAL A 1 73  ? 11.986  11.824  -3.758  1.00 89.21 ? 73  VAL A O    1 
ATOM 785  C CB   . VAL A 1 73  ? 10.992  9.230   -2.775  1.00 89.21 ? 73  VAL A CB   1 
ATOM 786  C CG1  . VAL A 1 73  ? 9.736   9.830   -2.140  1.00 89.21 ? 73  VAL A CG1  1 
ATOM 787  C CG2  . VAL A 1 73  ? 10.981  7.714   -2.666  1.00 89.21 ? 73  VAL A CG2  1 
ATOM 788  H H    . VAL A 1 73  ? 12.974  9.059   -4.359  1.00 89.21 ? 73  VAL A H    1 
ATOM 789  H HA   . VAL A 1 73  ? 10.308  9.325   -4.707  1.00 89.21 ? 73  VAL A HA   1 
ATOM 790  H HB   . VAL A 1 73  ? 11.766  9.564   -2.295  1.00 89.21 ? 73  VAL A HB   1 
ATOM 791  H HG11 . VAL A 1 73  ? 9.262   9.125   -1.673  1.00 89.21 ? 73  VAL A HG11 1 
ATOM 792  H HG12 . VAL A 1 73  ? 9.169   10.204  -2.833  1.00 89.21 ? 73  VAL A HG12 1 
ATOM 793  H HG13 . VAL A 1 73  ? 9.988   10.525  -1.513  1.00 89.21 ? 73  VAL A HG13 1 
ATOM 794  H HG21 . VAL A 1 73  ? 10.777  7.460   -1.752  1.00 89.21 ? 73  VAL A HG21 1 
ATOM 795  H HG22 . VAL A 1 73  ? 10.304  7.368   -3.267  1.00 89.21 ? 73  VAL A HG22 1 
ATOM 796  H HG23 . VAL A 1 73  ? 11.852  7.368   -2.919  1.00 89.21 ? 73  VAL A HG23 1 
ATOM 797  N N    . THR A 1 74  ? 10.318  11.701  -5.263  1.00 90.52 ? 74  THR A N    1 
ATOM 798  C CA   . THR A 1 74  ? 10.301  13.142  -5.475  1.00 90.52 ? 74  THR A CA   1 
ATOM 799  C C    . THR A 1 74  ? 9.659   13.873  -4.303  1.00 90.52 ? 74  THR A C    1 
ATOM 800  O O    . THR A 1 74  ? 10.142  14.932  -3.890  1.00 90.52 ? 74  THR A O    1 
ATOM 801  C CB   . THR A 1 74  ? 9.564   13.471  -6.772  1.00 90.52 ? 74  THR A CB   1 
ATOM 802  O OG1  . THR A 1 74  ? 10.180  12.777  -7.864  1.00 90.52 ? 74  THR A OG1  1 
ATOM 803  C CG2  . THR A 1 74  ? 9.599   14.964  -7.039  1.00 90.52 ? 74  THR A CG2  1 
ATOM 804  H H    . THR A 1 74  ? 9.745   11.262  -5.731  1.00 90.52 ? 74  THR A H    1 
ATOM 805  H HA   . THR A 1 74  ? 11.214  13.459  -5.560  1.00 90.52 ? 74  THR A HA   1 
ATOM 806  H HB   . THR A 1 74  ? 8.638   13.193  -6.695  1.00 90.52 ? 74  THR A HB   1 
ATOM 807  H HG1  . THR A 1 74  ? 10.989  12.997  -7.925  1.00 90.52 ? 74  THR A HG1  1 
ATOM 808  H HG21 . THR A 1 74  ? 9.304   15.144  -7.945  1.00 90.52 ? 74  THR A HG21 1 
ATOM 809  H HG22 . THR A 1 74  ? 9.014   15.427  -6.419  1.00 90.52 ? 74  THR A HG22 1 
ATOM 810  H HG23 . THR A 1 74  ? 10.504  15.297  -6.930  1.00 90.52 ? 74  THR A HG23 1 
ATOM 811  N N    . SER A 1 75  ? 8.574   13.329  -3.756  1.00 91.42 ? 75  SER A N    1 
ATOM 812  C CA   . SER A 1 75  ? 7.878   13.970  -2.649  1.00 91.42 ? 75  SER A CA   1 
ATOM 813  C C    . SER A 1 75  ? 7.295   12.900  -1.741  1.00 91.42 ? 75  SER A C    1 
ATOM 814  O O    . SER A 1 75  ? 7.010   11.781  -2.177  1.00 91.42 ? 75  SER A O    1 
ATOM 815  C CB   . SER A 1 75  ? 6.767   14.901  -3.144  1.00 91.42 ? 75  SER A CB   1 
ATOM 816  O OG   . SER A 1 75  ? 6.117   15.533  -2.054  1.00 91.42 ? 75  SER A OG   1 
ATOM 817  H H    . SER A 1 75  ? 8.223   12.586  -4.008  1.00 91.42 ? 75  SER A H    1 
ATOM 818  H HA   . SER A 1 75  ? 8.509   14.495  -2.132  1.00 91.42 ? 75  SER A HA   1 
ATOM 819  H HB2  . SER A 1 75  ? 7.154   15.579  -3.720  1.00 91.42 ? 75  SER A HB2  1 
ATOM 820  H HB3  . SER A 1 75  ? 6.115   14.379  -3.636  1.00 91.42 ? 75  SER A HB3  1 
ATOM 821  H HG   . SER A 1 75  ? 5.535   16.069  -2.337  1.00 91.42 ? 75  SER A HG   1 
ATOM 822  N N    . MET A 1 76  ? 7.123   13.258  -0.469  1.00 92.36 ? 76  MET A N    1 
ATOM 823  C CA   . MET A 1 76  ? 6.605   12.325  0.520   1.00 92.36 ? 76  MET A CA   1 
ATOM 824  C C    . MET A 1 76  ? 5.098   12.427  0.704   1.00 92.36 ? 76  MET A C    1 
ATOM 825  O O    . MET A 1 76  ? 4.457   11.418  1.020   1.00 92.36 ? 76  MET A O    1 
ATOM 826  C CB   . MET A 1 76  ? 7.290   12.561  1.874   1.00 92.36 ? 76  MET A CB   1 
ATOM 827  C CG   . MET A 1 76  ? 8.504   11.672  2.194   1.00 92.36 ? 76  MET A CG   1 
ATOM 828  S SD   . MET A 1 76  ? 8.640   10.069  1.367   1.00 92.36 ? 76  MET A SD   1 
ATOM 829  C CE   . MET A 1 76  ? 7.071   9.308   1.783   1.00 92.36 ? 76  MET A CE   1 
ATOM 830  H H    . MET A 1 76  ? 7.301   14.039  -0.156  1.00 92.36 ? 76  MET A H    1 
ATOM 831  H HA   . MET A 1 76  ? 6.802   11.435  0.206   1.00 92.36 ? 76  MET A HA   1 
ATOM 832  H HB2  . MET A 1 76  ? 7.590   13.484  1.906   1.00 92.36 ? 76  MET A HB2  1 
ATOM 833  H HB3  . MET A 1 76  ? 6.636   12.414  2.575   1.00 92.36 ? 76  MET A HB3  1 
ATOM 834  H HG2  . MET A 1 76  ? 9.303   12.173  1.969   1.00 92.36 ? 76  MET A HG2  1 
ATOM 835  H HG3  . MET A 1 76  ? 8.498   11.495  3.147   1.00 92.36 ? 76  MET A HG3  1 
ATOM 836  H HE1  . MET A 1 76  ? 7.085   9.054   2.718   1.00 92.36 ? 76  MET A HE1  1 
ATOM 837  H HE2  . MET A 1 76  ? 6.947   8.520   1.229   1.00 92.36 ? 76  MET A HE2  1 
ATOM 838  H HE3  . MET A 1 76  ? 6.349   9.934   1.626   1.00 92.36 ? 76  MET A HE3  1 
ATOM 839  N N    . GLY A 1 77  ? 4.517   13.608  0.507   1.00 94.15 ? 77  GLY A N    1 
ATOM 840  C CA   . GLY A 1 77  ? 3.097   13.794  0.727   1.00 94.15 ? 77  GLY A CA   1 
ATOM 841  C C    . GLY A 1 77  ? 2.728   13.702  2.193   1.00 94.15 ? 77  GLY A C    1 
ATOM 842  O O    . GLY A 1 77  ? 3.122   14.556  2.992   1.00 94.15 ? 77  GLY A O    1 
ATOM 843  H H    . GLY A 1 77  ? 4.929   14.316  0.246   1.00 94.15 ? 77  GLY A H    1 
ATOM 844  H HA2  . GLY A 1 77  ? 2.828   14.665  0.394   1.00 94.15 ? 77  GLY A HA2  1 
ATOM 845  H HA3  . GLY A 1 77  ? 2.603   13.114  0.243   1.00 94.15 ? 77  GLY A HA3  1 
ATOM 846  N N    . ASN A 1 78  ? 1.972   12.667  2.558   1.00 94.03 ? 78  ASN A N    1 
ATOM 847  C CA   . ASN A 1 78  ? 1.607   12.420  3.945   1.00 94.03 ? 78  ASN A CA   1 
ATOM 848  C C    . ASN A 1 78  ? 2.123   11.088  4.470   1.00 94.03 ? 78  ASN A C    1 
ATOM 849  O O    . ASN A 1 78  ? 2.038   10.842  5.678   1.00 94.03 ? 78  ASN A O    1 
ATOM 850  C CB   . ASN A 1 78  ? 0.081   12.489  4.114   1.00 94.03 ? 78  ASN A CB   1 
ATOM 851  C CG   . ASN A 1 78  ? -0.637  11.279  3.534   1.00 94.03 ? 78  ASN A CG   1 
ATOM 852  O OD1  . ASN A 1 78  ? -0.014  10.342  3.035   1.00 94.03 ? 78  ASN A OD1  1 
ATOM 853  N ND2  . ASN A 1 78  ? -1.961  11.298  3.603   1.00 94.03 ? 78  ASN A ND2  1 
ATOM 854  H H    . ASN A 1 78  ? 1.653   12.087  2.008   1.00 94.03 ? 78  ASN A H    1 
ATOM 855  H HA   . ASN A 1 78  ? 1.991   13.117  4.498   1.00 94.03 ? 78  ASN A HA   1 
ATOM 856  H HB2  . ASN A 1 78  ? -0.130  12.537  5.059   1.00 94.03 ? 78  ASN A HB2  1 
ATOM 857  H HB3  . ASN A 1 78  ? -0.251  13.279  3.660   1.00 94.03 ? 78  ASN A HB3  1 
ATOM 858  H HD21 . ASN A 1 78  ? -2.364  11.969  3.960   1.00 94.03 ? 78  ASN A HD21 1 
ATOM 859  H HD22 . ASN A 1 78  ? -2.419  10.639  3.290   1.00 94.03 ? 78  ASN A HD22 1 
ATOM 860  N N    . SER A 1 79  ? 2.653   10.226  3.605   1.00 94.03 ? 79  SER A N    1 
ATOM 861  C CA   . SER A 1 79  ? 3.225   8.967   4.051   1.00 94.03 ? 79  SER A CA   1 
ATOM 862  C C    . SER A 1 79  ? 4.605   9.214   4.657   1.00 94.03 ? 79  SER A C    1 
ATOM 863  O O    . SER A 1 79  ? 5.094   10.345  4.721   1.00 94.03 ? 79  SER A O    1 
ATOM 864  C CB   . SER A 1 79  ? 3.300   7.980   2.890   1.00 94.03 ? 79  SER A CB   1 
ATOM 865  O OG   . SER A 1 79  ? 4.309   8.352   1.967   1.00 94.03 ? 79  SER A OG   1 
ATOM 866  H H    . SER A 1 79  ? 2.691   10.349  2.755   1.00 94.03 ? 79  SER A H    1 
ATOM 867  H HA   . SER A 1 79  ? 2.658   8.584   4.738   1.00 94.03 ? 79  SER A HA   1 
ATOM 868  H HB2  . SER A 1 79  ? 3.500   7.097   3.238   1.00 94.03 ? 79  SER A HB2  1 
ATOM 869  H HB3  . SER A 1 79  ? 2.444   7.968   2.431   1.00 94.03 ? 79  SER A HB3  1 
ATOM 870  H HG   . SER A 1 79  ? 4.140   9.111   1.647   1.00 94.03 ? 79  SER A HG   1 
ATOM 871  N N    . ASP A 1 80  ? 5.246   8.134   5.110   1.00 92.46 ? 80  ASP A N    1 
ATOM 872  C CA   . ASP A 1 80  ? 6.548   8.250   5.749   1.00 92.46 ? 80  ASP A CA   1 
ATOM 873  C C    . ASP A 1 80  ? 7.585   7.268   5.220   1.00 92.46 ? 80  ASP A C    1 
ATOM 874  O O    . ASP A 1 80  ? 8.768   7.425   5.542   1.00 92.46 ? 80  ASP A O    1 
ATOM 875  C CB   . ASP A 1 80  ? 6.409   8.068   7.270   1.00 92.46 ? 80  ASP A CB   1 
ATOM 876  C CG   . ASP A 1 80  ? 5.696   6.785   7.641   1.00 92.46 ? 80  ASP A CG   1 
ATOM 877  O OD1  . ASP A 1 80  ? 5.495   5.936   6.748   1.00 92.46 ? 80  ASP A OD1  1 
ATOM 878  O OD2  . ASP A 1 80  ? 5.340   6.625   8.827   1.00 92.46 ? 80  ASP A OD2  1 
ATOM 879  H H    . ASP A 1 80  ? 4.945   7.330   5.057   1.00 92.46 ? 80  ASP A H    1 
ATOM 880  H HA   . ASP A 1 80  ? 6.894   9.142   5.594   1.00 92.46 ? 80  ASP A HA   1 
ATOM 881  H HB2  . ASP A 1 80  ? 7.292   8.049   7.669   1.00 92.46 ? 80  ASP A HB2  1 
ATOM 882  H HB3  . ASP A 1 80  ? 5.896   8.809   7.630   1.00 92.46 ? 80  ASP A HB3  1 
ATOM 883  N N    . LEU A 1 81  ? 7.197   6.271   4.428   1.00 90.90 ? 81  LEU A N    1 
ATOM 884  C CA   . LEU A 1 81  ? 8.166   5.371   3.820   1.00 90.90 ? 81  LEU A CA   1 
ATOM 885  C C    . LEU A 1 81  ? 7.530   4.711   2.607   1.00 90.90 ? 81  LEU A C    1 
ATOM 886  O O    . LEU A 1 81  ? 6.315   4.500   2.554   1.00 90.90 ? 81  LEU A O    1 
ATOM 887  C CB   . LEU A 1 81  ? 8.665   4.318   4.818   1.00 90.90 ? 81  LEU A CB   1 
ATOM 888  C CG   . LEU A 1 81  ? 7.688   3.225   5.260   1.00 90.90 ? 81  LEU A CG   1 
ATOM 889  C CD1  . LEU A 1 81  ? 7.719   2.031   4.313   1.00 90.90 ? 81  LEU A CD1  1 
ATOM 890  C CD2  . LEU A 1 81  ? 7.996   2.788   6.683   1.00 90.90 ? 81  LEU A CD2  1 
ATOM 891  H H    . LEU A 1 81  ? 6.379   6.097   4.229   1.00 90.90 ? 81  LEU A H    1 
ATOM 892  H HA   . LEU A 1 81  ? 8.930   5.885   3.517   1.00 90.90 ? 81  LEU A HA   1 
ATOM 893  H HB2  . LEU A 1 81  ? 9.432   3.874   4.424   1.00 90.90 ? 81  LEU A HB2  1 
ATOM 894  H HB3  . LEU A 1 81  ? 8.950   4.782   5.621   1.00 90.90 ? 81  LEU A HB3  1 
ATOM 895  H HG   . LEU A 1 81  ? 6.789   3.589   5.250   1.00 90.90 ? 81  LEU A HG   1 
ATOM 896  H HD11 . LEU A 1 81  ? 7.218   2.246   3.511   1.00 90.90 ? 81  LEU A HD11 1 
ATOM 897  H HD12 . LEU A 1 81  ? 8.639   1.827   4.085   1.00 90.90 ? 81  LEU A HD12 1 
ATOM 898  H HD13 . LEU A 1 81  ? 7.312   1.270   4.756   1.00 90.90 ? 81  LEU A HD13 1 
ATOM 899  H HD21 . LEU A 1 81  ? 7.887   3.548   7.277   1.00 90.90 ? 81  LEU A HD21 1 
ATOM 900  H HD22 . LEU A 1 81  ? 7.383   2.080   6.935   1.00 90.90 ? 81  LEU A HD22 1 
ATOM 901  H HD23 . LEU A 1 81  ? 8.909   2.465   6.723   1.00 90.90 ? 81  LEU A HD23 1 
ATOM 902  N N    . VAL A 1 82  ? 8.370   4.384   1.629   1.00 89.37 ? 82  VAL A N    1 
ATOM 903  C CA   . VAL A 1 82  ? 7.935   3.802   0.367   1.00 89.37 ? 82  VAL A CA   1 
ATOM 904  C C    . VAL A 1 82  ? 8.732   2.530   0.116   1.00 89.37 ? 82  VAL A C    1 
ATOM 905  O O    . VAL A 1 82  ? 9.943   2.487   0.359   1.00 89.37 ? 82  VAL A O    1 
ATOM 906  C CB   . VAL A 1 82  ? 8.106   4.788   -0.808  1.00 89.37 ? 82  VAL A CB   1 
ATOM 907  C CG1  . VAL A 1 82  ? 7.619   4.158   -2.103  1.00 89.37 ? 82  VAL A CG1  1 
ATOM 908  C CG2  . VAL A 1 82  ? 7.362   6.089   -0.535  1.00 89.37 ? 82  VAL A CG2  1 
ATOM 909  H H    . VAL A 1 82  ? 9.222   4.493   1.678   1.00 89.37 ? 82  VAL A H    1 
ATOM 910  H HA   . VAL A 1 82  ? 6.997   3.564   0.428   1.00 89.37 ? 82  VAL A HA   1 
ATOM 911  H HB   . VAL A 1 82  ? 9.048   4.997   -0.912  1.00 89.37 ? 82  VAL A HB   1 
ATOM 912  H HG11 . VAL A 1 82  ? 7.114   4.819   -2.604  1.00 89.37 ? 82  VAL A HG11 1 
ATOM 913  H HG12 . VAL A 1 82  ? 7.055   3.398   -1.895  1.00 89.37 ? 82  VAL A HG12 1 
ATOM 914  H HG13 . VAL A 1 82  ? 8.388   3.871   -2.621  1.00 89.37 ? 82  VAL A HG13 1 
ATOM 915  H HG21 . VAL A 1 82  ? 7.734   6.785   -1.099  1.00 89.37 ? 82  VAL A HG21 1 
ATOM 916  H HG22 . VAL A 1 82  ? 7.464   6.334   0.397   1.00 89.37 ? 82  VAL A HG22 1 
ATOM 917  H HG23 . VAL A 1 82  ? 6.422   5.965   -0.746  1.00 89.37 ? 82  VAL A HG23 1 
ATOM 918  N N    . LYS A 1 83  ? 8.048   1.498   -0.369  1.00 87.88 ? 83  LYS A N    1 
ATOM 919  C CA   . LYS A 1 83  ? 8.687   0.241   -0.728  1.00 87.88 ? 83  LYS A CA   1 
ATOM 920  C C    . LYS A 1 83  ? 8.171   -0.200  -2.090  1.00 87.88 ? 83  LYS A C    1 
ATOM 921  O O    . LYS A 1 83  ? 7.080   0.183   -2.519  1.00 87.88 ? 83  LYS A O    1 
ATOM 922  C CB   . LYS A 1 83  ? 8.434   -0.846  0.325   1.00 87.88 ? 83  LYS A CB   1 
ATOM 923  C CG   . LYS A 1 83  ? 6.978   -1.240  0.493   1.00 87.88 ? 83  LYS A CG   1 
ATOM 924  C CD   . LYS A 1 83  ? 6.826   -2.332  1.537   1.00 87.88 ? 83  LYS A CD   1 
ATOM 925  C CE   . LYS A 1 83  ? 5.369   -2.695  1.759   1.00 87.88 ? 83  LYS A CE   1 
ATOM 926  N NZ   . LYS A 1 83  ? 5.207   -3.701  2.843   1.00 87.88 ? 83  LYS A NZ   1 
ATOM 927  H H    . LYS A 1 83  ? 7.198   1.503   -0.500  1.00 87.88 ? 83  LYS A H    1 
ATOM 928  H HA   . LYS A 1 83  ? 9.645   0.378   -0.798  1.00 87.88 ? 83  LYS A HA   1 
ATOM 929  H HB2  . LYS A 1 83  ? 8.928   -1.642  0.073   1.00 87.88 ? 83  LYS A HB2  1 
ATOM 930  H HB3  . LYS A 1 83  ? 8.752   -0.525  1.184   1.00 87.88 ? 83  LYS A HB3  1 
ATOM 931  H HG2  . LYS A 1 83  ? 6.467   -0.467  0.780   1.00 87.88 ? 83  LYS A HG2  1 
ATOM 932  H HG3  . LYS A 1 83  ? 6.634   -1.577  -0.350  1.00 87.88 ? 83  LYS A HG3  1 
ATOM 933  H HD2  . LYS A 1 83  ? 7.295   -3.127  1.240   1.00 87.88 ? 83  LYS A HD2  1 
ATOM 934  H HD3  . LYS A 1 83  ? 7.193   -2.022  2.380   1.00 87.88 ? 83  LYS A HD3  1 
ATOM 935  H HE2  . LYS A 1 83  ? 4.876   -1.898  2.009   1.00 87.88 ? 83  LYS A HE2  1 
ATOM 936  H HE3  . LYS A 1 83  ? 5.006   -3.071  0.941   1.00 87.88 ? 83  LYS A HE3  1 
ATOM 937  H HZ1  . LYS A 1 83  ? 4.344   -3.891  2.954   1.00 87.88 ? 83  LYS A HZ1  1 
ATOM 938  H HZ2  . LYS A 1 83  ? 5.642   -4.448  2.633   1.00 87.88 ? 83  LYS A HZ2  1 
ATOM 939  H HZ3  . LYS A 1 83  ? 5.532   -3.380  3.607   1.00 87.88 ? 83  LYS A HZ3  1 
ATOM 940  N N    . LEU A 1 84  ? 8.974   -1.014  -2.768  1.00 85.75 ? 84  LEU A N    1 
ATOM 941  C CA   . LEU A 1 84  ? 8.690   -1.443  -4.130  1.00 85.75 ? 84  LEU A CA   1 
ATOM 942  C C    . LEU A 1 84  ? 7.998   -2.799  -4.115  1.00 85.75 ? 84  LEU A C    1 
ATOM 943  O O    . LEU A 1 84  ? 8.415   -3.707  -3.389  1.00 85.75 ? 84  LEU A O    1 
ATOM 944  C CB   . LEU A 1 84  ? 9.976   -1.520  -4.953  1.00 85.75 ? 84  LEU A CB   1 
ATOM 945  C CG   . LEU A 1 84  ? 10.844  -0.261  -4.963  1.00 85.75 ? 84  LEU A CG   1 
ATOM 946  C CD1  . LEU A 1 84  ? 12.030  -0.449  -5.891  1.00 85.75 ? 84  LEU A CD1  1 
ATOM 947  C CD2  . LEU A 1 84  ? 10.031  0.957   -5.371  1.00 85.75 ? 84  LEU A CD2  1 
ATOM 948  H H    . LEU A 1 84  ? 9.705   -1.339  -2.451  1.00 85.75 ? 84  LEU A H    1 
ATOM 949  H HA   . LEU A 1 84  ? 8.094   -0.804  -4.551  1.00 85.75 ? 84  LEU A HA   1 
ATOM 950  H HB2  . LEU A 1 84  ? 10.520  -2.243  -4.602  1.00 85.75 ? 84  LEU A HB2  1 
ATOM 951  H HB3  . LEU A 1 84  ? 9.738   -1.714  -5.873  1.00 85.75 ? 84  LEU A HB3  1 
ATOM 952  H HG   . LEU A 1 84  ? 11.185  -0.106  -4.068  1.00 85.75 ? 84  LEU A HG   1 
ATOM 953  H HD11 . LEU A 1 84  ? 12.566  0.360   -5.887  1.00 85.75 ? 84  LEU A HD11 1 
ATOM 954  H HD12 . LEU A 1 84  ? 12.560  -1.198  -5.577  1.00 85.75 ? 84  LEU A HD12 1 
ATOM 955  H HD13 . LEU A 1 84  ? 11.706  -0.626  -6.787  1.00 85.75 ? 84  LEU A HD13 1 
ATOM 956  H HD21 . LEU A 1 84  ? 9.380   1.150   -4.679  1.00 85.75 ? 84  LEU A HD21 1 
ATOM 957  H HD22 . LEU A 1 84  ? 9.579   0.769   -6.209  1.00 85.75 ? 84  LEU A HD22 1 
ATOM 958  H HD23 . LEU A 1 84  ? 10.630  1.711   -5.480  1.00 85.75 ? 84  LEU A HD23 1 
ATOM 959  N N    . GLY A 1 85  ? 6.945   -2.928  -4.918  1.00 85.52 ? 85  GLY A N    1 
ATOM 960  C CA   . GLY A 1 85  ? 6.218   -4.177  -5.037  1.00 85.52 ? 85  GLY A CA   1 
ATOM 961  C C    . GLY A 1 85  ? 6.025   -4.591  -6.479  1.00 85.52 ? 85  GLY A C    1 
ATOM 962  O O    . GLY A 1 85  ? 6.657   -4.034  -7.381  1.00 85.52 ? 85  GLY A O    1 
ATOM 963  H H    . GLY A 1 85  ? 6.631   -2.296  -5.408  1.00 85.52 ? 85  GLY A H    1 
ATOM 964  H HA2  . GLY A 1 85  ? 6.700   -4.881  -4.577  1.00 85.52 ? 85  GLY A HA2  1 
ATOM 965  H HA3  . GLY A 1 85  ? 5.346   -4.083  -4.624  1.00 85.52 ? 85  GLY A HA3  1 
ATOM 966  N N    . GLY A 1 86  ? 5.154   -5.565  -6.713  1.00 85.32 ? 86  GLY A N    1 
ATOM 967  C CA   . GLY A 1 86  ? 4.909   -6.024  -8.072  1.00 85.32 ? 86  GLY A CA   1 
ATOM 968  C C    . GLY A 1 86  ? 5.944   -7.042  -8.491  1.00 85.32 ? 86  GLY A C    1 
ATOM 969  O O    . GLY A 1 86  ? 6.220   -8.000  -7.765  1.00 85.32 ? 86  GLY A O    1 
ATOM 970  H H    . GLY A 1 86  ? 4.697   -5.972  -6.109  1.00 85.32 ? 86  GLY A H    1 
ATOM 971  H HA2  . GLY A 1 86  ? 4.031   -6.432  -8.128  1.00 85.32 ? 86  GLY A HA2  1 
ATOM 972  H HA3  . GLY A 1 86  ? 4.944   -5.273  -8.684  1.00 85.32 ? 86  GLY A HA3  1 
ATOM 973  N N    . ALA A 1 87  ? 6.526   -6.838  -9.675  1.00 84.92 ? 87  ALA A N    1 
ATOM 974  C CA   . ALA A 1 87  ? 7.534   -7.763  -10.177 1.00 84.92 ? 87  ALA A CA   1 
ATOM 975  C C    . ALA A 1 87  ? 8.788   -7.778  -9.315  1.00 84.92 ? 87  ALA A C    1 
ATOM 976  O O    . ALA A 1 87  ? 9.567   -8.734  -9.393  1.00 84.92 ? 87  ALA A O    1 
ATOM 977  C CB   . ALA A 1 87  ? 7.902   -7.411  -11.617 1.00 84.92 ? 87  ALA A CB   1 
ATOM 978  H H    . ALA A 1 87  ? 6.355   -6.178  -10.199 1.00 84.92 ? 87  ALA A H    1 
ATOM 979  H HA   . ALA A 1 87  ? 7.164   -8.659  -10.175 1.00 84.92 ? 87  ALA A HA   1 
ATOM 980  H HB1  . ALA A 1 87  ? 8.576   -8.032  -11.932 1.00 84.92 ? 87  ALA A HB1  1 
ATOM 981  H HB2  . ALA A 1 87  ? 8.249   -6.506  -11.642 1.00 84.92 ? 87  ALA A HB2  1 
ATOM 982  H HB3  . ALA A 1 87  ? 7.107   -7.475  -12.170 1.00 84.92 ? 87  ALA A HB3  1 
ATOM 983  N N    . THR A 1 88  ? 9.006   -6.744  -8.499  1.00 85.96 ? 88  THR A N    1 
ATOM 984  C CA   . THR A 1 88  ? 10.175  -6.722  -7.628  1.00 85.96 ? 88  THR A CA   1 
ATOM 985  C C    . THR A 1 88  ? 10.174  -7.880  -6.640  1.00 85.96 ? 88  THR A C    1 
ATOM 986  O O    . THR A 1 88  ? 11.244  -8.275  -6.165  1.00 85.96 ? 88  THR A O    1 
ATOM 987  C CB   . THR A 1 88  ? 10.244  -5.400  -6.864  1.00 85.96 ? 88  THR A CB   1 
ATOM 988  O OG1  . THR A 1 88  ? 9.064   -5.243  -6.067  1.00 85.96 ? 88  THR A OG1  1 
ATOM 989  C CG2  . THR A 1 88  ? 10.363  -4.230  -7.826  1.00 85.96 ? 88  THR A CG2  1 
ATOM 990  H H    . THR A 1 88  ? 8.498   -6.054  -8.433  1.00 85.96 ? 88  THR A H    1 
ATOM 991  H HA   . THR A 1 88  ? 10.975  -6.796  -8.173  1.00 85.96 ? 88  THR A HA   1 
ATOM 992  H HB   . THR A 1 88  ? 11.024  -5.402  -6.287  1.00 85.96 ? 88  THR A HB   1 
ATOM 993  H HG1  . THR A 1 88  ? 9.108   -4.527  -5.629  1.00 85.96 ? 88  THR A HG1  1 
ATOM 994  H HG21 . THR A 1 88  ? 10.482  -3.404  -7.331  1.00 85.96 ? 88  THR A HG21 1 
ATOM 995  H HG22 . THR A 1 88  ? 11.126  -4.359  -8.412  1.00 85.96 ? 88  THR A HG22 1 
ATOM 996  H HG23 . THR A 1 88  ? 9.560   -4.161  -8.365  1.00 85.96 ? 88  THR A HG23 1 
ATOM 997  N N    . ASP A 1 89  ? 9.001   -8.429  -6.321  1.00 87.19 ? 89  ASP A N    1 
ATOM 998  C CA   . ASP A 1 89  ? 8.939   -9.549  -5.388  1.00 87.19 ? 89  ASP A CA   1 
ATOM 999  C C    . ASP A 1 89  ? 9.725   -10.742 -5.917  1.00 87.19 ? 89  ASP A C    1 
ATOM 1000 O O    . ASP A 1 89  ? 10.501  -11.365 -5.184  1.00 87.19 ? 89  ASP A O    1 
ATOM 1001 C CB   . ASP A 1 89  ? 7.481   -9.934  -5.134  1.00 87.19 ? 89  ASP A CB   1 
ATOM 1002 C CG   . ASP A 1 89  ? 7.295   -10.695 -3.837  1.00 87.19 ? 89  ASP A CG   1 
ATOM 1003 O OD1  . ASP A 1 89  ? 8.295   -10.916 -3.124  1.00 87.19 ? 89  ASP A OD1  1 
ATOM 1004 O OD2  . ASP A 1 89  ? 6.145   -11.073 -3.531  1.00 87.19 ? 89  ASP A OD2  1 
ATOM 1005 H H    . ASP A 1 89  ? 8.239   -8.176  -6.626  1.00 87.19 ? 89  ASP A H    1 
ATOM 1006 H HA   . ASP A 1 89  ? 9.333   -9.278  -4.543  1.00 87.19 ? 89  ASP A HA   1 
ATOM 1007 H HB2  . ASP A 1 89  ? 6.944   -9.128  -5.089  1.00 87.19 ? 89  ASP A HB2  1 
ATOM 1008 H HB3  . ASP A 1 89  ? 7.173   -10.499 -5.861  1.00 87.19 ? 89  ASP A HB3  1 
ATOM 1009 N N    . GLY A 1 90  ? 9.536   -11.073 -7.194  1.00 85.04 ? 90  GLY A N    1 
ATOM 1010 C CA   . GLY A 1 90  ? 10.296  -12.163 -7.781  1.00 85.04 ? 90  GLY A CA   1 
ATOM 1011 C C    . GLY A 1 90  ? 11.776  -11.850 -7.885  1.00 85.04 ? 90  GLY A C    1 
ATOM 1012 O O    . GLY A 1 90  ? 12.621  -12.714 -7.636  1.00 85.04 ? 90  GLY A O    1 
ATOM 1013 H H    . GLY A 1 90  ? 8.984   -10.688 -7.729  1.00 85.04 ? 90  GLY A H    1 
ATOM 1014 H HA2  . GLY A 1 90  ? 10.188  -12.961 -7.239  1.00 85.04 ? 90  GLY A HA2  1 
ATOM 1015 H HA3  . GLY A 1 90  ? 9.959   -12.350 -8.672  1.00 85.04 ? 90  GLY A HA3  1 
ATOM 1016 N N    . ILE A 1 91  ? 12.110  -10.613 -8.252  1.00 84.50 ? 91  ILE A N    1 
ATOM 1017 C CA   . ILE A 1 91  ? 13.512  -10.235 -8.408  1.00 84.50 ? 91  ILE A CA   1 
ATOM 1018 C C    . ILE A 1 91  ? 14.211  -10.232 -7.054  1.00 84.50 ? 91  ILE A C    1 
ATOM 1019 O O    . ILE A 1 91  ? 15.194  -10.950 -6.841  1.00 84.50 ? 91  ILE A O    1 
ATOM 1020 C CB   . ILE A 1 91  ? 13.625  -8.865  -9.099  1.00 84.50 ? 91  ILE A CB   1 
ATOM 1021 C CG1  . ILE A 1 91  ? 13.016  -8.921  -10.502 1.00 84.50 ? 91  ILE A CG1  1 
ATOM 1022 C CG2  . ILE A 1 91  ? 15.079  -8.426  -9.182  1.00 84.50 ? 91  ILE A CG2  1 
ATOM 1023 C CD1  . ILE A 1 91  ? 12.681  -7.560  -11.076 1.00 84.50 ? 91  ILE A CD1  1 
ATOM 1024 H H    . ILE A 1 91  ? 11.549  -9.982  -8.416  1.00 84.50 ? 91  ILE A H    1 
ATOM 1025 H HA   . ILE A 1 91  ? 13.953  -10.890 -8.970  1.00 84.50 ? 91  ILE A HA   1 
ATOM 1026 H HB   . ILE A 1 91  ? 13.133  -8.212  -8.575  1.00 84.50 ? 91  ILE A HB   1 
ATOM 1027 H HG12 . ILE A 1 91  ? 13.650  -9.346  -11.100 1.00 84.50 ? 91  ILE A HG12 1 
ATOM 1028 H HG13 . ILE A 1 91  ? 12.195  -9.437  -10.473 1.00 84.50 ? 91  ILE A HG13 1 
ATOM 1029 H HG21 . ILE A 1 91  ? 15.136  -7.632  -9.735  1.00 84.50 ? 91  ILE A HG21 1 
ATOM 1030 H HG22 . ILE A 1 91  ? 15.406  -8.228  -8.291  1.00 84.50 ? 91  ILE A HG22 1 
ATOM 1031 H HG23 . ILE A 1 91  ? 15.601  -9.141  -9.578  1.00 84.50 ? 91  ILE A HG23 1 
ATOM 1032 H HD11 . ILE A 1 91  ? 12.249  -7.679  -11.937 1.00 84.50 ? 91  ILE A HD11 1 
ATOM 1033 H HD12 . ILE A 1 91  ? 12.084  -7.099  -10.466 1.00 84.50 ? 91  ILE A HD12 1 
ATOM 1034 H HD13 . ILE A 1 91  ? 13.500  -7.052  -11.185 1.00 84.50 ? 91  ILE A HD13 1 
ATOM 1035 N N    . ALA A 1 92  ? 13.701  -9.437  -6.112  1.00 84.33 ? 92  ALA A N    1 
ATOM 1036 C CA   . ALA A 1 92  ? 14.386  -9.278  -4.834  1.00 84.33 ? 92  ALA A CA   1 
ATOM 1037 C C    . ALA A 1 92  ? 14.497  -10.597 -4.081  1.00 84.33 ? 92  ALA A C    1 
ATOM 1038 O O    . ALA A 1 92  ? 15.405  -10.762 -3.259  1.00 84.33 ? 92  ALA A O    1 
ATOM 1039 C CB   . ALA A 1 92  ? 13.658  -8.244  -3.975  1.00 84.33 ? 92  ALA A CB   1 
ATOM 1040 H H    . ALA A 1 92  ? 12.972  -8.987  -6.188  1.00 84.33 ? 92  ALA A H    1 
ATOM 1041 H HA   . ALA A 1 92  ? 15.284  -8.951  -4.997  1.00 84.33 ? 92  ALA A HA   1 
ATOM 1042 H HB1  . ALA A 1 92  ? 13.646  -7.396  -4.446  1.00 84.33 ? 92  ALA A HB1  1 
ATOM 1043 H HB2  . ALA A 1 92  ? 12.751  -8.548  -3.817  1.00 84.33 ? 92  ALA A HB2  1 
ATOM 1044 H HB3  . ALA A 1 92  ? 14.128  -8.148  -3.132  1.00 84.33 ? 92  ALA A HB3  1 
ATOM 1045 N N    . SER A 1 93  ? 13.594  -11.543 -4.345  1.00 85.38 ? 93  SER A N    1 
ATOM 1046 C CA   . SER A 1 93  ? 13.597  -12.795 -3.599  1.00 85.38 ? 93  SER A CA   1 
ATOM 1047 C C    . SER A 1 93  ? 14.821  -13.654 -3.890  1.00 85.38 ? 93  SER A C    1 
ATOM 1048 O O    . SER A 1 93  ? 15.401  -14.210 -2.953  1.00 85.38 ? 93  SER A O    1 
ATOM 1049 C CB   . SER A 1 93  ? 12.329  -13.593 -3.910  1.00 85.38 ? 93  SER A CB   1 
ATOM 1050 O OG   . SER A 1 93  ? 12.192  -13.808 -5.302  1.00 85.38 ? 93  SER A OG   1 
ATOM 1051 H H    . SER A 1 93  ? 12.979  -11.483 -4.942  1.00 85.38 ? 93  SER A H    1 
ATOM 1052 H HA   . SER A 1 93  ? 13.595  -12.593 -2.651  1.00 85.38 ? 93  SER A HA   1 
ATOM 1053 H HB2  . SER A 1 93  ? 12.381  -14.451 -3.461  1.00 85.38 ? 93  SER A HB2  1 
ATOM 1054 H HB3  . SER A 1 93  ? 11.560  -13.097 -3.590  1.00 85.38 ? 93  SER A HB3  1 
ATOM 1055 H HG   . SER A 1 93  ? 12.112  -13.074 -5.700  1.00 85.38 ? 93  SER A HG   1 
ATOM 1056 N N    . ASN A 1 94  ? 15.228  -13.775 -5.154  1.00 84.11 ? 94  ASN A N    1 
ATOM 1057 C CA   . ASN A 1 94  ? 16.301  -14.699 -5.506  1.00 84.11 ? 94  ASN A CA   1 
ATOM 1058 C C    . ASN A 1 94  ? 17.324  -14.088 -6.461  1.00 84.11 ? 94  ASN A C    1 
ATOM 1059 O O    . ASN A 1 94  ? 18.399  -14.660 -6.661  1.00 84.11 ? 94  ASN A O    1 
ATOM 1060 C CB   . ASN A 1 94  ? 15.713  -15.974 -6.115  1.00 84.11 ? 94  ASN A CB   1 
ATOM 1061 C CG   . ASN A 1 94  ? 15.343  -15.810 -7.575  1.00 84.11 ? 94  ASN A CG   1 
ATOM 1062 O OD1  . ASN A 1 94  ? 15.078  -14.702 -8.042  1.00 84.11 ? 94  ASN A OD1  1 
ATOM 1063 N ND2  . ASN A 1 94  ? 15.324  -16.918 -8.306  1.00 84.11 ? 94  ASN A ND2  1 
ATOM 1064 H H    . ASN A 1 94  ? 14.901  -13.339 -5.820  1.00 84.11 ? 94  ASN A H    1 
ATOM 1065 H HA   . ASN A 1 94  ? 16.776  -14.952 -4.700  1.00 84.11 ? 94  ASN A HA   1 
ATOM 1066 H HB2  . ASN A 1 94  ? 16.367  -16.687 -6.050  1.00 84.11 ? 94  ASN A HB2  1 
ATOM 1067 H HB3  . ASN A 1 94  ? 14.910  -16.216 -5.628  1.00 84.11 ? 94  ASN A HB3  1 
ATOM 1068 H HD21 . ASN A 1 94  ? 15.515  -17.674 -7.944  1.00 84.11 ? 94  ASN A HD21 1 
ATOM 1069 H HD22 . ASN A 1 94  ? 15.120  -16.879 -9.140  1.00 84.11 ? 94  ASN A HD22 1 
ATOM 1070 N N    . ALA A 1 95  ? 17.013  -12.936 -7.055  1.00 84.15 ? 95  ALA A N    1 
ATOM 1071 C CA   . ALA A 1 95  ? 17.958  -12.290 -7.958  1.00 84.15 ? 95  ALA A CA   1 
ATOM 1072 C C    . ALA A 1 95  ? 19.155  -11.699 -7.225  1.00 84.15 ? 95  ALA A C    1 
ATOM 1073 O O    . ALA A 1 95  ? 20.116  -11.280 -7.880  1.00 84.15 ? 95  ALA A O    1 
ATOM 1074 C CB   . ALA A 1 95  ? 17.260  -11.194 -8.766  1.00 84.15 ? 95  ALA A CB   1 
ATOM 1075 H H    . ALA A 1 95  ? 16.270  -12.515 -6.956  1.00 84.15 ? 95  ALA A H    1 
ATOM 1076 H HA   . ALA A 1 95  ? 18.293  -12.952 -8.583  1.00 84.15 ? 95  ALA A HA   1 
ATOM 1077 H HB1  . ALA A 1 95  ? 17.857  -10.894 -9.470  1.00 84.15 ? 95  ALA A HB1  1 
ATOM 1078 H HB2  . ALA A 1 95  ? 16.449  -11.558 -9.153  1.00 84.15 ? 95  ALA A HB2  1 
ATOM 1079 H HB3  . ALA A 1 95  ? 17.044  -10.455 -8.178  1.00 84.15 ? 95  ALA A HB3  1 
ATOM 1080 N N    . GLY A 1 96  ? 19.119  -11.653 -5.899  1.00 84.65 ? 96  GLY A N    1 
ATOM 1081 C CA   . GLY A 1 96  ? 20.284  -11.235 -5.139  1.00 84.65 ? 96  GLY A CA   1 
ATOM 1082 C C    . GLY A 1 96  ? 20.711  -9.818  -5.455  1.00 84.65 ? 96  GLY A C    1 
ATOM 1083 O O    . GLY A 1 96  ? 19.889  -8.895  -5.529  1.00 84.65 ? 96  GLY A O    1 
ATOM 1084 H H    . GLY A 1 96  ? 18.436  -11.860 -5.417  1.00 84.65 ? 96  GLY A H    1 
ATOM 1085 H HA2  . GLY A 1 96  ? 20.087  -11.289 -4.192  1.00 84.65 ? 96  GLY A HA2  1 
ATOM 1086 H HA3  . GLY A 1 96  ? 21.027  -11.829 -5.333  1.00 84.65 ? 96  GLY A HA3  1 
ATOM 1087 N N    . SER A 1 97  ? 22.015  -9.638  -5.649  1.00 86.24 ? 97  SER A N    1 
ATOM 1088 C CA   . SER A 1 97  ? 22.651  -8.325  -5.726  1.00 86.24 ? 97  SER A CA   1 
ATOM 1089 C C    . SER A 1 97  ? 22.294  -7.542  -6.978  1.00 86.24 ? 97  SER A C    1 
ATOM 1090 O O    . SER A 1 97  ? 22.866  -6.456  -7.144  1.00 86.24 ? 97  SER A O    1 
ATOM 1091 C CB   . SER A 1 97  ? 24.168  -8.489  -5.639  1.00 86.24 ? 97  SER A CB   1 
ATOM 1092 O OG   . SER A 1 97  ? 24.529  -9.283  -4.522  1.00 86.24 ? 97  SER A OG   1 
ATOM 1093 H H    . SER A 1 97  ? 22.571  -10.286 -5.743  1.00 86.24 ? 97  SER A H    1 
ATOM 1094 H HA   . SER A 1 97  ? 22.368  -7.799  -4.961  1.00 86.24 ? 97  SER A HA   1 
ATOM 1095 H HB2  . SER A 1 97  ? 24.486  -8.919  -6.448  1.00 86.24 ? 97  SER A HB2  1 
ATOM 1096 H HB3  . SER A 1 97  ? 24.576  -7.613  -5.547  1.00 86.24 ? 97  SER A HB3  1 
ATOM 1097 H HG   . SER A 1 97  ? 25.365  -9.341  -4.469  1.00 86.24 ? 97  SER A HG   1 
ATOM 1098 N N    . THR A 1 98  ? 21.405  -7.988  -7.868  1.00 84.18 ? 98  THR A N    1 
ATOM 1099 C CA   . THR A 1 98  ? 21.039  -7.158  -9.009  1.00 84.18 ? 98  THR A CA   1 
ATOM 1100 C C    . THR A 1 98  ? 20.342  -5.875  -8.576  1.00 84.18 ? 98  THR A C    1 
ATOM 1101 O O    . THR A 1 98  ? 20.235  -4.941  -9.377  1.00 84.18 ? 98  THR A O    1 
ATOM 1102 C CB   . THR A 1 98  ? 20.137  -7.935  -9.967  1.00 84.18 ? 98  THR A CB   1 
ATOM 1103 O OG1  . THR A 1 98  ? 19.011  -8.461  -9.255  1.00 84.18 ? 98  THR A OG1  1 
ATOM 1104 C CG2  . THR A 1 98  ? 20.907  -9.077  -10.612 1.00 84.18 ? 98  THR A CG2  1 
ATOM 1105 H H    . THR A 1 98  ? 21.011  -8.752  -7.834  1.00 84.18 ? 98  THR A H    1 
ATOM 1106 H HA   . THR A 1 98  ? 21.844  -6.911  -9.489  1.00 84.18 ? 98  THR A HA   1 
ATOM 1107 H HB   . THR A 1 98  ? 19.826  -7.342  -10.669 1.00 84.18 ? 98  THR A HB   1 
ATOM 1108 H HG1  . THR A 1 98  ? 19.267  -9.022  -8.684  1.00 84.18 ? 98  THR A HG1  1 
ATOM 1109 H HG21 . THR A 1 98  ? 20.335  -9.550  -11.238 1.00 84.18 ? 98  THR A HG21 1 
ATOM 1110 H HG22 . THR A 1 98  ? 21.677  -8.729  -11.091 1.00 84.18 ? 98  THR A HG22 1 
ATOM 1111 H HG23 . THR A 1 98  ? 21.212  -9.697  -9.932  1.00 84.18 ? 98  THR A HG23 1 
ATOM 1112 N N    . ILE A 1 99  ? 19.866  -5.811  -7.335  1.00 84.41 ? 99  ILE A N    1 
ATOM 1113 C CA   . ILE A 1 99  ? 19.285  -4.603  -6.763  1.00 84.41 ? 99  ILE A CA   1 
ATOM 1114 C C    . ILE A 1 99  ? 20.318  -3.963  -5.851  1.00 84.41 ? 99  ILE A C    1 
ATOM 1115 O O    . ILE A 1 99  ? 20.908  -4.633  -4.993  1.00 84.41 ? 99  ILE A O    1 
ATOM 1116 C CB   . ILE A 1 99  ? 17.989  -4.917  -5.992  1.00 84.41 ? 99  ILE A CB   1 
ATOM 1117 C CG1  . ILE A 1 99  ? 16.991  -5.640  -6.900  1.00 84.41 ? 99  ILE A CG1  1 
ATOM 1118 C CG2  . ILE A 1 99  ? 17.372  -3.635  -5.439  1.00 84.41 ? 99  ILE A CG2  1 
ATOM 1119 C CD1  . ILE A 1 99  ? 15.681  -5.987  -6.223  1.00 84.41 ? 99  ILE A CD1  1 
ATOM 1120 H H    . ILE A 1 99  ? 19.870  -6.476  -6.788  1.00 84.41 ? 99  ILE A H    1 
ATOM 1121 H HA   . ILE A 1 99  ? 19.074  -3.978  -7.473  1.00 84.41 ? 99  ILE A HA   1 
ATOM 1122 H HB   . ILE A 1 99  ? 18.206  -5.499  -5.248  1.00 84.41 ? 99  ILE A HB   1 
ATOM 1123 H HG12 . ILE A 1 99  ? 16.791  -5.071  -7.659  1.00 84.41 ? 99  ILE A HG12 1 
ATOM 1124 H HG13 . ILE A 1 99  ? 17.391  -6.469  -7.207  1.00 84.41 ? 99  ILE A HG13 1 
ATOM 1125 H HG21 . ILE A 1 99  ? 18.023  -3.178  -4.882  1.00 84.41 ? 99  ILE A HG21 1 
ATOM 1126 H HG22 . ILE A 1 99  ? 16.593  -3.858  -4.906  1.00 84.41 ? 99  ILE A HG22 1 
ATOM 1127 H HG23 . ILE A 1 99  ? 17.115  -3.064  -6.179  1.00 84.41 ? 99  ILE A HG23 1 
ATOM 1128 H HD11 . ILE A 1 99  ? 15.179  -6.586  -6.795  1.00 84.41 ? 99  ILE A HD11 1 
ATOM 1129 H HD12 . ILE A 1 99  ? 15.870  -6.419  -5.375  1.00 84.41 ? 99  ILE A HD12 1 
ATOM 1130 H HD13 . ILE A 1 99  ? 15.176  -5.172  -6.073  1.00 84.41 ? 99  ILE A HD13 1 
ATOM 1131 N N    . SER A 1 100 ? 20.540  -2.664  -6.031  1.00 82.88 ? 100 SER A N    1 
ATOM 1132 C CA   . SER A 1 100 ? 21.464  -1.905  -5.205  1.00 82.88 ? 100 SER A CA   1 
ATOM 1133 C C    . SER A 1 100 ? 20.679  -0.901  -4.375  1.00 82.88 ? 100 SER A C    1 
ATOM 1134 O O    . SER A 1 100 ? 19.644  -0.387  -4.809  1.00 82.88 ? 100 SER A O    1 
ATOM 1135 C CB   . SER A 1 100 ? 22.517  -1.179  -6.053  1.00 82.88 ? 100 SER A CB   1 
ATOM 1136 O OG   . SER A 1 100 ? 21.913  -0.238  -6.920  1.00 82.88 ? 100 SER A OG   1 
ATOM 1137 H H    . SER A 1 100 ? 20.158  -2.193  -6.642  1.00 82.88 ? 100 SER A H    1 
ATOM 1138 H HA   . SER A 1 100 ? 21.925  -2.506  -4.599  1.00 82.88 ? 100 SER A HA   1 
ATOM 1139 H HB2  . SER A 1 100 ? 23.132  -0.714  -5.463  1.00 82.88 ? 100 SER A HB2  1 
ATOM 1140 H HB3  . SER A 1 100 ? 22.999  -1.833  -6.583  1.00 82.88 ? 100 SER A HB3  1 
ATOM 1141 H HG   . SER A 1 100 ? 21.393  -0.630  -7.451  1.00 82.88 ? 100 SER A HG   1 
ATOM 1142 N N    . GLY A 1 101 ? 21.179  -0.630  -3.176  1.00 83.35 ? 101 GLY A N    1 
ATOM 1143 C CA   . GLY A 1 101 ? 20.471  0.219   -2.245  1.00 83.35 ? 101 GLY A CA   1 
ATOM 1144 C C    . GLY A 1 101 ? 19.463  -0.563  -1.423  1.00 83.35 ? 101 GLY A C    1 
ATOM 1145 O O    . GLY A 1 101 ? 19.478  -1.795  -1.357  1.00 83.35 ? 101 GLY A O    1 
ATOM 1146 H H    . GLY A 1 101 ? 21.930  -0.927  -2.881  1.00 83.35 ? 101 GLY A H    1 
ATOM 1147 H HA2  . GLY A 1 101 ? 21.104  0.639   -1.641  1.00 83.35 ? 101 GLY A HA2  1 
ATOM 1148 H HA3  . GLY A 1 101 ? 20.001  0.914   -2.732  1.00 83.35 ? 101 GLY A HA3  1 
ATOM 1149 N N    . ASP A 1 102 ? 18.567  0.186   -0.785  1.00 88.63 ? 102 ASP A N    1 
ATOM 1150 C CA   . ASP A 1 102 ? 17.536  -0.376  0.079   1.00 88.63 ? 102 ASP A CA   1 
ATOM 1151 C C    . ASP A 1 102 ? 16.183  -0.142  -0.576  1.00 88.63 ? 102 ASP A C    1 
ATOM 1152 O O    . ASP A 1 102 ? 15.802  1.006   -0.828  1.00 88.63 ? 102 ASP A O    1 
ATOM 1153 C CB   . ASP A 1 102 ? 17.590  0.256   1.473   1.00 88.63 ? 102 ASP A CB   1 
ATOM 1154 C CG   . ASP A 1 102 ? 16.454  -0.200  2.379   1.00 88.63 ? 102 ASP A CG   1 
ATOM 1155 O OD1  . ASP A 1 102 ? 16.732  -0.501  3.559   1.00 88.63 ? 102 ASP A OD1  1 
ATOM 1156 O OD2  . ASP A 1 102 ? 15.289  -0.239  1.933   1.00 88.63 ? 102 ASP A OD2  1 
ATOM 1157 H H    . ASP A 1 102 ? 18.536  1.044   -0.840  1.00 88.63 ? 102 ASP A H    1 
ATOM 1158 H HA   . ASP A 1 102 ? 17.671  -1.332  0.171   1.00 88.63 ? 102 ASP A HA   1 
ATOM 1159 H HB2  . ASP A 1 102 ? 18.428  0.012   1.898   1.00 88.63 ? 102 ASP A HB2  1 
ATOM 1160 H HB3  . ASP A 1 102 ? 17.533  1.220   1.384   1.00 88.63 ? 102 ASP A HB3  1 
ATOM 1161 N N    . HIS A 1 103 ? 15.461  -1.230  -0.849  1.00 87.05 ? 103 HIS A N    1 
ATOM 1162 C CA   . HIS A 1 103 ? 14.142  -1.143  -1.464  1.00 87.05 ? 103 HIS A CA   1 
ATOM 1163 C C    . HIS A 1 103 ? 13.005  -1.291  -0.461  1.00 87.05 ? 103 HIS A C    1 
ATOM 1164 O O    . HIS A 1 103 ? 11.865  -0.950  -0.793  1.00 87.05 ? 103 HIS A O    1 
ATOM 1165 C CB   . HIS A 1 103 ? 14.000  -2.211  -2.551  1.00 87.05 ? 103 HIS A CB   1 
ATOM 1166 C CG   . HIS A 1 103 ? 14.238  -3.606  -2.063  1.00 87.05 ? 103 HIS A CG   1 
ATOM 1167 N ND1  . HIS A 1 103 ? 13.265  -4.349  -1.429  1.00 87.05 ? 103 HIS A ND1  1 
ATOM 1168 C CD2  . HIS A 1 103 ? 15.340  -4.391  -2.108  1.00 87.05 ? 103 HIS A CD2  1 
ATOM 1169 C CE1  . HIS A 1 103 ? 13.755  -5.532  -1.111  1.00 87.05 ? 103 HIS A CE1  1 
ATOM 1170 N NE2  . HIS A 1 103 ? 15.013  -5.583  -1.511  1.00 87.05 ? 103 HIS A NE2  1 
ATOM 1171 H H    . HIS A 1 103 ? 15.719  -2.034  -0.684  1.00 87.05 ? 103 HIS A H    1 
ATOM 1172 H HA   . HIS A 1 103 ? 14.051  -0.276  -1.888  1.00 87.05 ? 103 HIS A HA   1 
ATOM 1173 H HB2  . HIS A 1 103 ? 13.100  -2.172  -2.912  1.00 87.05 ? 103 HIS A HB2  1 
ATOM 1174 H HB3  . HIS A 1 103 ? 14.645  -2.029  -3.253  1.00 87.05 ? 103 HIS A HB3  1 
ATOM 1175 H HD2  . HIS A 1 103 ? 16.163  -4.165  -2.477  1.00 87.05 ? 103 HIS A HD2  1 
ATOM 1176 H HE1  . HIS A 1 103 ? 13.295  -6.213  -0.677  1.00 87.05 ? 103 HIS A HE1  1 
ATOM 1177 H HE2  . HIS A 1 103 ? 15.542  -6.255  -1.414  1.00 87.05 ? 103 HIS A HE2  1 
ATOM 1178 N N    . THR A 1 104 ? 13.279  -1.787  0.746   1.00 87.50 ? 104 THR A N    1 
ATOM 1179 C CA   . THR A 1 104 ? 12.219  -1.963  1.731   1.00 87.50 ? 104 THR A CA   1 
ATOM 1180 C C    . THR A 1 104 ? 11.877  -0.663  2.447   1.00 87.50 ? 104 THR A C    1 
ATOM 1181 O O    . THR A 1 104 ? 10.828  -0.578  3.095   1.00 87.50 ? 104 THR A O    1 
ATOM 1182 C CB   . THR A 1 104 ? 12.620  -3.027  2.757   1.00 87.50 ? 104 THR A CB   1 
ATOM 1183 O OG1  . THR A 1 104 ? 11.450  -3.514  3.426   1.00 87.50 ? 104 THR A OG1  1 
ATOM 1184 C CG2  . THR A 1 104 ? 13.586  -2.453  3.785   1.00 87.50 ? 104 THR A CG2  1 
ATOM 1185 H H    . THR A 1 104 ? 14.061  -2.026  1.015   1.00 87.50 ? 104 THR A H    1 
ATOM 1186 H HA   . THR A 1 104 ? 11.419  -2.275  1.280   1.00 87.50 ? 104 THR A HA   1 
ATOM 1187 H HB   . THR A 1 104 ? 13.059  -3.762  2.301   1.00 87.50 ? 104 THR A HB   1 
ATOM 1188 H HG1  . THR A 1 104 ? 11.667  -4.072  4.016   1.00 87.50 ? 104 THR A HG1  1 
ATOM 1189 H HG21 . THR A 1 104 ? 14.237  -1.883  3.348   1.00 87.50 ? 104 THR A HG21 1 
ATOM 1190 H HG22 . THR A 1 104 ? 14.052  -3.174  4.236   1.00 87.50 ? 104 THR A HG22 1 
ATOM 1191 H HG23 . THR A 1 104 ? 13.103  -1.931  4.445   1.00 87.50 ? 104 THR A HG23 1 
ATOM 1192 N N    . ASP A 1 105 ? 12.738  0.352   2.349   1.00 88.87 ? 105 ASP A N    1 
ATOM 1193 C CA   . ASP A 1 105 ? 12.481  1.629   3.013   1.00 88.87 ? 105 ASP A CA   1 
ATOM 1194 C C    . ASP A 1 105 ? 13.261  2.703   2.256   1.00 88.87 ? 105 ASP A C    1 
ATOM 1195 O O    . ASP A 1 105 ? 14.487  2.780   2.377   1.00 88.87 ? 105 ASP A O    1 
ATOM 1196 C CB   . ASP A 1 105 ? 12.877  1.577   4.479   1.00 88.87 ? 105 ASP A CB   1 
ATOM 1197 C CG   . ASP A 1 105 ? 12.672  2.902   5.185   1.00 88.87 ? 105 ASP A CG   1 
ATOM 1198 O OD1  . ASP A 1 105 ? 12.081  3.818   4.576   1.00 88.87 ? 105 ASP A OD1  1 
ATOM 1199 O OD2  . ASP A 1 105 ? 13.100  3.029   6.351   1.00 88.87 ? 105 ASP A OD2  1 
ATOM 1200 H H    . ASP A 1 105 ? 13.474  0.328   1.903   1.00 88.87 ? 105 ASP A H    1 
ATOM 1201 H HA   . ASP A 1 105 ? 11.535  1.837   2.960   1.00 88.87 ? 105 ASP A HA   1 
ATOM 1202 H HB2  . ASP A 1 105 ? 12.334  0.912   4.931   1.00 88.87 ? 105 ASP A HB2  1 
ATOM 1203 H HB3  . ASP A 1 105 ? 13.816  1.342   4.547   1.00 88.87 ? 105 ASP A HB3  1 
ATOM 1204 N N    . MET A 1 106 ? 12.545  3.514   1.483   1.00 88.08 ? 106 MET A N    1 
ATOM 1205 C CA   . MET A 1 106 ? 13.139  4.575   0.682   1.00 88.08 ? 106 MET A CA   1 
ATOM 1206 C C    . MET A 1 106 ? 12.690  5.926   1.225   1.00 88.08 ? 106 MET A C    1 
ATOM 1207 O O    . MET A 1 106 ? 11.501  6.254   1.178   1.00 88.08 ? 106 MET A O    1 
ATOM 1208 C CB   . MET A 1 106 ? 12.738  4.424   -0.784  1.00 88.08 ? 106 MET A CB   1 
ATOM 1209 C CG   . MET A 1 106 ? 13.106  3.073   -1.381  1.00 88.08 ? 106 MET A CG   1 
ATOM 1210 S SD   . MET A 1 106 ? 12.886  2.947   -3.171  1.00 88.08 ? 106 MET A SD   1 
ATOM 1211 C CE   . MET A 1 106 ? 11.934  4.416   -3.548  1.00 88.08 ? 106 MET A CE   1 
ATOM 1212 H H    . MET A 1 106 ? 11.691  3.467   1.406   1.00 88.08 ? 106 MET A H    1 
ATOM 1213 H HA   . MET A 1 106 ? 14.106  4.519   0.736   1.00 88.08 ? 106 MET A HA   1 
ATOM 1214 H HB2  . MET A 1 106 ? 11.777  4.529   -0.855  1.00 88.08 ? 106 MET A HB2  1 
ATOM 1215 H HB3  . MET A 1 106 ? 13.186  5.116   -1.296  1.00 88.08 ? 106 MET A HB3  1 
ATOM 1216 H HG2  . MET A 1 106 ? 14.042  2.898   -1.193  1.00 88.08 ? 106 MET A HG2  1 
ATOM 1217 H HG3  . MET A 1 106 ? 12.558  2.389   -0.966  1.00 88.08 ? 106 MET A HG3  1 
ATOM 1218 H HE1  . MET A 1 106 ? 11.628  4.361   -4.467  1.00 88.08 ? 106 MET A HE1  1 
ATOM 1219 H HE2  . MET A 1 106 ? 11.170  4.462   -2.953  1.00 88.08 ? 106 MET A HE2  1 
ATOM 1220 H HE3  . MET A 1 106 ? 12.496  5.198   -3.433  1.00 88.08 ? 106 MET A HE3  1 
ATOM 1221 N N    . GLN A 1 107 ? 13.641  6.704   1.733   1.00 88.32 ? 107 GLN A N    1 
ATOM 1222 C CA   . GLN A 1 107 ? 13.368  8.063   2.169   1.00 88.32 ? 107 GLN A CA   1 
ATOM 1223 C C    . GLN A 1 107 ? 13.427  9.018   0.979   1.00 88.32 ? 107 GLN A C    1 
ATOM 1224 O O    . GLN A 1 107 ? 13.923  8.683   -0.100  1.00 88.32 ? 107 GLN A O    1 
ATOM 1225 C CB   . GLN A 1 107 ? 14.365  8.491   3.244   1.00 88.32 ? 107 GLN A CB   1 
ATOM 1226 C CG   . GLN A 1 107 ? 14.374  7.607   4.481   1.00 88.32 ? 107 GLN A CG   1 
ATOM 1227 C CD   . GLN A 1 107 ? 13.351  8.039   5.511   1.00 88.32 ? 107 GLN A CD   1 
ATOM 1228 O OE1  . GLN A 1 107 ? 12.151  8.071   5.239   1.00 88.32 ? 107 GLN A OE1  1 
ATOM 1229 N NE2  . GLN A 1 107 ? 13.823  8.375   6.706   1.00 88.32 ? 107 GLN A NE2  1 
ATOM 1230 H H    . GLN A 1 107 ? 14.459  6.463   1.839   1.00 88.32 ? 107 GLN A H    1 
ATOM 1231 H HA   . GLN A 1 107 ? 12.476  8.104   2.547   1.00 88.32 ? 107 GLN A HA   1 
ATOM 1232 H HB2  . GLN A 1 107 ? 15.256  8.476   2.865   1.00 88.32 ? 107 GLN A HB2  1 
ATOM 1233 H HB3  . GLN A 1 107 ? 14.147  9.394   3.529   1.00 88.32 ? 107 GLN A HB3  1 
ATOM 1234 H HG2  . GLN A 1 107 ? 14.167  6.696   4.222   1.00 88.32 ? 107 GLN A HG2  1 
ATOM 1235 H HG3  . GLN A 1 107 ? 15.252  7.643   4.892   1.00 88.32 ? 107 GLN A HG3  1 
ATOM 1236 H HE21 . GLN A 1 107 ? 14.669  8.339   6.859   1.00 88.32 ? 107 GLN A HE21 1 
ATOM 1237 H HE22 . GLN A 1 107 ? 13.285  8.627   7.326   1.00 88.32 ? 107 GLN A HE22 1 
ATOM 1238 N N    . THR A 1 108 ? 12.908  10.225  1.184   1.00 87.55 ? 108 THR A N    1 
ATOM 1239 C CA   . THR A 1 108 ? 12.988  11.242  0.145   1.00 87.55 ? 108 THR A CA   1 
ATOM 1240 C C    . THR A 1 108 ? 14.446  11.535  -0.186  1.00 87.55 ? 108 THR A C    1 
ATOM 1241 O O    . THR A 1 108 ? 15.282  11.705  0.706   1.00 87.55 ? 108 THR A O    1 
ATOM 1242 C CB   . THR A 1 108 ? 12.274  12.522  0.588   1.00 87.55 ? 108 THR A CB   1 
ATOM 1243 O OG1  . THR A 1 108 ? 12.450  13.538  -0.408  1.00 87.55 ? 108 THR A OG1  1 
ATOM 1244 C CG2  . THR A 1 108 ? 12.818  13.024  1.923   1.00 87.55 ? 108 THR A CG2  1 
ATOM 1245 H H    . THR A 1 108 ? 12.507  10.472  1.902   1.00 87.55 ? 108 THR A H    1 
ATOM 1246 H HA   . THR A 1 108 ? 12.554  10.913  -0.657  1.00 87.55 ? 108 THR A HA   1 
ATOM 1247 H HB   . THR A 1 108 ? 11.327  12.339  0.693   1.00 87.55 ? 108 THR A HB   1 
ATOM 1248 H HG1  . THR A 1 108 ? 12.038  14.234  -0.182  1.00 87.55 ? 108 THR A HG1  1 
ATOM 1249 H HG21 . THR A 1 108 ? 12.364  13.844  2.173   1.00 87.55 ? 108 THR A HG21 1 
ATOM 1250 H HG22 . THR A 1 108 ? 12.671  12.364  2.617   1.00 87.55 ? 108 THR A HG22 1 
ATOM 1251 H HG23 . THR A 1 108 ? 13.768  13.205  1.852   1.00 87.55 ? 108 THR A HG23 1 
ATOM 1252 N N    . GLY A 1 109 ? 14.749  11.588  -1.479  1.00 85.78 ? 109 GLY A N    1 
ATOM 1253 C CA   . GLY A 1 109 ? 16.103  11.798  -1.940  1.00 85.78 ? 109 GLY A CA   1 
ATOM 1254 C C    . GLY A 1 109 ? 16.941  10.545  -2.072  1.00 85.78 ? 109 GLY A C    1 
ATOM 1255 O O    . GLY A 1 109 ? 18.099  10.640  -2.499  1.00 85.78 ? 109 GLY A O    1 
ATOM 1256 H H    . GLY A 1 109 ? 14.175  11.505  -2.114  1.00 85.78 ? 109 GLY A H    1 
ATOM 1257 H HA2  . GLY A 1 109 ? 16.075  12.229  -2.809  1.00 85.78 ? 109 GLY A HA2  1 
ATOM 1258 H HA3  . GLY A 1 109 ? 16.556  12.396  -1.325  1.00 85.78 ? 109 GLY A HA3  1 
ATOM 1259 N N    . ASP A 1 110 ? 16.405  9.379   -1.723  1.00 86.23 ? 110 ASP A N    1 
ATOM 1260 C CA   . ASP A 1 110 ? 17.138  8.134   -1.892  1.00 86.23 ? 110 ASP A CA   1 
ATOM 1261 C C    . ASP A 1 110 ? 17.013  7.631   -3.327  1.00 86.23 ? 110 ASP A C    1 
ATOM 1262 O O    . ASP A 1 110 ? 16.101  8.006   -4.068  1.00 86.23 ? 110 ASP A O    1 
ATOM 1263 C CB   . ASP A 1 110 ? 16.629  7.071   -0.918  1.00 86.23 ? 110 ASP A CB   1 
ATOM 1264 C CG   . ASP A 1 110 ? 17.020  7.359   0.517   1.00 86.23 ? 110 ASP A CG   1 
ATOM 1265 O OD1  . ASP A 1 110 ? 18.001  8.101   0.730   1.00 86.23 ? 110 ASP A OD1  1 
ATOM 1266 O OD2  . ASP A 1 110 ? 16.347  6.841   1.433   1.00 86.23 ? 110 ASP A OD2  1 
ATOM 1267 H H    . ASP A 1 110 ? 15.619  9.283   -1.387  1.00 86.23 ? 110 ASP A H    1 
ATOM 1268 H HA   . ASP A 1 110 ? 18.078  8.289   -1.708  1.00 86.23 ? 110 ASP A HA   1 
ATOM 1269 H HB2  . ASP A 1 110 ? 15.661  7.035   -0.965  1.00 86.23 ? 110 ASP A HB2  1 
ATOM 1270 H HB3  . ASP A 1 110 ? 17.005  6.211   -1.164  1.00 86.23 ? 110 ASP A HB3  1 
ATOM 1271 N N    . VAL A 1 111 ? 17.949  6.767   -3.713  1.00 83.56 ? 111 VAL A N    1 
ATOM 1272 C CA   . VAL A 1 111 ? 18.016  6.223   -5.064  1.00 83.56 ? 111 VAL A CA   1 
ATOM 1273 C C    . VAL A 1 111 ? 18.175  4.713   -4.975  1.00 83.56 ? 111 VAL A C    1 
ATOM 1274 O O    . VAL A 1 111 ? 19.014  4.217   -4.215  1.00 83.56 ? 111 VAL A O    1 
ATOM 1275 C CB   . VAL A 1 111 ? 19.176  6.837   -5.871  1.00 83.56 ? 111 VAL A CB   1 
ATOM 1276 C CG1  . VAL A 1 111 ? 19.315  6.139   -7.215  1.00 83.56 ? 111 VAL A CG1  1 
ATOM 1277 C CG2  . VAL A 1 111 ? 18.965  8.330   -6.062  1.00 83.56 ? 111 VAL A CG2  1 
ATOM 1278 H H    . VAL A 1 111 ? 18.570  6.475   -3.196  1.00 83.56 ? 111 VAL A H    1 
ATOM 1279 H HA   . VAL A 1 111 ? 17.188  6.414   -5.531  1.00 83.56 ? 111 VAL A HA   1 
ATOM 1280 H HB   . VAL A 1 111 ? 20.004  6.710   -5.381  1.00 83.56 ? 111 VAL A HB   1 
ATOM 1281 H HG11 . VAL A 1 111 ? 19.851  6.694   -7.803  1.00 83.56 ? 111 VAL A HG11 1 
ATOM 1282 H HG12 . VAL A 1 111 ? 19.749  5.282   -7.086  1.00 83.56 ? 111 VAL A HG12 1 
ATOM 1283 H HG13 . VAL A 1 111 ? 18.431  6.012   -7.597  1.00 83.56 ? 111 VAL A HG13 1 
ATOM 1284 H HG21 . VAL A 1 111 ? 19.827  8.751   -6.211  1.00 83.56 ? 111 VAL A HG21 1 
ATOM 1285 H HG22 . VAL A 1 111 ? 18.550  8.702   -5.269  1.00 83.56 ? 111 VAL A HG22 1 
ATOM 1286 H HG23 . VAL A 1 111 ? 18.395  8.471   -6.835  1.00 83.56 ? 111 VAL A HG23 1 
ATOM 1287 N N    . VAL A 1 112 ? 17.373  3.988   -5.751  1.00 84.18 ? 112 VAL A N    1 
ATOM 1288 C CA   . VAL A 1 112 ? 17.471  2.538   -5.872  1.00 84.18 ? 112 VAL A CA   1 
ATOM 1289 C C    . VAL A 1 112 ? 17.697  2.205   -7.340  1.00 84.18 ? 112 VAL A C    1 
ATOM 1290 O O    . VAL A 1 112 ? 16.918  2.624   -8.205  1.00 84.18 ? 112 VAL A O    1 
ATOM 1291 C CB   . VAL A 1 112 ? 16.209  1.840   -5.338  1.00 84.18 ? 112 VAL A CB   1 
ATOM 1292 C CG1  . VAL A 1 112 ? 16.234  0.355   -5.688  1.00 84.18 ? 112 VAL A CG1  1 
ATOM 1293 C CG2  . VAL A 1 112 ? 16.089  2.048   -3.834  1.00 84.18 ? 112 VAL A CG2  1 
ATOM 1294 H H    . VAL A 1 112 ? 16.744  4.326   -6.229  1.00 84.18 ? 112 VAL A H    1 
ATOM 1295 H HA   . VAL A 1 112 ? 18.234  2.220   -5.365  1.00 84.18 ? 112 VAL A HA   1 
ATOM 1296 H HB   . VAL A 1 112 ? 15.428  2.233   -5.757  1.00 84.18 ? 112 VAL A HB   1 
ATOM 1297 H HG11 . VAL A 1 112 ? 15.817  -0.152  -4.974  1.00 84.18 ? 112 VAL A HG11 1 
ATOM 1298 H HG12 . VAL A 1 112 ? 17.155  0.070   -5.797  1.00 84.18 ? 112 VAL A HG12 1 
ATOM 1299 H HG13 . VAL A 1 112 ? 15.744  0.220   -6.514  1.00 84.18 ? 112 VAL A HG13 1 
ATOM 1300 H HG21 . VAL A 1 112 ? 16.974  2.002   -3.440  1.00 84.18 ? 112 VAL A HG21 1 
ATOM 1301 H HG22 . VAL A 1 112 ? 15.699  2.920   -3.669  1.00 84.18 ? 112 VAL A HG22 1 
ATOM 1302 H HG23 . VAL A 1 112 ? 15.525  1.355   -3.456  1.00 84.18 ? 112 VAL A HG23 1 
ATOM 1303 N N    . THR A 1 113 ? 18.759  1.452   -7.620  1.00 83.08 ? 113 THR A N    1 
ATOM 1304 C CA   . THR A 1 113 ? 19.124  1.072   -8.977  1.00 83.08 ? 113 THR A CA   1 
ATOM 1305 C C    . THR A 1 113 ? 19.042  -0.442  -9.111  1.00 83.08 ? 113 THR A C    1 
ATOM 1306 O O    . THR A 1 113 ? 19.569  -1.173  -8.266  1.00 83.08 ? 113 THR A O    1 
ATOM 1307 C CB   . THR A 1 113 ? 20.534  1.559   -9.329  1.00 83.08 ? 113 THR A CB   1 
ATOM 1308 O OG1  . THR A 1 113 ? 20.587  2.988   -9.233  1.00 83.08 ? 113 THR A OG1  1 
ATOM 1309 C CG2  . THR A 1 113 ? 20.912  1.137   -10.742 1.00 83.08 ? 113 THR A CG2  1 
ATOM 1310 H H    . THR A 1 113 ? 19.295  1.144   -7.023  1.00 83.08 ? 113 THR A H    1 
ATOM 1311 H HA   . THR A 1 113 ? 18.501  1.468   -9.605  1.00 83.08 ? 113 THR A HA   1 
ATOM 1312 H HB   . THR A 1 113 ? 21.173  1.172   -8.713  1.00 83.08 ? 113 THR A HB   1 
ATOM 1313 H HG1  . THR A 1 113 ? 20.400  3.231   -8.450  1.00 83.08 ? 113 THR A HG1  1 
ATOM 1314 H HG21 . THR A 1 113 ? 21.710  1.608   -11.027 1.00 83.08 ? 113 THR A HG21 1 
ATOM 1315 H HG22 . THR A 1 113 ? 20.188  1.346   -11.353 1.00 83.08 ? 113 THR A HG22 1 
ATOM 1316 H HG23 . THR A 1 113 ? 21.082  0.183   -10.770 1.00 83.08 ? 113 THR A HG23 1 
ATOM 1317 N N    . MET A 1 114 ? 18.381  -0.904  -10.170 1.00 84.38 ? 114 MET A N    1 
ATOM 1318 C CA   . MET A 1 114 ? 18.199  -2.326  -10.436 1.00 84.38 ? 114 MET A CA   1 
ATOM 1319 C C    . MET A 1 114 ? 18.797  -2.641  -11.798 1.00 84.38 ? 114 MET A C    1 
ATOM 1320 O O    . MET A 1 114 ? 18.395  -2.051  -12.807 1.00 84.38 ? 114 MET A O    1 
ATOM 1321 C CB   . MET A 1 114 ? 16.716  -2.701  -10.394 1.00 84.38 ? 114 MET A CB   1 
ATOM 1322 C CG   . MET A 1 114 ? 15.944  -2.008  -9.278  1.00 84.38 ? 114 MET A CG   1 
ATOM 1323 S SD   . MET A 1 114 ? 14.321  -2.715  -8.919  1.00 84.38 ? 114 MET A SD   1 
ATOM 1324 C CE   . MET A 1 114 ? 13.947  -3.588  -10.437 1.00 84.38 ? 114 MET A CE   1 
ATOM 1325 H H    . MET A 1 114 ? 18.019  -0.399  -10.763 1.00 84.38 ? 114 MET A H    1 
ATOM 1326 H HA   . MET A 1 114 ? 18.662  -2.845  -9.760  1.00 84.38 ? 114 MET A HA   1 
ATOM 1327 H HB2  . MET A 1 114 ? 16.309  -2.454  -11.239 1.00 84.38 ? 114 MET A HB2  1 
ATOM 1328 H HB3  . MET A 1 114 ? 16.644  -3.658  -10.258 1.00 84.38 ? 114 MET A HB3  1 
ATOM 1329 H HG2  . MET A 1 114 ? 16.470  -2.054  -8.464  1.00 84.38 ? 114 MET A HG2  1 
ATOM 1330 H HG3  . MET A 1 114 ? 15.810  -1.079  -9.527  1.00 84.38 ? 114 MET A HG3  1 
ATOM 1331 H HE1  . MET A 1 114 ? 14.118  -3.003  -11.191 1.00 84.38 ? 114 MET A HE1  1 
ATOM 1332 H HE2  . MET A 1 114 ? 13.013  -3.849  -10.427 1.00 84.38 ? 114 MET A HE2  1 
ATOM 1333 H HE3  . MET A 1 114 ? 14.508  -4.376  -10.492 1.00 84.38 ? 114 MET A HE3  1 
ATOM 1334 N N    . ASP A 1 115 ? 19.753  -3.566  -11.827 1.00 85.55 ? 115 ASP A N    1 
ATOM 1335 C CA   . ASP A 1 115 ? 20.433  -3.952  -13.061 1.00 85.55 ? 115 ASP A CA   1 
ATOM 1336 C C    . ASP A 1 115 ? 19.707  -5.171  -13.616 1.00 85.55 ? 115 ASP A C    1 
ATOM 1337 O O    . ASP A 1 115 ? 19.773  -6.263  -13.046 1.00 85.55 ? 115 ASP A O    1 
ATOM 1338 C CB   . ASP A 1 115 ? 21.909  -4.230  -12.793 1.00 85.55 ? 115 ASP A CB   1 
ATOM 1339 C CG   . ASP A 1 115 ? 22.640  -4.798  -14.003 1.00 85.55 ? 115 ASP A CG   1 
ATOM 1340 O OD1  . ASP A 1 115 ? 23.845  -4.507  -14.146 1.00 85.55 ? 115 ASP A OD1  1 
ATOM 1341 O OD2  . ASP A 1 115 ? 22.031  -5.534  -14.807 1.00 85.55 ? 115 ASP A OD2  1 
ATOM 1342 H H    . ASP A 1 115 ? 20.029  -3.992  -11.132 1.00 85.55 ? 115 ASP A H    1 
ATOM 1343 H HA   . ASP A 1 115 ? 20.373  -3.232  -13.708 1.00 85.55 ? 115 ASP A HA   1 
ATOM 1344 H HB2  . ASP A 1 115 ? 22.345  -3.401  -12.542 1.00 85.55 ? 115 ASP A HB2  1 
ATOM 1345 H HB3  . ASP A 1 115 ? 21.983  -4.874  -12.071 1.00 85.55 ? 115 ASP A HB3  1 
ATOM 1346 N N    . GLY A 1 116 ? 19.015  -4.986  -14.738 1.00 87.15 ? 116 GLY A N    1 
ATOM 1347 C CA   . GLY A 1 116 ? 18.195  -6.027  -15.321 1.00 87.15 ? 116 GLY A CA   1 
ATOM 1348 C C    . GLY A 1 116 ? 18.856  -6.901  -16.359 1.00 87.15 ? 116 GLY A C    1 
ATOM 1349 O O    . GLY A 1 116 ? 18.166  -7.687  -17.014 1.00 87.15 ? 116 GLY A O    1 
ATOM 1350 H H    . GLY A 1 116 ? 19.008  -4.250  -15.182 1.00 87.15 ? 116 GLY A H    1 
ATOM 1351 H HA2  . GLY A 1 116 ? 17.896  -6.606  -14.607 1.00 87.15 ? 116 GLY A HA2  1 
ATOM 1352 H HA3  . GLY A 1 116 ? 17.411  -5.623  -15.726 1.00 87.15 ? 116 GLY A HA3  1 
ATOM 1353 N N    . SER A 1 117 ? 20.173  -6.796  -16.539 1.00 84.02 ? 117 SER A N    1 
ATOM 1354 C CA   . SER A 1 117 ? 20.834  -7.573  -17.582 1.00 84.02 ? 117 SER A CA   1 
ATOM 1355 C C    . SER A 1 117 ? 20.726  -9.072  -17.328 1.00 84.02 ? 117 SER A C    1 
ATOM 1356 O O    . SER A 1 117 ? 20.570  -9.850  -18.276 1.00 84.02 ? 117 SER A O    1 
ATOM 1357 C CB   . SER A 1 117 ? 22.302  -7.164  -17.688 1.00 84.02 ? 117 SER A CB   1 
ATOM 1358 O OG   . SER A 1 117 ? 22.969  -7.334  -16.450 1.00 84.02 ? 117 SER A OG   1 
ATOM 1359 H H    . SER A 1 117 ? 20.696  -6.290  -16.080 1.00 84.02 ? 117 SER A H    1 
ATOM 1360 H HA   . SER A 1 117 ? 20.408  -7.383  -18.433 1.00 84.02 ? 117 SER A HA   1 
ATOM 1361 H HB2  . SER A 1 117 ? 22.735  -7.717  -18.358 1.00 84.02 ? 117 SER A HB2  1 
ATOM 1362 H HB3  . SER A 1 117 ? 22.352  -6.231  -17.947 1.00 84.02 ? 117 SER A HB3  1 
ATOM 1363 H HG   . SER A 1 117 ? 22.621  -6.842  -15.866 1.00 84.02 ? 117 SER A HG   1 
ATOM 1364 N N    . SER A 1 118 ? 20.802  -9.496  -16.067 1.00 83.32 ? 118 SER A N    1 
ATOM 1365 C CA   . SER A 1 118 ? 20.877  -10.912 -15.733 1.00 83.32 ? 118 SER A CA   1 
ATOM 1366 C C    . SER A 1 118 ? 19.517  -11.570 -15.531 1.00 83.32 ? 118 SER A C    1 
ATOM 1367 O O    . SER A 1 118 ? 19.463  -12.792 -15.356 1.00 83.32 ? 118 SER A O    1 
ATOM 1368 C CB   . SER A 1 118 ? 21.716  -11.105 -14.465 1.00 83.32 ? 118 SER A CB   1 
ATOM 1369 O OG   . SER A 1 118 ? 21.870  -12.481 -14.163 1.00 83.32 ? 118 SER A OG   1 
ATOM 1370 H H    . SER A 1 118 ? 20.813  -8.976  -15.382 1.00 83.32 ? 118 SER A H    1 
ATOM 1371 H HA   . SER A 1 118 ? 21.325  -11.379 -16.456 1.00 83.32 ? 118 SER A HA   1 
ATOM 1372 H HB2  . SER A 1 118 ? 22.591  -10.712 -14.603 1.00 83.32 ? 118 SER A HB2  1 
ATOM 1373 H HB3  . SER A 1 118 ? 21.270  -10.668 -13.723 1.00 83.32 ? 118 SER A HB3  1 
ATOM 1374 H HG   . SER A 1 118 ? 22.321  -12.571 -13.460 1.00 83.32 ? 118 SER A HG   1 
ATOM 1375 N N    . TRP A 1 119 ? 18.423  -10.806 -15.548 1.00 84.24 ? 119 TRP A N    1 
ATOM 1376 C CA   . TRP A 1 119 ? 17.110  -11.400 -15.315 1.00 84.24 ? 119 TRP A CA   1 
ATOM 1377 C C    . TRP A 1 119 ? 16.670  -12.308 -16.455 1.00 84.24 ? 119 TRP A C    1 
ATOM 1378 O O    . TRP A 1 119 ? 15.885  -13.233 -16.222 1.00 84.24 ? 119 TRP A O    1 
ATOM 1379 C CB   . TRP A 1 119 ? 16.063  -10.305 -15.109 1.00 84.24 ? 119 TRP A CB   1 
ATOM 1380 C CG   . TRP A 1 119 ? 16.342  -9.423  -13.939 1.00 84.24 ? 119 TRP A CG   1 
ATOM 1381 C CD1  . TRP A 1 119 ? 17.063  -9.737  -12.826 1.00 84.24 ? 119 TRP A CD1  1 
ATOM 1382 C CD2  . TRP A 1 119 ? 15.902  -8.073  -13.764 1.00 84.24 ? 119 TRP A CD2  1 
ATOM 1383 N NE1  . TRP A 1 119 ? 17.102  -8.666  -11.968 1.00 84.24 ? 119 TRP A NE1  1 
ATOM 1384 C CE2  . TRP A 1 119 ? 16.397  -7.630  -12.523 1.00 84.24 ? 119 TRP A CE2  1 
ATOM 1385 C CE3  . TRP A 1 119 ? 15.142  -7.193  -14.539 1.00 84.24 ? 119 TRP A CE3  1 
ATOM 1386 C CZ2  . TRP A 1 119 ? 16.154  -6.349  -12.037 1.00 84.24 ? 119 TRP A CZ2  1 
ATOM 1387 C CZ3  . TRP A 1 119 ? 14.902  -5.923  -14.056 1.00 84.24 ? 119 TRP A CZ3  1 
ATOM 1388 C CH2  . TRP A 1 119 ? 15.406  -5.512  -12.817 1.00 84.24 ? 119 TRP A CH2  1 
ATOM 1389 H H    . TRP A 1 119 ? 18.414  -9.957  -15.688 1.00 84.24 ? 119 TRP A H    1 
ATOM 1390 H HA   . TRP A 1 119 ? 17.148  -11.936 -14.510 1.00 84.24 ? 119 TRP A HA   1 
ATOM 1391 H HB2  . TRP A 1 119 ? 16.029  -9.749  -15.900 1.00 84.24 ? 119 TRP A HB2  1 
ATOM 1392 H HB3  . TRP A 1 119 ? 15.199  -10.724 -14.963 1.00 84.24 ? 119 TRP A HB3  1 
ATOM 1393 H HD1  . TRP A 1 119 ? 17.471  -10.560 -12.670 1.00 84.24 ? 119 TRP A HD1  1 
ATOM 1394 H HE1  . TRP A 1 119 ? 17.504  -8.648  -11.208 1.00 84.24 ? 119 TRP A HE1  1 
ATOM 1395 H HE3  . TRP A 1 119 ? 14.804  -7.459  -15.364 1.00 84.24 ? 119 TRP A HE3  1 
ATOM 1396 H HZ2  . TRP A 1 119 ? 16.487  -6.073  -11.214 1.00 84.24 ? 119 TRP A HZ2  1 
ATOM 1397 H HZ3  . TRP A 1 119 ? 14.396  -5.328  -14.562 1.00 84.24 ? 119 TRP A HZ3  1 
ATOM 1398 H HH2  . TRP A 1 119 ? 15.227  -4.651  -12.517 1.00 84.24 ? 119 TRP A HH2  1 
ATOM 1399 N N    . SER A 1 120 ? 17.149  -12.070 -17.677 1.00 84.12 ? 120 SER A N    1 
ATOM 1400 C CA   . SER A 1 120 ? 16.725  -12.884 -18.809 1.00 84.12 ? 120 SER A CA   1 
ATOM 1401 C C    . SER A 1 120 ? 17.150  -14.339 -18.668 1.00 84.12 ? 120 SER A C    1 
ATOM 1402 O O    . SER A 1 120 ? 16.548  -15.209 -19.305 1.00 84.12 ? 120 SER A O    1 
ATOM 1403 C CB   . SER A 1 120 ? 17.285  -12.306 -20.109 1.00 84.12 ? 120 SER A CB   1 
ATOM 1404 O OG   . SER A 1 120 ? 18.702  -12.339 -20.111 1.00 84.12 ? 120 SER A OG   1 
ATOM 1405 H H    . SER A 1 120 ? 17.713  -11.450 -17.872 1.00 84.12 ? 120 SER A H    1 
ATOM 1406 H HA   . SER A 1 120 ? 15.757  -12.861 -18.866 1.00 84.12 ? 120 SER A HA   1 
ATOM 1407 H HB2  . SER A 1 120 ? 16.956  -12.832 -20.855 1.00 84.12 ? 120 SER A HB2  1 
ATOM 1408 H HB3  . SER A 1 120 ? 16.991  -11.386 -20.197 1.00 84.12 ? 120 SER A HB3  1 
ATOM 1409 H HG   . SER A 1 120 ? 18.995  -12.025 -20.833 1.00 84.12 ? 120 SER A HG   1 
ATOM 1410 N N    . SER A 1 121 ? 18.168  -14.622 -17.852 1.00 81.53 ? 121 SER A N    1 
ATOM 1411 C CA   . SER A 1 121 ? 18.655  -15.978 -17.655 1.00 81.53 ? 121 SER A CA   1 
ATOM 1412 C C    . SER A 1 121 ? 18.474  -16.499 -16.239 1.00 81.53 ? 121 SER A C    1 
ATOM 1413 O O    . SER A 1 121 ? 18.534  -17.717 -16.041 1.00 81.53 ? 121 SER A O    1 
ATOM 1414 C CB   . SER A 1 121 ? 20.145  -16.071 -18.020 1.00 81.53 ? 121 SER A CB   1 
ATOM 1415 O OG   . SER A 1 121 ? 20.935  -15.313 -17.120 1.00 81.53 ? 121 SER A OG   1 
ATOM 1416 H H    . SER A 1 121 ? 18.597  -14.032 -17.396 1.00 81.53 ? 121 SER A H    1 
ATOM 1417 H HA   . SER A 1 121 ? 18.172  -16.575 -18.248 1.00 81.53 ? 121 SER A HA   1 
ATOM 1418 H HB2  . SER A 1 121 ? 20.423  -16.999 -17.978 1.00 81.53 ? 121 SER A HB2  1 
ATOM 1419 H HB3  . SER A 1 121 ? 20.272  -15.725 -18.917 1.00 81.53 ? 121 SER A HB3  1 
ATOM 1420 H HG   . SER A 1 121 ? 21.746  -15.370 -17.332 1.00 81.53 ? 121 SER A HG   1 
ATOM 1421 N N    . THR A 1 122 ? 18.261  -15.628 -15.257 1.00 83.31 ? 122 THR A N    1 
ATOM 1422 C CA   . THR A 1 122 ? 18.079  -16.071 -13.881 1.00 83.31 ? 122 THR A CA   1 
ATOM 1423 C C    . THR A 1 122 ? 16.683  -16.658 -13.710 1.00 83.31 ? 122 THR A C    1 
ATOM 1424 O O    . THR A 1 122 ? 15.682  -15.982 -13.966 1.00 83.31 ? 122 THR A O    1 
ATOM 1425 C CB   . THR A 1 122 ? 18.292  -14.907 -12.917 1.00 83.31 ? 122 THR A CB   1 
ATOM 1426 O OG1  . THR A 1 122 ? 19.633  -14.416 -13.044 1.00 83.31 ? 122 THR A OG1  1 
ATOM 1427 C CG2  . THR A 1 122 ? 18.054  -15.348 -11.480 1.00 83.31 ? 122 THR A CG2  1 
ATOM 1428 H H    . THR A 1 122 ? 18.217  -14.776 -15.362 1.00 83.31 ? 122 THR A H    1 
ATOM 1429 H HA   . THR A 1 122 ? 18.729  -16.762 -13.675 1.00 83.31 ? 122 THR A HA   1 
ATOM 1430 H HB   . THR A 1 122 ? 17.666  -14.196 -13.127 1.00 83.31 ? 122 THR A HB   1 
ATOM 1431 H HG1  . THR A 1 122 ? 19.766  -14.147 -13.829 1.00 83.31 ? 122 THR A HG1  1 
ATOM 1432 H HG21 . THR A 1 122 ? 18.399  -14.680 -10.869 1.00 83.31 ? 122 THR A HG21 1 
ATOM 1433 H HG22 . THR A 1 122 ? 17.104  -15.462 -11.318 1.00 83.31 ? 122 THR A HG22 1 
ATOM 1434 H HG23 . THR A 1 122 ? 18.507  -16.190 -11.313 1.00 83.31 ? 122 THR A HG23 1 
ATOM 1435 N N    . SER A 1 123 ? 16.617  -17.915 -13.278 1.00 85.11 ? 123 SER A N    1 
ATOM 1436 C CA   . SER A 1 123 ? 15.333  -18.575 -13.092 1.00 85.11 ? 123 SER A CA   1 
ATOM 1437 C C    . SER A 1 123 ? 14.529  -17.866 -12.010 1.00 85.11 ? 123 SER A C    1 
ATOM 1438 O O    . SER A 1 123 ? 15.074  -17.468 -10.975 1.00 85.11 ? 123 SER A O    1 
ATOM 1439 C CB   . SER A 1 123 ? 15.541  -20.041 -12.720 1.00 85.11 ? 123 SER A CB   1 
ATOM 1440 O OG   . SER A 1 123 ? 16.342  -20.161 -11.557 1.00 85.11 ? 123 SER A OG   1 
ATOM 1441 H H    . SER A 1 123 ? 17.299  -18.403 -13.087 1.00 85.11 ? 123 SER A H    1 
ATOM 1442 H HA   . SER A 1 123 ? 14.830  -18.539 -13.920 1.00 85.11 ? 123 SER A HA   1 
ATOM 1443 H HB2  . SER A 1 123 ? 14.678  -20.450 -12.552 1.00 85.11 ? 123 SER A HB2  1 
ATOM 1444 H HB3  . SER A 1 123 ? 15.985  -20.493 -13.455 1.00 85.11 ? 123 SER A HB3  1 
ATOM 1445 H HG   . SER A 1 123 ? 16.442  -20.971 -11.359 1.00 85.11 ? 123 SER A HG   1 
ATOM 1446 N N    . GLY A 1 124 ? 13.230  -17.709 -12.251 1.00 82.59 ? 124 GLY A N    1 
ATOM 1447 C CA   . GLY A 1 124 ? 12.351  -17.057 -11.305 1.00 82.59 ? 124 GLY A CA   1 
ATOM 1448 C C    . GLY A 1 124 ? 12.316  -15.549 -11.397 1.00 82.59 ? 124 GLY A C    1 
ATOM 1449 O O    . GLY A 1 124 ? 11.539  -14.921 -10.666 1.00 82.59 ? 124 GLY A O    1 
ATOM 1450 H H    . GLY A 1 124 ? 12.835  -17.976 -12.966 1.00 82.59 ? 124 GLY A H    1 
ATOM 1451 H HA2  . GLY A 1 124 ? 11.447  -17.385 -11.440 1.00 82.59 ? 124 GLY A HA2  1 
ATOM 1452 H HA3  . GLY A 1 124 ? 12.625  -17.296 -10.405 1.00 82.59 ? 124 GLY A HA3  1 
ATOM 1453 N N    . ALA A 1 125 ? 13.127  -14.947 -12.262 1.00 83.40 ? 125 ALA A N    1 
ATOM 1454 C CA   . ALA A 1 125 ? 13.130  -13.506 -12.471 1.00 83.40 ? 125 ALA A CA   1 
ATOM 1455 C C    . ALA A 1 125 ? 12.507  -13.209 -13.827 1.00 83.40 ? 125 ALA A C    1 
ATOM 1456 O O    . ALA A 1 125 ? 13.058  -13.592 -14.865 1.00 83.40 ? 125 ALA A O    1 
ATOM 1457 C CB   . ALA A 1 125 ? 14.550  -12.945 -12.394 1.00 83.40 ? 125 ALA A CB   1 
ATOM 1458 H H    . ALA A 1 125 ? 13.698  -15.363 -12.751 1.00 83.40 ? 125 ALA A H    1 
ATOM 1459 H HA   . ALA A 1 125 ? 12.595  -13.075 -11.787 1.00 83.40 ? 125 ALA A HA   1 
ATOM 1460 H HB1  . ALA A 1 125 ? 14.919  -13.141 -11.518 1.00 83.40 ? 125 ALA A HB1  1 
ATOM 1461 H HB2  . ALA A 1 125 ? 14.518  -11.985 -12.532 1.00 83.40 ? 125 ALA A HB2  1 
ATOM 1462 H HB3  . ALA A 1 125 ? 15.091  -13.362 -13.083 1.00 83.40 ? 125 ALA A HB3  1 
ATOM 1463 N N    . SER A 1 126 ? 11.364  -12.532 -13.818 1.00 83.18 ? 126 SER A N    1 
ATOM 1464 C CA   . SER A 1 126 ? 10.627  -12.258 -15.044 1.00 83.18 ? 126 SER A CA   1 
ATOM 1465 C C    . SER A 1 126 ? 11.269  -11.090 -15.781 1.00 83.18 ? 126 SER A C    1 
ATOM 1466 O O    . SER A 1 126 ? 11.400  -9.994  -15.225 1.00 83.18 ? 126 SER A O    1 
ATOM 1467 C CB   . SER A 1 126 ? 9.165   -11.957 -14.727 1.00 83.18 ? 126 SER A CB   1 
ATOM 1468 O OG   . SER A 1 126 ? 9.048   -10.815 -13.896 1.00 83.18 ? 126 SER A OG   1 
ATOM 1469 H H    . SER A 1 126 ? 10.992  -12.217 -13.108 1.00 83.18 ? 126 SER A H    1 
ATOM 1470 H HA   . SER A 1 126 ? 10.661  -13.039 -15.620 1.00 83.18 ? 126 SER A HA   1 
ATOM 1471 H HB2  . SER A 1 126 ? 8.690   -11.792 -15.556 1.00 83.18 ? 126 SER A HB2  1 
ATOM 1472 H HB3  . SER A 1 126 ? 8.778   -12.719 -14.270 1.00 83.18 ? 126 SER A HB3  1 
ATOM 1473 H HG   . SER A 1 126 ? 9.348   -10.139 -14.293 1.00 83.18 ? 126 SER A HG   1 
ATOM 1474 N N    . ALA A 1 127 ? 11.671  -11.324 -17.033 1.00 85.14 ? 127 ALA A N    1 
ATOM 1475 C CA   . ALA A 1 127 ? 12.204  -10.243 -17.852 1.00 85.14 ? 127 ALA A CA   1 
ATOM 1476 C C    . ALA A 1 127 ? 11.156  -9.179  -18.142 1.00 85.14 ? 127 ALA A C    1 
ATOM 1477 O O    . ALA A 1 127 ? 11.517  -8.034  -18.432 1.00 85.14 ? 127 ALA A O    1 
ATOM 1478 C CB   . ALA A 1 127 ? 12.755  -10.801 -19.164 1.00 85.14 ? 127 ALA A CB   1 
ATOM 1479 H H    . ALA A 1 127 ? 11.645  -12.090 -17.423 1.00 85.14 ? 127 ALA A H    1 
ATOM 1480 H HA   . ALA A 1 127 ? 12.936  -9.820  -17.377 1.00 85.14 ? 127 ALA A HA   1 
ATOM 1481 H HB1  . ALA A 1 127 ? 13.462  -11.436 -18.965 1.00 85.14 ? 127 ALA A HB1  1 
ATOM 1482 H HB2  . ALA A 1 127 ? 13.107  -10.069 -19.695 1.00 85.14 ? 127 ALA A HB2  1 
ATOM 1483 H HB3  . ALA A 1 127 ? 12.038  -11.244 -19.644 1.00 85.14 ? 127 ALA A HB3  1 
ATOM 1484 N N    . SER A 1 128 ? 9.878   -9.533  -18.077 1.00 84.76 ? 128 SER A N    1 
ATOM 1485 C CA   . SER A 1 128 ? 8.772   -8.602  -18.234 1.00 84.76 ? 128 SER A CA   1 
ATOM 1486 C C    . SER A 1 128 ? 8.041   -8.455  -16.903 1.00 84.76 ? 128 SER A C    1 
ATOM 1487 O O    . SER A 1 128 ? 8.452   -9.003  -15.876 1.00 84.76 ? 128 SER A O    1 
ATOM 1488 C CB   . SER A 1 128 ? 7.822   -9.079  -19.335 1.00 84.76 ? 128 SER A CB   1 
ATOM 1489 O OG   . SER A 1 128 ? 8.542   -9.616  -20.430 1.00 84.76 ? 128 SER A OG   1 
ATOM 1490 H H    . SER A 1 128 ? 9.618   -10.340 -17.937 1.00 84.76 ? 128 SER A H    1 
ATOM 1491 H HA   . SER A 1 128 ? 9.117   -7.732  -18.488 1.00 84.76 ? 128 SER A HA   1 
ATOM 1492 H HB2  . SER A 1 128 ? 7.240   -9.766  -18.974 1.00 84.76 ? 128 SER A HB2  1 
ATOM 1493 H HB3  . SER A 1 128 ? 7.294   -8.325  -19.644 1.00 84.76 ? 128 SER A HB3  1 
ATOM 1494 H HG   . SER A 1 128 ? 9.050   -9.030  -20.755 1.00 84.76 ? 128 SER A HG   1 
ATOM 1495 N N    . GLY A 1 129 ? 6.945   -7.701  -16.928 1.00 86.45 ? 129 GLY A N    1 
ATOM 1496 C CA   . GLY A 1 129 ? 6.140   -7.497  -15.741 1.00 86.45 ? 129 GLY A CA   1 
ATOM 1497 C C    . GLY A 1 129 ? 5.854   -6.036  -15.472 1.00 86.45 ? 129 GLY A C    1 
ATOM 1498 O O    . GLY A 1 129 ? 5.569   -5.272  -16.400 1.00 86.45 ? 129 GLY A O    1 
ATOM 1499 H H    . GLY A 1 129 ? 6.650   -7.296  -17.627 1.00 86.45 ? 129 GLY A H    1 
ATOM 1500 H HA2  . GLY A 1 129 ? 5.293   -7.959  -15.845 1.00 86.45 ? 129 GLY A HA2  1 
ATOM 1501 H HA3  . GLY A 1 129 ? 6.595   -7.865  -14.968 1.00 86.45 ? 129 GLY A HA3  1 
ATOM 1502 N N    . THR A 1 130 ? 5.923   -5.634  -14.206 1.00 86.38 ? 130 THR A N    1 
ATOM 1503 C CA   . THR A 1 130 ? 5.662   -4.254  -13.826 1.00 86.38 ? 130 THR A CA   1 
ATOM 1504 C C    . THR A 1 130 ? 6.315   -3.974  -12.482 1.00 86.38 ? 130 THR A C    1 
ATOM 1505 O O    . THR A 1 130 ? 6.349   -4.842  -11.607 1.00 86.38 ? 130 THR A O    1 
ATOM 1506 C CB   . THR A 1 130 ? 4.157   -3.973  -13.748 1.00 86.38 ? 130 THR A CB   1 
ATOM 1507 O OG1  . THR A 1 130 ? 3.543   -4.281  -15.005 1.00 86.38 ? 130 THR A OG1  1 
ATOM 1508 C CG2  . THR A 1 130 ? 3.901   -2.512  -13.407 1.00 86.38 ? 130 THR A CG2  1 
ATOM 1509 H H    . THR A 1 130 ? 6.122   -6.147  -13.544 1.00 86.38 ? 130 THR A H    1 
ATOM 1510 H HA   . THR A 1 130 ? 6.051   -3.660  -14.486 1.00 86.38 ? 130 THR A HA   1 
ATOM 1511 H HB   . THR A 1 130 ? 3.762   -4.523  -13.053 1.00 86.38 ? 130 THR A HB   1 
ATOM 1512 H HG1  . THR A 1 130 ? 3.889   -3.818  -15.615 1.00 86.38 ? 130 THR A HG1  1 
ATOM 1513 H HG21 . THR A 1 130 ? 2.959   -2.307  -13.522 1.00 86.38 ? 130 THR A HG21 1 
ATOM 1514 H HG22 . THR A 1 130 ? 4.150   -2.334  -12.487 1.00 86.38 ? 130 THR A HG22 1 
ATOM 1515 H HG23 . THR A 1 130 ? 4.420   -1.939  -13.992 1.00 86.38 ? 130 THR A HG23 1 
ATOM 1516 N N    . ILE A 1 131 ? 6.831   -2.757  -12.330 1.00 85.92 ? 131 ILE A N    1 
ATOM 1517 C CA   . ILE A 1 131 ? 7.410   -2.290  -11.076 1.00 85.92 ? 131 ILE A CA   1 
ATOM 1518 C C    . ILE A 1 131 ? 6.447   -1.288  -10.460 1.00 85.92 ? 131 ILE A C    1 
ATOM 1519 O O    . ILE A 1 131 ? 6.116   -0.271  -11.082 1.00 85.92 ? 131 ILE A O    1 
ATOM 1520 C CB   . ILE A 1 131 ? 8.795   -1.658  -11.299 1.00 85.92 ? 131 ILE A CB   1 
ATOM 1521 C CG1  . ILE A 1 131 ? 9.705   -2.607  -12.083 1.00 85.92 ? 131 ILE A CG1  1 
ATOM 1522 C CG2  . ILE A 1 131 ? 9.432   -1.294  -9.968  1.00 85.92 ? 131 ILE A CG2  1 
ATOM 1523 C CD1  . ILE A 1 131 ? 9.903   -3.960  -11.433 1.00 85.92 ? 131 ILE A CD1  1 
ATOM 1524 H H    . ILE A 1 131 ? 6.858   -2.169  -12.957 1.00 85.92 ? 131 ILE A H    1 
ATOM 1525 H HA   . ILE A 1 131 ? 7.506   -3.036  -10.463 1.00 85.92 ? 131 ILE A HA   1 
ATOM 1526 H HB   . ILE A 1 131 ? 8.680   -0.846  -11.817 1.00 85.92 ? 131 ILE A HB   1 
ATOM 1527 H HG12 . ILE A 1 131 ? 9.324   -2.754  -12.962 1.00 85.92 ? 131 ILE A HG12 1 
ATOM 1528 H HG13 . ILE A 1 131 ? 10.578  -2.194  -12.172 1.00 85.92 ? 131 ILE A HG13 1 
ATOM 1529 H HG21 . ILE A 1 131 ? 8.950   -0.547  -9.581  1.00 85.92 ? 131 ILE A HG21 1 
ATOM 1530 H HG22 . ILE A 1 131 ? 9.385   -2.060  -9.375  1.00 85.92 ? 131 ILE A HG22 1 
ATOM 1531 H HG23 . ILE A 1 131 ? 10.357  -1.046  -10.119 1.00 85.92 ? 131 ILE A HG23 1 
ATOM 1532 H HD11 . ILE A 1 131 ? 10.510  -4.484  -11.979 1.00 85.92 ? 131 ILE A HD11 1 
ATOM 1533 H HD12 . ILE A 1 131 ? 9.048   -4.412  -11.367 1.00 85.92 ? 131 ILE A HD12 1 
ATOM 1534 H HD13 . ILE A 1 131 ? 10.283  -3.835  -10.549 1.00 85.92 ? 131 ILE A HD13 1 
ATOM 1535 N N    . THR A 1 132 ? 5.999   -1.570  -9.240  1.00 85.61 ? 132 THR A N    1 
ATOM 1536 C CA   . THR A 1 132 ? 5.011   -0.749  -8.557  1.00 85.61 ? 132 THR A CA   1 
ATOM 1537 C C    . THR A 1 132 ? 5.563   -0.267  -7.224  1.00 85.61 ? 132 THR A C    1 
ATOM 1538 O O    . THR A 1 132 ? 6.318   -0.976  -6.552  1.00 85.61 ? 132 THR A O    1 
ATOM 1539 C CB   . THR A 1 132 ? 3.708   -1.524  -8.325  1.00 85.61 ? 132 THR A CB   1 
ATOM 1540 O OG1  . THR A 1 132 ? 3.973   -2.682  -7.523  1.00 85.61 ? 132 THR A OG1  1 
ATOM 1541 C CG2  . THR A 1 132 ? 3.098   -1.955  -9.650  1.00 85.61 ? 132 THR A CG2  1 
ATOM 1542 H H    . THR A 1 132 ? 6.259   -2.247  -8.779  1.00 85.61 ? 132 THR A H    1 
ATOM 1543 H HA   . THR A 1 132 ? 4.807   0.029   -9.099  1.00 85.61 ? 132 THR A HA   1 
ATOM 1544 H HB   . THR A 1 132 ? 3.071   -0.953  -7.868  1.00 85.61 ? 132 THR A HB   1 
ATOM 1545 H HG1  . THR A 1 132 ? 3.262   -3.110  -7.394  1.00 85.61 ? 132 THR A HG1  1 
ATOM 1546 H HG21 . THR A 1 132 ? 2.242   -2.384  -9.497  1.00 85.61 ? 132 THR A HG21 1 
ATOM 1547 H HG22 . THR A 1 132 ? 2.966   -1.181  -10.221 1.00 85.61 ? 132 THR A HG22 1 
ATOM 1548 H HG23 . THR A 1 132 ? 3.688   -2.581  -10.098 1.00 85.61 ? 132 THR A HG23 1 
ATOM 1549 N N    . ALA A 1 133 ? 5.175   0.947   -6.850  1.00 87.28 ? 133 ALA A N    1 
ATOM 1550 C CA   . ALA A 1 133 ? 5.586   1.561   -5.596  1.00 87.28 ? 133 ALA A CA   1 
ATOM 1551 C C    . ALA A 1 133 ? 4.397   1.632   -4.648  1.00 87.28 ? 133 ALA A C    1 
ATOM 1552 O O    . ALA A 1 133 ? 3.277   1.942   -5.063  1.00 87.28 ? 133 ALA A O    1 
ATOM 1553 C CB   . ALA A 1 133 ? 6.152   2.963   -5.831  1.00 87.28 ? 133 ALA A CB   1 
ATOM 1554 H H    . ALA A 1 133 ? 4.658   1.448   -7.320  1.00 87.28 ? 133 ALA A H    1 
ATOM 1555 H HA   . ALA A 1 133 ? 6.276   1.020   -5.181  1.00 87.28 ? 133 ALA A HA   1 
ATOM 1556 H HB1  . ALA A 1 133 ? 6.921   2.897   -6.418  1.00 87.28 ? 133 ALA A HB1  1 
ATOM 1557 H HB2  . ALA A 1 133 ? 6.418   3.343   -4.978  1.00 87.28 ? 133 ALA A HB2  1 
ATOM 1558 H HB3  . ALA A 1 133 ? 5.469   3.514   -6.241  1.00 87.28 ? 133 ALA A HB3  1 
ATOM 1559 N N    . ILE A 1 134 ? 4.647   1.341   -3.374  1.00 88.89 ? 134 ILE A N    1 
ATOM 1560 C CA   . ILE A 1 134 ? 3.609   1.291   -2.351  1.00 88.89 ? 134 ILE A CA   1 
ATOM 1561 C C    . ILE A 1 134 ? 3.992   2.253   -1.237  1.00 88.89 ? 134 ILE A C    1 
ATOM 1562 O O    . ILE A 1 134 ? 5.110   2.189   -0.709  1.00 88.89 ? 134 ILE A O    1 
ATOM 1563 C CB   . ILE A 1 134 ? 3.422   -0.132  -1.803  1.00 88.89 ? 134 ILE A CB   1 
ATOM 1564 C CG1  . ILE A 1 134 ? 2.851   -1.046  -2.890  1.00 88.89 ? 134 ILE A CG1  1 
ATOM 1565 C CG2  . ILE A 1 134 ? 2.512   -0.120  -0.580  1.00 88.89 ? 134 ILE A CG2  1 
ATOM 1566 C CD1  . ILE A 1 134 ? 3.909   -1.807  -3.657  1.00 88.89 ? 134 ILE A CD1  1 
ATOM 1567 H H    . ILE A 1 134 ? 5.433   1.165   -3.071  1.00 88.89 ? 134 ILE A H    1 
ATOM 1568 H HA   . ILE A 1 134 ? 2.767   1.585   -2.730  1.00 88.89 ? 134 ILE A HA   1 
ATOM 1569 H HB   . ILE A 1 134 ? 4.289   -0.476  -1.537  1.00 88.89 ? 134 ILE A HB   1 
ATOM 1570 H HG12 . ILE A 1 134 ? 2.259   -1.695  -2.481  1.00 88.89 ? 134 ILE A HG12 1 
ATOM 1571 H HG13 . ILE A 1 134 ? 2.357   -0.506  -3.526  1.00 88.89 ? 134 ILE A HG13 1 
ATOM 1572 H HG21 . ILE A 1 134 ? 2.234   -1.029  -0.383  1.00 88.89 ? 134 ILE A HG21 1 
ATOM 1573 H HG22 . ILE A 1 134 ? 3.000   0.241   0.176   1.00 88.89 ? 134 ILE A HG22 1 
ATOM 1574 H HG23 . ILE A 1 134 ? 1.736   0.429   -0.770  1.00 88.89 ? 134 ILE A HG23 1 
ATOM 1575 H HD11 . ILE A 1 134 ? 3.474   -2.396  -4.293  1.00 88.89 ? 134 ILE A HD11 1 
ATOM 1576 H HD12 . ILE A 1 134 ? 4.437   -2.328  -3.031  1.00 88.89 ? 134 ILE A HD12 1 
ATOM 1577 H HD13 . ILE A 1 134 ? 4.477   -1.176  -4.124  1.00 88.89 ? 134 ILE A HD13 1 
ATOM 1578 N N    . ALA A 1 135 ? 3.069   3.145   -0.884  1.00 90.86 ? 135 ALA A N    1 
ATOM 1579 C CA   . ALA A 1 135 ? 3.247   3.999   0.280   1.00 90.86 ? 135 ALA A CA   1 
ATOM 1580 C C    . ALA A 1 135 ? 2.716   3.297   1.523   1.00 90.86 ? 135 ALA A C    1 
ATOM 1581 O O    . ALA A 1 135 ? 1.722   2.568   1.473   1.00 90.86 ? 135 ALA A O    1 
ATOM 1582 C CB   . ALA A 1 135 ? 2.531   5.335   0.083   1.00 90.86 ? 135 ALA A CB   1 
ATOM 1583 H H    . ALA A 1 135 ? 2.331   3.273   -1.305  1.00 90.86 ? 135 ALA A H    1 
ATOM 1584 H HA   . ALA A 1 135 ? 4.191   4.176   0.409   1.00 90.86 ? 135 ALA A HA   1 
ATOM 1585 H HB1  . ALA A 1 135 ? 2.900   5.778   -0.696  1.00 90.86 ? 135 ALA A HB1  1 
ATOM 1586 H HB2  . ALA A 1 135 ? 2.666   5.884   0.872   1.00 90.86 ? 135 ALA A HB2  1 
ATOM 1587 H HB3  . ALA A 1 135 ? 1.584   5.170   -0.047  1.00 90.86 ? 135 ALA A HB3  1 
ATOM 1588 N N    . VAL A 1 136 ? 3.391   3.522   2.647   1.00 92.41 ? 136 VAL A N    1 
ATOM 1589 C CA   . VAL A 1 136 ? 3.102   2.816   3.889   1.00 92.41 ? 136 VAL A CA   1 
ATOM 1590 C C    . VAL A 1 136 ? 2.955   3.825   5.017   1.00 92.41 ? 136 VAL A C    1 
ATOM 1591 O O    . VAL A 1 136 ? 3.733   4.780   5.117   1.00 92.41 ? 136 VAL A O    1 
ATOM 1592 C CB   . VAL A 1 136 ? 4.204   1.789   4.226   1.00 92.41 ? 136 VAL A CB   1 
ATOM 1593 C CG1  . VAL A 1 136 ? 3.832   0.995   5.470   1.00 92.41 ? 136 VAL A CG1  1 
ATOM 1594 C CG2  . VAL A 1 136 ? 4.453   0.856   3.049   1.00 92.41 ? 136 VAL A CG2  1 
ATOM 1595 H H    . VAL A 1 136 ? 4.032   4.092   2.716   1.00 92.41 ? 136 VAL A H    1 
ATOM 1596 H HA   . VAL A 1 136 ? 2.262   2.339   3.800   1.00 92.41 ? 136 VAL A HA   1 
ATOM 1597 H HB   . VAL A 1 136 ? 5.028   2.264   4.413   1.00 92.41 ? 136 VAL A HB   1 
ATOM 1598 H HG11 . VAL A 1 136 ? 4.457   0.260   5.572   1.00 92.41 ? 136 VAL A HG11 1 
ATOM 1599 H HG12 . VAL A 1 136 ? 3.876   1.576   6.245   1.00 92.41 ? 136 VAL A HG12 1 
ATOM 1600 H HG13 . VAL A 1 136 ? 2.932   0.648   5.365   1.00 92.41 ? 136 VAL A HG13 1 
ATOM 1601 H HG21 . VAL A 1 136 ? 5.248   0.331   3.230   1.00 92.41 ? 136 VAL A HG21 1 
ATOM 1602 H HG22 . VAL A 1 136 ? 4.582   1.378   2.243   1.00 92.41 ? 136 VAL A HG22 1 
ATOM 1603 H HG23 . VAL A 1 136 ? 3.689   0.266   2.947   1.00 92.41 ? 136 VAL A HG23 1 
ATOM 1604 N N    . ILE A 1 137 ? 1.953   3.608   5.864   1.00 94.45 ? 137 ILE A N    1 
ATOM 1605 C CA   . ILE A 1 137 ? 1.757   4.374   7.089   1.00 94.45 ? 137 ILE A CA   1 
ATOM 1606 C C    . ILE A 1 137 ? 1.671   3.384   8.241   1.00 94.45 ? 137 ILE A C    1 
ATOM 1607 O O    . ILE A 1 137 ? 0.830   2.479   8.225   1.00 94.45 ? 137 ILE A O    1 
ATOM 1608 C CB   . ILE A 1 137 ? 0.490   5.248   7.031   1.00 94.45 ? 137 ILE A CB   1 
ATOM 1609 C CG1  . ILE A 1 137 ? 0.529   6.172   5.811   1.00 94.45 ? 137 ILE A CG1  1 
ATOM 1610 C CG2  . ILE A 1 137 ? 0.345   6.058   8.314   1.00 94.45 ? 137 ILE A CG2  1 
ATOM 1611 C CD1  . ILE A 1 137 ? -0.810  6.782   5.467   1.00 94.45 ? 137 ILE A CD1  1 
ATOM 1612 H H    . ILE A 1 137 ? 1.354   3.002   5.746   1.00 94.45 ? 137 ILE A H    1 
ATOM 1613 H HA   . ILE A 1 137 ? 2.522   4.951   7.238   1.00 94.45 ? 137 ILE A HA   1 
ATOM 1614 H HB   . ILE A 1 137 ? -0.281  4.666   6.947   1.00 94.45 ? 137 ILE A HB   1 
ATOM 1615 H HG12 . ILE A 1 137 ? 1.150   6.897   5.986   1.00 94.45 ? 137 ILE A HG12 1 
ATOM 1616 H HG13 . ILE A 1 137 ? 0.826   5.667   5.038   1.00 94.45 ? 137 ILE A HG13 1 
ATOM 1617 H HG21 . ILE A 1 137 ? -0.366  6.708   8.204   1.00 94.45 ? 137 ILE A HG21 1 
ATOM 1618 H HG22 . ILE A 1 137 ? 0.127   5.458   9.044   1.00 94.45 ? 137 ILE A HG22 1 
ATOM 1619 H HG23 . ILE A 1 137 ? 1.181   6.513   8.498   1.00 94.45 ? 137 ILE A HG23 1 
ATOM 1620 H HD11 . ILE A 1 137 ? -1.107  7.337   6.205   1.00 94.45 ? 137 ILE A HD11 1 
ATOM 1621 H HD12 . ILE A 1 137 ? -1.450  6.070   5.311   1.00 94.45 ? 137 ILE A HD12 1 
ATOM 1622 H HD13 . ILE A 1 137 ? -0.716  7.323   4.667   1.00 94.45 ? 137 ILE A HD13 1 
ATOM 1623 N N    . GLU A 1 138 ? 2.542   3.552   9.238   1.00 94.77 ? 138 GLU A N    1 
ATOM 1624 C CA   . GLU A 1 138 ? 2.605   2.595   10.336  1.00 94.77 ? 138 GLU A CA   1 
ATOM 1625 C C    . GLU A 1 138 ? 1.438   2.751   11.303  1.00 94.77 ? 138 GLU A C    1 
ATOM 1626 O O    . GLU A 1 138 ? 1.148   1.815   12.055  1.00 94.77 ? 138 GLU A O    1 
ATOM 1627 C CB   . GLU A 1 138 ? 3.958   2.742   11.052  1.00 94.77 ? 138 GLU A CB   1 
ATOM 1628 C CG   . GLU A 1 138 ? 4.230   1.787   12.228  1.00 94.77 ? 138 GLU A CG   1 
ATOM 1629 C CD   . GLU A 1 138 ? 3.483   2.128   13.511  1.00 94.77 ? 138 GLU A CD   1 
ATOM 1630 O OE1  . GLU A 1 138 ? 3.647   1.386   14.503  1.00 94.77 ? 138 GLU A OE1  1 
ATOM 1631 O OE2  . GLU A 1 138 ? 2.787   3.163   13.557  1.00 94.77 ? 138 GLU A OE2  1 
ATOM 1632 H H    . GLU A 1 138 ? 3.101   4.203   9.296   1.00 94.77 ? 138 GLU A H    1 
ATOM 1633 H HA   . GLU A 1 138 ? 2.562   1.698   9.970   1.00 94.77 ? 138 GLU A HA   1 
ATOM 1634 H HB2  . GLU A 1 138 ? 4.660   2.596   10.399  1.00 94.77 ? 138 GLU A HB2  1 
ATOM 1635 H HB3  . GLU A 1 138 ? 4.024   3.647   11.395  1.00 94.77 ? 138 GLU A HB3  1 
ATOM 1636 H HG2  . GLU A 1 138 ? 3.973   0.888   11.966  1.00 94.77 ? 138 GLU A HG2  1 
ATOM 1637 H HG3  . GLU A 1 138 ? 5.177   1.810   12.430  1.00 94.77 ? 138 GLU A HG3  1 
ATOM 1638 N N    . GLU A 1 139 ? 0.745   3.890   11.281  1.00 96.91 ? 139 GLU A N    1 
ATOM 1639 C CA   . GLU A 1 139 ? -0.329  4.120   12.240  1.00 96.91 ? 139 GLU A CA   1 
ATOM 1640 C C    . GLU A 1 139 ? -1.436  3.082   12.124  1.00 96.91 ? 139 GLU A C    1 
ATOM 1641 O O    . GLU A 1 139 ? -1.943  2.618   13.151  1.00 96.91 ? 139 GLU A O    1 
ATOM 1642 C CB   . GLU A 1 139 ? -0.913  5.522   12.046  1.00 96.91 ? 139 GLU A CB   1 
ATOM 1643 C CG   . GLU A 1 139 ? -0.092  6.666   12.645  1.00 96.91 ? 139 GLU A CG   1 
ATOM 1644 C CD   . GLU A 1 139 ? 0.415   6.380   14.049  1.00 96.91 ? 139 GLU A CD   1 
ATOM 1645 O OE1  . GLU A 1 139 ? 1.492   6.898   14.409  1.00 96.91 ? 139 GLU A OE1  1 
ATOM 1646 O OE2  . GLU A 1 139 ? -0.270  5.649   14.796  1.00 96.91 ? 139 GLU A OE2  1 
ATOM 1647 H H    . GLU A 1 139 ? 0.876   4.536   10.731  1.00 96.91 ? 139 GLU A H    1 
ATOM 1648 H HA   . GLU A 1 139 ? 0.037   4.044   13.133  1.00 96.91 ? 139 GLU A HA   1 
ATOM 1649 H HB2  . GLU A 1 139 ? -0.997  5.688   11.095  1.00 96.91 ? 139 GLU A HB2  1 
ATOM 1650 H HB3  . GLU A 1 139 ? -1.791  5.547   12.458  1.00 96.91 ? 139 GLU A HB3  1 
ATOM 1651 H HG2  . GLU A 1 139 ? 0.678   6.830   12.078  1.00 96.91 ? 139 GLU A HG2  1 
ATOM 1652 H HG3  . GLU A 1 139 ? -0.647  7.459   12.685  1.00 96.91 ? 139 GLU A HG3  1 
ATOM 1653 N N    . ASP A 1 140 ? -1.826  2.707   10.899  1.00 96.11 ? 140 ASP A N    1 
ATOM 1654 C CA   . ASP A 1 140 ? -2.836  1.668   10.738  1.00 96.11 ? 140 ASP A CA   1 
ATOM 1655 C C    . ASP A 1 140 ? -2.484  0.670   9.635   1.00 96.11 ? 140 ASP A C    1 
ATOM 1656 O O    . ASP A 1 140 ? -3.379  -0.028  9.146   1.00 96.11 ? 140 ASP A O    1 
ATOM 1657 C CB   . ASP A 1 140 ? -4.220  2.313   10.483  1.00 96.11 ? 140 ASP A CB   1 
ATOM 1658 C CG   . ASP A 1 140 ? -4.398  2.821   9.056   1.00 96.11 ? 140 ASP A CG   1 
ATOM 1659 O OD1  . ASP A 1 140 ? -3.524  2.589   8.194   1.00 96.11 ? 140 ASP A OD1  1 
ATOM 1660 O OD2  . ASP A 1 140 ? -5.436  3.463   8.795   1.00 96.11 ? 140 ASP A OD2  1 
ATOM 1661 H H    . ASP A 1 140 ? -1.523  3.036   10.163  1.00 96.11 ? 140 ASP A H    1 
ATOM 1662 H HA   . ASP A 1 140 ? -2.899  1.166   11.565  1.00 96.11 ? 140 ASP A HA   1 
ATOM 1663 H HB2  . ASP A 1 140 ? -4.909  1.653   10.654  1.00 96.11 ? 140 ASP A HB2  1 
ATOM 1664 H HB3  . ASP A 1 140 ? -4.330  3.068   11.083  1.00 96.11 ? 140 ASP A HB3  1 
ATOM 1665 N N    . GLU A 1 141 ? -1.217  0.584   9.231   1.00 94.65 ? 141 GLU A N    1 
ATOM 1666 C CA   . GLU A 1 141 ? -0.771  -0.384  8.231   1.00 94.65 ? 141 GLU A CA   1 
ATOM 1667 C C    . GLU A 1 141 ? -1.466  -0.165  6.889   1.00 94.65 ? 141 GLU A C    1 
ATOM 1668 O O    . GLU A 1 141 ? -1.766  -1.118  6.168   1.00 94.65 ? 141 GLU A O    1 
ATOM 1669 C CB   . GLU A 1 141 ? -0.995  -1.820  8.723   1.00 94.65 ? 141 GLU A CB   1 
ATOM 1670 C CG   . GLU A 1 141 ? -0.280  -2.919  7.928   1.00 94.65 ? 141 GLU A CG   1 
ATOM 1671 C CD   . GLU A 1 141 ? 1.236   -2.779  7.908   1.00 94.65 ? 141 GLU A CD   1 
ATOM 1672 O OE1  . GLU A 1 141 ? 1.764   -1.747  8.370   1.00 94.65 ? 141 GLU A OE1  1 
ATOM 1673 O OE2  . GLU A 1 141 ? 1.905   -3.715  7.424   1.00 94.65 ? 141 GLU A OE2  1 
ATOM 1674 H H    . GLU A 1 141 ? -0.584  1.086   9.527   1.00 94.65 ? 141 GLU A H    1 
ATOM 1675 H HA   . GLU A 1 141 ? 0.174   -0.248  8.086   1.00 94.65 ? 141 GLU A HA   1 
ATOM 1676 H HB2  . GLU A 1 141 ? -0.687  -1.879  9.641   1.00 94.65 ? 141 GLU A HB2  1 
ATOM 1677 H HB3  . GLU A 1 141 ? -1.945  -2.011  8.688   1.00 94.65 ? 141 GLU A HB3  1 
ATOM 1678 H HG2  . GLU A 1 141 ? -0.488  -3.776  8.330   1.00 94.65 ? 141 GLU A HG2  1 
ATOM 1679 H HG3  . GLU A 1 141 ? -0.590  -2.908  7.010   1.00 94.65 ? 141 GLU A HG3  1 
ATOM 1680 N N    . THR A 1 142 ? -1.737  1.091   6.547   1.00 93.93 ? 142 THR A N    1 
ATOM 1681 C CA   . THR A 1 142 ? -2.343  1.395   5.257   1.00 93.93 ? 142 THR A CA   1 
ATOM 1682 C C    . THR A 1 142 ? -1.306  1.275   4.147   1.00 93.93 ? 142 THR A C    1 
ATOM 1683 O O    . THR A 1 142 ? -0.174  1.745   4.285   1.00 93.93 ? 142 THR A O    1 
ATOM 1684 C CB   . THR A 1 142 ? -2.938  2.803   5.274   1.00 93.93 ? 142 THR A CB   1 
ATOM 1685 O OG1  . THR A 1 142 ? -4.063  2.840   6.161   1.00 93.93 ? 142 THR A OG1  1 
ATOM 1686 C CG2  . THR A 1 142 ? -3.390  3.210   3.878   1.00 93.93 ? 142 THR A CG2  1 
ATOM 1687 H H    . THR A 1 142 ? -1.580  1.779   7.037   1.00 93.93 ? 142 THR A H    1 
ATOM 1688 H HA   . THR A 1 142 ? -3.057  0.763   5.080   1.00 93.93 ? 142 THR A HA   1 
ATOM 1689 H HB   . THR A 1 142 ? -2.267  3.435   5.576   1.00 93.93 ? 142 THR A HB   1 
ATOM 1690 H HG1  . THR A 1 142 ? -4.131  3.604   6.505   1.00 93.93 ? 142 THR A HG1  1 
ATOM 1691 H HG21 . THR A 1 142 ? -4.019  3.946   3.936   1.00 93.93 ? 142 THR A HG21 1 
ATOM 1692 H HG22 . THR A 1 142 ? -2.626  3.491   3.348   1.00 93.93 ? 142 THR A HG22 1 
ATOM 1693 H HG23 . THR A 1 142 ? -3.822  2.462   3.438   1.00 93.93 ? 142 THR A HG23 1 
ATOM 1694 N N    . GLU A 1 143 ? -1.697  0.640   3.045   1.00 91.68 ? 143 GLU A N    1 
ATOM 1695 C CA   . GLU A 1 143 ? -0.843  0.481   1.875   1.00 91.68 ? 143 GLU A CA   1 
ATOM 1696 C C    . GLU A 1 143 ? -1.583  0.992   0.648   1.00 91.68 ? 143 GLU A C    1 
ATOM 1697 O O    . GLU A 1 143 ? -2.744  0.630   0.424   1.00 91.68 ? 143 GLU A O    1 
ATOM 1698 C CB   . GLU A 1 143 ? -0.438  -0.982  1.680   1.00 91.68 ? 143 GLU A CB   1 
ATOM 1699 C CG   . GLU A 1 143 ? 0.555   -1.491  2.711   1.00 91.68 ? 143 GLU A CG   1 
ATOM 1700 C CD   . GLU A 1 143 ? 0.945   -2.938  2.477   1.00 91.68 ? 143 GLU A CD   1 
ATOM 1701 O OE1  . GLU A 1 143 ? 0.053   -3.755  2.171   1.00 91.68 ? 143 GLU A OE1  1 
ATOM 1702 O OE2  . GLU A 1 143 ? 2.146   -3.256  2.599   1.00 91.68 ? 143 GLU A OE2  1 
ATOM 1703 H H    . GLU A 1 143 ? -2.474  0.283   2.950   1.00 91.68 ? 143 GLU A H    1 
ATOM 1704 H HA   . GLU A 1 143 ? -0.038  1.009   1.988   1.00 91.68 ? 143 GLU A HA   1 
ATOM 1705 H HB2  . GLU A 1 143 ? -1.232  -1.536  1.734   1.00 91.68 ? 143 GLU A HB2  1 
ATOM 1706 H HB3  . GLU A 1 143 ? -0.030  -1.079  0.805   1.00 91.68 ? 143 GLU A HB3  1 
ATOM 1707 H HG2  . GLU A 1 143 ? 1.361   -0.953  2.669   1.00 91.68 ? 143 GLU A HG2  1 
ATOM 1708 H HG3  . GLU A 1 143 ? 0.157   -1.427  3.593   1.00 91.68 ? 143 GLU A HG3  1 
ATOM 1709 N N    . THR A 1 144 ? -0.914  1.828   -0.142  1.00 90.77 ? 144 THR A N    1 
ATOM 1710 C CA   . THR A 1 144 ? -1.510  2.423   -1.330  1.00 90.77 ? 144 THR A CA   1 
ATOM 1711 C C    . THR A 1 144 ? -0.479  2.474   -2.446  1.00 90.77 ? 144 THR A C    1 
ATOM 1712 O O    . THR A 1 144 ? 0.686   2.808   -2.212  1.00 90.77 ? 144 THR A O    1 
ATOM 1713 C CB   . THR A 1 144 ? -2.033  3.837   -1.045  1.00 90.77 ? 144 THR A CB   1 
ATOM 1714 O OG1  . THR A 1 144 ? -2.892  3.812   0.101   1.00 90.77 ? 144 THR A OG1  1 
ATOM 1715 C CG2  . THR A 1 144 ? -2.802  4.376   -2.241  1.00 90.77 ? 144 THR A CG2  1 
ATOM 1716 H H    . THR A 1 144 ? -0.099  2.071   -0.007  1.00 90.77 ? 144 THR A H    1 
ATOM 1717 H HA   . THR A 1 144 ? -2.254  1.876   -1.626  1.00 90.77 ? 144 THR A HA   1 
ATOM 1718 H HB   . THR A 1 144 ? -1.283  4.429   -0.872  1.00 90.77 ? 144 THR A HB   1 
ATOM 1719 H HG1  . THR A 1 144 ? -3.544  3.301   -0.039  1.00 90.77 ? 144 THR A HG1  1 
ATOM 1720 H HG21 . THR A 1 144 ? -3.218  5.221   -2.012  1.00 90.77 ? 144 THR A HG21 1 
ATOM 1721 H HG22 . THR A 1 144 ? -3.491  3.746   -2.502  1.00 90.77 ? 144 THR A HG22 1 
ATOM 1722 H HG23 . THR A 1 144 ? -2.201  4.514   -2.989  1.00 90.77 ? 144 THR A HG23 1 
ATOM 1723 N N    . GLN A 1 145 ? -0.913  2.140   -3.659  1.00 89.68 ? 145 GLN A N    1 
ATOM 1724 C CA   . GLN A 1 145 ? -0.046  2.221   -4.827  1.00 89.68 ? 145 GLN A CA   1 
ATOM 1725 C C    . GLN A 1 145 ? 0.040   3.663   -5.307  1.00 89.68 ? 145 GLN A C    1 
ATOM 1726 O O    . GLN A 1 145 ? -0.979  4.351   -5.421  1.00 89.68 ? 145 GLN A O    1 
ATOM 1727 C CB   . GLN A 1 145 ? -0.568  1.318   -5.944  1.00 89.68 ? 145 GLN A CB   1 
ATOM 1728 C CG   . GLN A 1 145 ? 0.312   1.308   -7.187  1.00 89.68 ? 145 GLN A CG   1 
ATOM 1729 C CD   . GLN A 1 145 ? -0.142  0.305   -8.231  1.00 89.68 ? 145 GLN A CD   1 
ATOM 1730 O OE1  . GLN A 1 145 ? -0.190  0.614   -9.422  1.00 89.68 ? 145 GLN A OE1  1 
ATOM 1731 N NE2  . GLN A 1 145 ? -0.464  -0.906  -7.793  1.00 89.68 ? 145 GLN A NE2  1 
ATOM 1732 H H    . GLN A 1 145 ? -1.709  1.864   -3.831  1.00 89.68 ? 145 GLN A H    1 
ATOM 1733 H HA   . GLN A 1 145 ? 0.846   1.924   -4.586  1.00 89.68 ? 145 GLN A HA   1 
ATOM 1734 H HB2  . GLN A 1 145 ? -0.623  0.412   -5.604  1.00 89.68 ? 145 GLN A HB2  1 
ATOM 1735 H HB3  . GLN A 1 145 ? -1.449  1.625   -6.207  1.00 89.68 ? 145 GLN A HB3  1 
ATOM 1736 H HG2  . GLN A 1 145 ? 0.292   2.189   -7.594  1.00 89.68 ? 145 GLN A HG2  1 
ATOM 1737 H HG3  . GLN A 1 145 ? 1.220   1.083   -6.929  1.00 89.68 ? 145 GLN A HG3  1 
ATOM 1738 H HE21 . GLN A 1 145 ? -0.416  -1.091  -6.955  1.00 89.68 ? 145 GLN A HE21 1 
ATOM 1739 H HE22 . GLN A 1 145 ? -0.725  -1.508  -8.349  1.00 89.68 ? 145 GLN A HE22 1 
ATOM 1740 N N    . VAL A 1 146 ? 1.258   4.120   -5.594  1.00 90.02 ? 146 VAL A N    1 
ATOM 1741 C CA   . VAL A 1 146 ? 1.480   5.496   -6.008  1.00 90.02 ? 146 VAL A CA   1 
ATOM 1742 C C    . VAL A 1 146 ? 2.050   5.618   -7.414  1.00 90.02 ? 146 VAL A C    1 
ATOM 1743 O O    . VAL A 1 146 ? 1.843   6.657   -8.060  1.00 90.02 ? 146 VAL A O    1 
ATOM 1744 C CB   . VAL A 1 146 ? 2.393   6.239   -5.007  1.00 90.02 ? 146 VAL A CB   1 
ATOM 1745 C CG1  . VAL A 1 146 ? 1.683   6.417   -3.674  1.00 90.02 ? 146 VAL A CG1  1 
ATOM 1746 C CG2  . VAL A 1 146 ? 3.717   5.503   -4.828  1.00 90.02 ? 146 VAL A CG2  1 
ATOM 1747 H H    . VAL A 1 146 ? 1.973   3.643   -5.557  1.00 90.02 ? 146 VAL A H    1 
ATOM 1748 H HA   . VAL A 1 146 ? 0.627   5.959   -6.009  1.00 90.02 ? 146 VAL A HA   1 
ATOM 1749 H HB   . VAL A 1 146 ? 2.589   7.121   -5.359  1.00 90.02 ? 146 VAL A HB   1 
ATOM 1750 H HG11 . VAL A 1 146 ? 0.862   6.913   -3.817  1.00 90.02 ? 146 VAL A HG11 1 
ATOM 1751 H HG12 . VAL A 1 146 ? 2.265   6.907   -3.071  1.00 90.02 ? 146 VAL A HG12 1 
ATOM 1752 H HG13 . VAL A 1 146 ? 1.482   5.543   -3.304  1.00 90.02 ? 146 VAL A HG13 1 
ATOM 1753 H HG21 . VAL A 1 146 ? 4.235   5.583   -5.645  1.00 90.02 ? 146 VAL A HG21 1 
ATOM 1754 H HG22 . VAL A 1 146 ? 3.544   4.569   -4.635  1.00 90.02 ? 146 VAL A HG22 1 
ATOM 1755 H HG23 . VAL A 1 146 ? 4.200   5.904   -4.089  1.00 90.02 ? 146 VAL A HG23 1 
ATOM 1756 N N    . ALA A 1 147 ? 2.758   4.612   -7.924  1.00 88.30 ? 147 ALA A N    1 
ATOM 1757 C CA   . ALA A 1 147 ? 3.334   4.704   -9.257  1.00 88.30 ? 147 ALA A CA   1 
ATOM 1758 C C    . ALA A 1 147 ? 3.541   3.303   -9.807  1.00 88.30 ? 147 ALA A C    1 
ATOM 1759 O O    . ALA A 1 147 ? 3.731   2.341   -9.058  1.00 88.30 ? 147 ALA A O    1 
ATOM 1760 C CB   . ALA A 1 147 ? 4.658   5.476   -9.245  1.00 88.30 ? 147 ALA A CB   1 
ATOM 1761 H H    . ALA A 1 147 ? 2.916   3.869   -7.519  1.00 88.30 ? 147 ALA A H    1 
ATOM 1762 H HA   . ALA A 1 147 ? 2.716   5.171   -9.842  1.00 88.30 ? 147 ALA A HA   1 
ATOM 1763 H HB1  . ALA A 1 147 ? 4.499   6.371   -8.909  1.00 88.30 ? 147 ALA A HB1  1 
ATOM 1764 H HB2  . ALA A 1 147 ? 5.006   5.517   -10.150 1.00 88.30 ? 147 ALA A HB2  1 
ATOM 1765 H HB3  . ALA A 1 147 ? 5.286   5.012   -8.671  1.00 88.30 ? 147 ALA A HB3  1 
ATOM 1766 N N    . SER A 1 148 ? 3.502   3.202   -11.135 1.00 88.38 ? 148 SER A N    1 
ATOM 1767 C CA   . SER A 1 148 ? 3.720   1.943   -11.826 1.00 88.38 ? 148 SER A CA   1 
ATOM 1768 C C    . SER A 1 148 ? 4.355   2.218   -13.180 1.00 88.38 ? 148 SER A C    1 
ATOM 1769 O O    . SER A 1 148 ? 4.174   3.290   -13.762 1.00 88.38 ? 148 SER A O    1 
ATOM 1770 C CB   . SER A 1 148 ? 2.410   1.168   -12.018 1.00 88.38 ? 148 SER A CB   1 
ATOM 1771 O OG   . SER A 1 148 ? 1.552   1.837   -12.928 1.00 88.38 ? 148 SER A OG   1 
ATOM 1772 H H    . SER A 1 148 ? 3.349   3.865   -11.662 1.00 88.38 ? 148 SER A H    1 
ATOM 1773 H HA   . SER A 1 148 ? 4.325   1.392   -11.308 1.00 88.38 ? 148 SER A HA   1 
ATOM 1774 H HB2  . SER A 1 148 ? 2.613   0.285   -12.364 1.00 88.38 ? 148 SER A HB2  1 
ATOM 1775 H HB3  . SER A 1 148 ? 1.959   1.092   -11.161 1.00 88.38 ? 148 SER A HB3  1 
ATOM 1776 H HG   . SER A 1 148 ? 0.856   1.384   -13.051 1.00 88.38 ? 148 SER A HG   1 
ATOM 1777 N N    . GLU A 1 149 ? 5.104   1.235   -13.674 1.00 88.59 ? 149 GLU A N    1 
ATOM 1778 C CA   . GLU A 1 149 ? 5.698   1.313   -15.005 1.00 88.59 ? 149 GLU A CA   1 
ATOM 1779 C C    . GLU A 1 149 ? 6.195   -0.070  -15.388 1.00 88.59 ? 149 GLU A C    1 
ATOM 1780 O O    . GLU A 1 149 ? 6.782   -0.770  -14.558 1.00 88.59 ? 149 GLU A O    1 
ATOM 1781 C CB   . GLU A 1 149 ? 6.834   2.341   -15.051 1.00 88.59 ? 149 GLU A CB   1 
ATOM 1782 C CG   . GLU A 1 149 ? 7.994   1.982   -15.971 1.00 88.59 ? 149 GLU A CG   1 
ATOM 1783 C CD   . GLU A 1 149 ? 9.071   3.045   -15.982 1.00 88.59 ? 149 GLU A CD   1 
ATOM 1784 O OE1  . GLU A 1 149 ? 9.816   3.136   -16.979 1.00 88.59 ? 149 GLU A OE1  1 
ATOM 1785 O OE2  . GLU A 1 149 ? 9.163   3.803   -14.996 1.00 88.59 ? 149 GLU A OE2  1 
ATOM 1786 H H    . GLU A 1 149 ? 5.285   0.508   -13.254 1.00 88.59 ? 149 GLU A H    1 
ATOM 1787 H HA   . GLU A 1 149 ? 5.020   1.581   -15.644 1.00 88.59 ? 149 GLU A HA   1 
ATOM 1788 H HB2  . GLU A 1 149 ? 6.471   3.181   -15.370 1.00 88.59 ? 149 GLU A HB2  1 
ATOM 1789 H HB3  . GLU A 1 149 ? 7.190   2.458   -14.157 1.00 88.59 ? 149 GLU A HB3  1 
ATOM 1790 H HG2  . GLU A 1 149 ? 8.408   1.158   -15.670 1.00 88.59 ? 149 GLU A HG2  1 
ATOM 1791 H HG3  . GLU A 1 149 ? 7.662   1.880   -16.878 1.00 88.59 ? 149 GLU A HG3  1 
ATOM 1792 N N    . GLU A 1 150 ? 5.952   -0.461  -16.635 1.00 87.63 ? 150 GLU A N    1 
ATOM 1793 C CA   . GLU A 1 150 ? 6.331   -1.785  -17.097 1.00 87.63 ? 150 GLU A CA   1 
ATOM 1794 C C    . GLU A 1 150 ? 7.680   -1.738  -17.811 1.00 87.63 ? 150 GLU A C    1 
ATOM 1795 O O    . GLU A 1 150 ? 8.208   -0.672  -18.137 1.00 87.63 ? 150 GLU A O    1 
ATOM 1796 C CB   . GLU A 1 150 ? 5.270   -2.383  -18.030 1.00 87.63 ? 150 GLU A CB   1 
ATOM 1797 C CG   . GLU A 1 150 ? 4.815   -1.507  -19.198 1.00 87.63 ? 150 GLU A CG   1 
ATOM 1798 C CD   . GLU A 1 150 ? 3.896   -0.374  -18.781 1.00 87.63 ? 150 GLU A CD   1 
ATOM 1799 O OE1  . GLU A 1 150 ? 4.022   0.105   -17.634 1.00 87.63 ? 150 GLU A OE1  1 
ATOM 1800 O OE2  . GLU A 1 150 ? 3.043   0.031   -19.597 1.00 87.63 ? 150 GLU A OE2  1 
ATOM 1801 H H    . GLU A 1 150 ? 5.595   0.038   -17.231 1.00 87.63 ? 150 GLU A H    1 
ATOM 1802 H HA   . GLU A 1 150 ? 6.417   -2.375  -16.333 1.00 87.63 ? 150 GLU A HA   1 
ATOM 1803 H HB2  . GLU A 1 150 ? 5.623   -3.203  -18.409 1.00 87.63 ? 150 GLU A HB2  1 
ATOM 1804 H HB3  . GLU A 1 150 ? 4.482   -2.586  -17.503 1.00 87.63 ? 150 GLU A HB3  1 
ATOM 1805 H HG2  . GLU A 1 150 ? 5.596   -1.117  -19.622 1.00 87.63 ? 150 GLU A HG2  1 
ATOM 1806 H HG3  . GLU A 1 150 ? 4.336   -2.058  -19.836 1.00 87.63 ? 150 GLU A HG3  1 
ATOM 1807 N N    . TYR A 1 151 ? 8.235   -2.924  -18.050 1.00 85.34 ? 151 TYR A N    1 
ATOM 1808 C CA   . TYR A 1 151 ? 9.531   -3.059  -18.696 1.00 85.34 ? 151 TYR A CA   1 
ATOM 1809 C C    . TYR A 1 151 ? 9.554   -4.366  -19.473 1.00 85.34 ? 151 TYR A C    1 
ATOM 1810 O O    . TYR A 1 151 ? 8.774   -5.282  -19.205 1.00 85.34 ? 151 TYR A O    1 
ATOM 1811 C CB   . TYR A 1 151 ? 10.673  -3.020  -17.674 1.00 85.34 ? 151 TYR A CB   1 
ATOM 1812 C CG   . TYR A 1 151 ? 10.669  -4.188  -16.713 1.00 85.34 ? 151 TYR A CG   1 
ATOM 1813 C CD1  . TYR A 1 151 ? 9.818   -4.205  -15.616 1.00 85.34 ? 151 TYR A CD1  1 
ATOM 1814 C CD2  . TYR A 1 151 ? 11.514  -5.272  -16.901 1.00 85.34 ? 151 TYR A CD2  1 
ATOM 1815 C CE1  . TYR A 1 151 ? 9.811   -5.268  -14.735 1.00 85.34 ? 151 TYR A CE1  1 
ATOM 1816 C CE2  . TYR A 1 151 ? 11.513  -6.339  -16.024 1.00 85.34 ? 151 TYR A CE2  1 
ATOM 1817 C CZ   . TYR A 1 151 ? 10.659  -6.332  -14.944 1.00 85.34 ? 151 TYR A CZ   1 
ATOM 1818 O OH   . TYR A 1 151 ? 10.657  -7.393  -14.070 1.00 85.34 ? 151 TYR A OH   1 
ATOM 1819 H H    . TYR A 1 151 ? 7.872   -3.676  -17.843 1.00 85.34 ? 151 TYR A H    1 
ATOM 1820 H HA   . TYR A 1 151 ? 9.658   -2.330  -19.322 1.00 85.34 ? 151 TYR A HA   1 
ATOM 1821 H HB2  . TYR A 1 151 ? 11.519  -3.029  -18.148 1.00 85.34 ? 151 TYR A HB2  1 
ATOM 1822 H HB3  . TYR A 1 151 ? 10.597  -2.206  -17.152 1.00 85.34 ? 151 TYR A HB3  1 
ATOM 1823 H HD1  . TYR A 1 151 ? 9.244   -3.488  -15.473 1.00 85.34 ? 151 TYR A HD1  1 
ATOM 1824 H HD2  . TYR A 1 151 ? 12.093  -5.280  -17.629 1.00 85.34 ? 151 TYR A HD2  1 
ATOM 1825 H HE1  . TYR A 1 151 ? 9.235   -5.265  -14.004 1.00 85.34 ? 151 TYR A HE1  1 
ATOM 1826 H HE2  . TYR A 1 151 ? 12.085  -7.059  -16.162 1.00 85.34 ? 151 TYR A HE2  1 
ATOM 1827 H HH   . TYR A 1 151 ? 11.192  -7.984  -14.336 1.00 85.34 ? 151 TYR A HH   1 
ATOM 1828 N N    . ASP A 1 152 ? 10.464  -4.442  -20.451 1.00 86.95 ? 152 ASP A N    1 
ATOM 1829 C CA   . ASP A 1 152 ? 10.577  -5.639  -21.285 1.00 86.95 ? 152 ASP A CA   1 
ATOM 1830 C C    . ASP A 1 152 ? 12.055  -5.773  -21.669 1.00 86.95 ? 152 ASP A C    1 
ATOM 1831 O O    . ASP A 1 152 ? 12.542  -5.171  -22.629 1.00 86.95 ? 152 ASP A O    1 
ATOM 1832 C CB   . ASP A 1 152 ? 9.668   -5.557  -22.513 1.00 86.95 ? 152 ASP A CB   1 
ATOM 1833 C CG   . ASP A 1 152 ? 10.107  -6.474  -23.650 1.00 86.95 ? 152 ASP A CG   1 
ATOM 1834 O OD1  . ASP A 1 152 ? 9.506   -6.376  -24.739 1.00 86.95 ? 152 ASP A OD1  1 
ATOM 1835 O OD2  . ASP A 1 152 ? 11.007  -7.319  -23.460 1.00 86.95 ? 152 ASP A OD2  1 
ATOM 1836 H H    . ASP A 1 152 ? 11.024  -3.819  -20.647 1.00 86.95 ? 152 ASP A H    1 
ATOM 1837 H HA   . ASP A 1 152 ? 10.320  -6.420  -20.771 1.00 86.95 ? 152 ASP A HA   1 
ATOM 1838 H HB2  . ASP A 1 152 ? 8.768   -5.811  -22.253 1.00 86.95 ? 152 ASP A HB2  1 
ATOM 1839 H HB3  . ASP A 1 152 ? 9.670   -4.646  -22.848 1.00 86.95 ? 152 ASP A HB3  1 
ATOM 1840 N N    . PHE A 1 153 ? 12.777  -6.583  -20.897 1.00 85.99 ? 153 PHE A N    1 
ATOM 1841 C CA   . PHE A 1 153 ? 14.145  -6.967  -21.220 1.00 85.99 ? 153 PHE A CA   1 
ATOM 1842 C C    . PHE A 1 153 ? 14.224  -8.349  -21.853 1.00 85.99 ? 153 PHE A C    1 
ATOM 1843 O O    . PHE A 1 153 ? 15.329  -8.856  -22.071 1.00 85.99 ? 153 PHE A O    1 
ATOM 1844 C CB   . PHE A 1 153 ? 15.020  -6.925  -19.963 1.00 85.99 ? 153 PHE A CB   1 
ATOM 1845 C CG   . PHE A 1 153 ? 15.052  -5.583  -19.284 1.00 85.99 ? 153 PHE A CG   1 
ATOM 1846 C CD1  . PHE A 1 153 ? 14.884  -4.414  -20.009 1.00 85.99 ? 153 PHE A CD1  1 
ATOM 1847 C CD2  . PHE A 1 153 ? 15.254  -5.494  -17.919 1.00 85.99 ? 153 PHE A CD2  1 
ATOM 1848 C CE1  . PHE A 1 153 ? 14.916  -3.184  -19.381 1.00 85.99 ? 153 PHE A CE1  1 
ATOM 1849 C CE2  . PHE A 1 153 ? 15.285  -4.267  -17.287 1.00 85.99 ? 153 PHE A CE2  1 
ATOM 1850 C CZ   . PHE A 1 153 ? 15.117  -3.111  -18.019 1.00 85.99 ? 153 PHE A CZ   1 
ATOM 1851 H H    . PHE A 1 153 ? 12.486  -6.930  -20.166 1.00 85.99 ? 153 PHE A H    1 
ATOM 1852 H HA   . PHE A 1 153 ? 14.511  -6.338  -21.860 1.00 85.99 ? 153 PHE A HA   1 
ATOM 1853 H HB2  . PHE A 1 153 ? 14.687  -7.574  -19.324 1.00 85.99 ? 153 PHE A HB2  1 
ATOM 1854 H HB3  . PHE A 1 153 ? 15.931  -7.150  -20.212 1.00 85.99 ? 153 PHE A HB3  1 
ATOM 1855 H HD1  . PHE A 1 153 ? 14.748  -4.458  -20.927 1.00 85.99 ? 153 PHE A HD1  1 
ATOM 1856 H HD2  . PHE A 1 153 ? 15.368  -6.270  -17.419 1.00 85.99 ? 153 PHE A HD2  1 
ATOM 1857 H HE1  . PHE A 1 153 ? 14.803  -2.405  -19.876 1.00 85.99 ? 153 PHE A HE1  1 
ATOM 1858 H HE2  . PHE A 1 153 ? 15.421  -4.220  -16.368 1.00 85.99 ? 153 PHE A HE2  1 
ATOM 1859 H HZ   . PHE A 1 153 ? 15.139  -2.284  -17.595 1.00 85.99 ? 153 PHE A HZ   1 
ATOM 1860 N N    . SER A 1 154 ? 13.086  -8.967  -22.149 1.00 91.44 ? 154 SER A N    1 
ATOM 1861 C CA   . SER A 1 154 ? 13.066  -10.297 -22.739 1.00 91.44 ? 154 SER A CA   1 
ATOM 1862 C C    . SER A 1 154 ? 13.753  -10.295 -24.100 1.00 91.44 ? 154 SER A C    1 
ATOM 1863 O O    . SER A 1 154 ? 13.869  -9.257  -24.750 1.00 91.44 ? 154 SER A O    1 
ATOM 1864 C CB   . SER A 1 154 ? 11.628  -10.797 -22.878 1.00 91.44 ? 154 SER A CB   1 
ATOM 1865 O OG   . SER A 1 154 ? 11.505  -11.693 -23.969 1.00 91.44 ? 154 SER A OG   1 
ATOM 1866 O OXT  . SER A 1 154 ? 14.207  -11.333 -24.579 1.00 91.44 ? 154 SER A OXT  1 
ATOM 1867 H H    . SER A 1 154 ? 12.304  -8.633  -22.018 1.00 91.44 ? 154 SER A H    1 
ATOM 1868 H HA   . SER A 1 154 ? 13.545  -10.909 -22.160 1.00 91.44 ? 154 SER A HA   1 
ATOM 1869 H HB2  . SER A 1 154 ? 11.372  -11.255 -22.062 1.00 91.44 ? 154 SER A HB2  1 
ATOM 1870 H HB3  . SER A 1 154 ? 11.044  -10.037 -23.028 1.00 91.44 ? 154 SER A HB3  1 
ATOM 1871 H HG   . SER A 1 154 ? 10.708  -11.952 -24.038 1.00 91.44 ? 154 SER A HG   1 
# 
